data_5LXK
#
_entry.id   5LXK
#
_entity_poly.entity_id   1
_entity_poly.type   'polypeptide(L)'
_entity_poly.pdbx_seq_one_letter_code
;ALTLSKDLTASMSVEEGAALTLSVTATGGTGPYTYAWTKDGSPIPDASGATYTKPTAAAEDAGSYKVTVTDSKQVSKDST
TCAVTVNPTVPGGLEHHHHHH
;
_entity_poly.pdbx_strand_id   A
#
# COMPACT_ATOMS: atom_id res chain seq x y z
N ALA A 1 -14.62 -4.94 0.57
CA ALA A 1 -14.23 -5.02 1.95
C ALA A 1 -13.47 -6.31 2.16
N LEU A 2 -13.57 -7.25 1.18
CA LEU A 2 -12.92 -8.55 1.17
C LEU A 2 -11.53 -8.47 0.54
N THR A 3 -10.51 -8.83 1.33
CA THR A 3 -9.11 -8.87 1.07
C THR A 3 -8.68 -10.28 0.74
N LEU A 4 -7.40 -10.48 0.32
CA LEU A 4 -6.82 -11.79 0.19
C LEU A 4 -6.49 -12.38 1.59
N SER A 5 -7.32 -13.24 2.21
CA SER A 5 -7.16 -13.69 3.63
C SER A 5 -7.15 -12.55 4.71
N LYS A 6 -6.00 -11.83 4.78
CA LYS A 6 -5.69 -10.58 5.45
C LYS A 6 -4.93 -9.75 4.42
N ASP A 7 -5.22 -8.43 4.40
CA ASP A 7 -4.63 -7.39 3.57
C ASP A 7 -3.33 -6.91 4.17
N LEU A 8 -2.62 -6.10 3.39
CA LEU A 8 -1.49 -5.39 3.91
C LEU A 8 -1.88 -4.22 4.86
N THR A 9 -3.01 -3.51 4.68
CA THR A 9 -3.51 -2.45 5.57
C THR A 9 -4.87 -2.17 4.96
N ALA A 10 -5.74 -1.33 5.58
CA ALA A 10 -6.98 -0.86 5.00
C ALA A 10 -7.03 0.67 4.88
N SER A 11 -6.76 1.45 5.97
CA SER A 11 -6.77 2.91 5.88
C SER A 11 -6.23 3.63 7.12
N MET A 12 -5.48 4.77 6.95
CA MET A 12 -5.14 5.67 8.04
C MET A 12 -5.42 7.13 7.61
N SER A 13 -6.34 7.87 8.32
CA SER A 13 -6.58 9.30 8.07
C SER A 13 -5.96 10.11 9.19
N VAL A 14 -4.93 10.90 8.82
CA VAL A 14 -4.13 11.70 9.71
C VAL A 14 -3.57 12.97 9.06
N GLU A 15 -2.92 13.84 9.90
CA GLU A 15 -1.91 14.84 9.54
C GLU A 15 -0.57 14.06 9.39
N GLU A 16 0.37 14.34 8.44
CA GLU A 16 1.52 13.47 8.06
C GLU A 16 2.34 12.79 9.19
N GLY A 17 2.34 11.44 9.02
CA GLY A 17 2.67 10.43 9.98
C GLY A 17 1.59 9.37 10.06
N ALA A 18 1.18 8.80 8.87
CA ALA A 18 0.26 7.66 8.76
C ALA A 18 0.97 6.32 8.97
N ALA A 19 0.19 5.25 9.26
CA ALA A 19 0.70 3.91 9.56
C ALA A 19 0.35 2.91 8.47
N LEU A 20 1.34 2.52 7.64
CA LEU A 20 1.20 1.69 6.45
C LEU A 20 1.97 0.38 6.44
N THR A 21 1.33 -0.77 6.12
CA THR A 21 2.04 -2.01 5.83
C THR A 21 1.72 -2.27 4.38
N LEU A 22 2.75 -2.69 3.62
CA LEU A 22 2.76 -3.15 2.24
C LEU A 22 3.14 -4.62 2.39
N SER A 23 2.26 -5.61 2.05
CA SER A 23 2.64 -7.00 2.29
C SER A 23 1.95 -8.00 1.37
N VAL A 24 2.79 -8.92 0.82
CA VAL A 24 2.59 -10.08 -0.05
C VAL A 24 3.70 -11.09 0.28
N THR A 25 3.71 -12.32 -0.30
CA THR A 25 4.75 -13.36 -0.18
C THR A 25 5.55 -13.35 -1.50
N ALA A 26 6.92 -13.55 -1.54
CA ALA A 26 7.68 -13.41 -2.79
C ALA A 26 8.82 -14.36 -3.20
N THR A 27 8.86 -14.54 -4.55
CA THR A 27 9.73 -15.31 -5.44
C THR A 27 9.59 -14.61 -6.80
N GLY A 28 10.38 -15.03 -7.85
CA GLY A 28 10.19 -14.64 -9.26
C GLY A 28 9.01 -15.25 -10.02
N GLY A 29 7.83 -15.33 -9.34
CA GLY A 29 6.55 -15.79 -9.84
C GLY A 29 6.32 -17.28 -9.75
N THR A 30 6.94 -17.99 -8.79
CA THR A 30 6.69 -19.42 -8.56
C THR A 30 6.11 -19.60 -7.17
N GLY A 31 4.80 -19.98 -6.93
CA GLY A 31 4.08 -20.12 -5.64
C GLY A 31 3.78 -18.75 -5.05
N PRO A 32 4.71 -18.16 -4.29
CA PRO A 32 4.82 -16.72 -4.01
C PRO A 32 5.00 -15.80 -5.27
N TYR A 33 4.86 -14.47 -5.08
CA TYR A 33 4.66 -13.50 -6.16
C TYR A 33 5.81 -12.56 -6.58
N THR A 34 5.88 -12.23 -7.92
CA THR A 34 6.80 -11.25 -8.56
C THR A 34 5.92 -10.05 -8.83
N TYR A 35 6.41 -8.79 -8.69
CA TYR A 35 5.52 -7.63 -8.54
C TYR A 35 5.82 -6.28 -9.18
N ALA A 36 4.72 -5.47 -9.18
CA ALA A 36 4.63 -4.07 -9.54
C ALA A 36 3.79 -3.44 -8.44
N TRP A 37 4.35 -2.45 -7.66
CA TRP A 37 3.63 -1.77 -6.59
C TRP A 37 3.32 -0.33 -6.98
N THR A 38 2.08 0.15 -6.70
CA THR A 38 1.73 1.56 -6.94
C THR A 38 0.76 1.97 -5.90
N LYS A 39 0.47 3.27 -5.81
CA LYS A 39 -0.53 3.71 -4.89
C LYS A 39 -1.20 4.85 -5.56
N ASP A 40 -2.46 4.73 -6.11
CA ASP A 40 -3.48 5.80 -6.01
C ASP A 40 -3.14 7.23 -6.03
N GLY A 41 -2.37 7.59 -7.12
CA GLY A 41 -1.76 8.87 -7.51
C GLY A 41 -0.37 9.22 -6.99
N SER A 42 0.19 8.37 -6.10
CA SER A 42 1.42 8.54 -5.32
C SER A 42 2.52 7.45 -5.44
N PRO A 43 3.83 7.78 -5.33
CA PRO A 43 4.97 6.82 -5.25
C PRO A 43 4.98 5.93 -3.97
N ILE A 44 5.42 4.67 -4.04
CA ILE A 44 5.47 3.77 -2.89
C ILE A 44 6.89 3.64 -2.33
N PRO A 45 7.14 3.21 -1.06
CA PRO A 45 8.46 3.14 -0.42
C PRO A 45 9.42 2.10 -1.00
N ASP A 46 10.22 2.46 -2.05
CA ASP A 46 11.25 1.63 -2.70
C ASP A 46 10.73 0.53 -3.61
N ALA A 47 9.90 -0.39 -3.04
CA ALA A 47 9.19 -1.51 -3.62
C ALA A 47 10.00 -2.70 -3.97
N SER A 48 9.28 -3.75 -4.40
CA SER A 48 9.85 -4.96 -4.97
C SER A 48 10.47 -5.91 -3.94
N GLY A 49 9.63 -6.59 -3.13
CA GLY A 49 10.16 -7.38 -2.04
C GLY A 49 9.32 -8.49 -1.53
N ALA A 50 8.19 -8.12 -0.91
CA ALA A 50 7.24 -9.01 -0.25
C ALA A 50 6.61 -8.22 0.86
N THR A 51 7.33 -7.89 1.96
CA THR A 51 6.76 -7.21 3.13
C THR A 51 7.62 -6.05 3.68
N TYR A 52 7.09 -4.79 3.46
CA TYR A 52 7.63 -3.49 3.85
C TYR A 52 6.61 -2.64 4.64
N THR A 53 7.02 -1.85 5.68
CA THR A 53 6.11 -1.02 6.49
C THR A 53 6.61 0.40 6.56
N LYS A 54 5.67 1.40 6.47
CA LYS A 54 5.86 2.84 6.60
C LYS A 54 5.18 3.26 7.92
N PRO A 55 5.93 3.47 9.03
CA PRO A 55 5.40 3.85 10.35
C PRO A 55 5.02 5.32 10.48
N THR A 56 5.50 6.18 9.56
CA THR A 56 5.21 7.58 9.54
C THR A 56 5.42 7.94 8.09
N ALA A 57 4.30 8.10 7.37
CA ALA A 57 4.21 8.53 5.99
C ALA A 57 4.12 10.05 5.88
N ALA A 58 4.92 10.65 4.97
CA ALA A 58 5.02 12.08 4.63
C ALA A 58 4.12 12.43 3.44
N ALA A 59 4.05 13.69 2.94
CA ALA A 59 3.13 14.15 1.87
C ALA A 59 3.02 13.32 0.58
N GLU A 60 4.17 12.95 -0.06
CA GLU A 60 4.26 12.06 -1.22
C GLU A 60 3.91 10.57 -0.93
N ASP A 61 3.78 10.25 0.38
CA ASP A 61 3.22 9.04 0.99
C ASP A 61 1.65 9.05 1.01
N ALA A 62 0.95 10.24 0.87
CA ALA A 62 -0.52 10.27 0.63
C ALA A 62 -1.10 9.71 -0.73
N GLY A 63 -2.10 8.76 -0.64
CA GLY A 63 -2.91 8.21 -1.76
C GLY A 63 -3.50 6.94 -1.35
N SER A 64 -3.85 6.13 -2.37
CA SER A 64 -4.34 4.77 -1.96
C SER A 64 -3.42 3.74 -2.57
N TYR A 65 -2.87 2.73 -1.84
CA TYR A 65 -1.82 1.76 -2.20
C TYR A 65 -2.42 0.46 -2.68
N LYS A 66 -1.86 -0.09 -3.81
CA LYS A 66 -2.37 -1.26 -4.51
C LYS A 66 -1.19 -2.00 -5.10
N VAL A 67 -1.38 -3.32 -5.29
CA VAL A 67 -0.24 -4.11 -5.83
C VAL A 67 -0.65 -5.23 -6.80
N THR A 68 0.10 -5.31 -7.97
CA THR A 68 -0.03 -6.25 -9.10
C THR A 68 1.06 -7.28 -8.92
N VAL A 69 0.64 -8.53 -8.56
CA VAL A 69 1.50 -9.60 -8.11
C VAL A 69 1.27 -10.86 -8.91
N THR A 70 2.29 -11.38 -9.63
CA THR A 70 2.18 -12.56 -10.50
C THR A 70 2.79 -13.82 -9.89
N ASP A 71 2.06 -14.99 -9.88
CA ASP A 71 2.58 -16.29 -9.41
C ASP A 71 2.44 -17.36 -10.46
N SER A 72 2.83 -18.62 -10.07
CA SER A 72 3.09 -19.91 -10.72
C SER A 72 2.10 -20.48 -11.68
N LYS A 73 0.99 -19.75 -11.98
CA LYS A 73 0.21 -20.12 -13.18
C LYS A 73 0.53 -19.11 -14.29
N GLN A 74 1.49 -18.18 -13.97
CA GLN A 74 1.98 -16.98 -14.65
C GLN A 74 0.90 -15.91 -14.72
N VAL A 75 0.19 -15.84 -13.57
CA VAL A 75 -1.03 -15.07 -13.37
C VAL A 75 -0.84 -13.95 -12.41
N SER A 76 -1.25 -12.73 -12.81
CA SER A 76 -1.12 -11.47 -12.09
C SER A 76 -2.39 -11.28 -11.25
N LYS A 77 -2.24 -11.10 -9.93
CA LYS A 77 -3.26 -11.01 -8.91
C LYS A 77 -3.16 -9.62 -8.36
N ASP A 78 -4.25 -9.10 -7.75
CA ASP A 78 -4.23 -7.76 -7.17
C ASP A 78 -4.56 -7.86 -5.70
N SER A 79 -3.69 -7.16 -4.96
CA SER A 79 -3.69 -6.99 -3.53
C SER A 79 -4.11 -5.56 -3.26
N THR A 80 -4.80 -5.46 -2.10
CA THR A 80 -5.72 -4.48 -1.55
C THR A 80 -5.32 -3.06 -1.49
N THR A 81 -6.38 -2.19 -1.64
CA THR A 81 -6.36 -0.77 -1.50
C THR A 81 -6.21 -0.40 -0.02
N CYS A 82 -5.02 0.16 0.30
CA CYS A 82 -4.65 0.66 1.62
C CYS A 82 -4.72 2.17 1.42
N ALA A 83 -5.70 2.87 2.02
CA ALA A 83 -5.87 4.31 1.81
C ALA A 83 -5.27 5.15 2.94
N VAL A 84 -4.19 5.91 2.61
CA VAL A 84 -3.55 6.76 3.61
C VAL A 84 -3.62 8.18 3.16
N THR A 85 -4.12 8.99 4.12
CA THR A 85 -4.24 10.42 3.90
C THR A 85 -3.43 10.99 5.01
N VAL A 86 -2.42 11.79 4.61
CA VAL A 86 -1.51 12.47 5.48
C VAL A 86 -1.63 13.93 5.07
N ASN A 87 -2.34 14.73 5.92
CA ASN A 87 -2.59 16.16 5.68
C ASN A 87 -1.42 17.03 6.20
N PRO A 88 -1.24 18.28 5.70
CA PRO A 88 -0.59 19.40 6.39
C PRO A 88 -1.48 19.85 7.57
N THR A 89 -1.01 20.67 8.56
CA THR A 89 -1.76 21.03 9.79
C THR A 89 -2.97 21.89 9.41
N VAL A 90 -4.16 21.41 9.90
CA VAL A 90 -5.28 21.13 9.00
C VAL A 90 -5.99 22.25 8.20
N PRO A 91 -6.07 22.09 6.83
CA PRO A 91 -6.88 22.88 5.91
C PRO A 91 -8.40 22.72 6.20
N GLY A 92 -9.17 23.84 6.10
CA GLY A 92 -10.57 24.04 6.52
C GLY A 92 -11.69 23.09 6.10
N GLY A 93 -11.56 21.80 6.50
CA GLY A 93 -12.49 20.71 6.17
C GLY A 93 -13.00 19.98 7.38
N LEU A 94 -12.12 19.71 8.39
CA LEU A 94 -12.43 18.97 9.61
C LEU A 94 -13.00 19.83 10.74
N GLU A 95 -12.19 20.77 11.23
CA GLU A 95 -12.46 21.59 12.40
C GLU A 95 -12.20 23.07 12.16
N HIS A 96 -12.03 23.50 10.89
CA HIS A 96 -11.68 24.88 10.58
C HIS A 96 -12.50 25.40 9.41
N ALA A 1 -13.28 -4.32 -1.25
CA ALA A 1 -14.36 -4.84 -0.47
C ALA A 1 -13.93 -6.14 0.17
N LEU A 2 -13.42 -7.09 -0.66
CA LEU A 2 -12.93 -8.39 -0.23
C LEU A 2 -11.42 -8.37 -0.31
N THR A 3 -10.77 -8.86 0.77
CA THR A 3 -9.38 -8.99 0.91
C THR A 3 -9.05 -10.45 0.77
N LEU A 4 -7.76 -10.84 0.66
CA LEU A 4 -7.41 -12.26 0.61
C LEU A 4 -7.21 -12.74 2.04
N SER A 5 -8.24 -13.38 2.66
CA SER A 5 -8.29 -13.70 4.12
C SER A 5 -8.27 -12.41 4.98
N LYS A 6 -7.05 -11.84 5.15
CA LYS A 6 -6.70 -10.50 5.57
C LYS A 6 -5.61 -10.00 4.61
N ASP A 7 -5.68 -8.69 4.23
CA ASP A 7 -4.80 -7.85 3.41
C ASP A 7 -3.67 -7.33 4.29
N LEU A 8 -2.72 -6.64 3.62
CA LEU A 8 -1.59 -6.00 4.26
C LEU A 8 -2.03 -4.77 5.12
N THR A 9 -3.04 -3.95 4.75
CA THR A 9 -3.59 -2.90 5.62
C THR A 9 -4.96 -2.59 5.00
N ALA A 10 -5.79 -1.76 5.68
CA ALA A 10 -7.07 -1.27 5.23
C ALA A 10 -7.24 0.24 5.40
N SER A 11 -6.84 0.88 6.54
CA SER A 11 -7.07 2.31 6.71
C SER A 11 -6.44 3.03 7.92
N MET A 12 -5.68 4.17 7.76
CA MET A 12 -5.39 5.07 8.87
C MET A 12 -5.42 6.54 8.38
N SER A 13 -6.35 7.41 8.86
CA SER A 13 -6.39 8.83 8.49
C SER A 13 -6.05 9.70 9.68
N VAL A 14 -4.92 10.44 9.55
CA VAL A 14 -4.29 11.20 10.61
C VAL A 14 -3.57 12.43 10.03
N GLU A 15 -3.05 13.37 10.88
CA GLU A 15 -2.06 14.42 10.51
C GLU A 15 -0.69 13.72 10.58
N GLU A 16 0.20 13.81 9.54
CA GLU A 16 1.24 12.80 9.18
C GLU A 16 2.07 12.10 10.27
N GLY A 17 1.92 10.75 10.18
CA GLY A 17 2.29 9.76 11.17
C GLY A 17 1.31 8.60 11.16
N ALA A 18 0.93 8.07 9.95
CA ALA A 18 0.05 6.90 9.78
C ALA A 18 0.79 5.57 9.84
N ALA A 19 0.02 4.46 9.98
CA ALA A 19 0.53 3.10 10.13
C ALA A 19 0.19 2.27 8.91
N LEU A 20 1.19 2.00 8.04
CA LEU A 20 1.07 1.29 6.77
C LEU A 20 1.89 0.01 6.69
N THR A 21 1.29 -1.20 6.49
CA THR A 21 1.98 -2.46 6.24
C THR A 21 1.71 -2.75 4.80
N LEU A 22 2.76 -2.99 3.97
CA LEU A 22 2.65 -3.41 2.59
C LEU A 22 3.45 -4.70 2.59
N SER A 23 2.84 -5.88 2.35
CA SER A 23 3.55 -7.16 2.47
C SER A 23 2.98 -8.20 1.53
N VAL A 24 3.84 -8.91 0.80
CA VAL A 24 3.60 -9.98 -0.17
C VAL A 24 4.83 -10.89 -0.07
N THR A 25 4.88 -12.03 -0.78
CA THR A 25 6.01 -12.99 -0.88
C THR A 25 6.64 -12.74 -2.27
N ALA A 26 8.01 -12.74 -2.48
CA ALA A 26 8.61 -12.36 -3.78
C ALA A 26 9.84 -13.08 -4.36
N THR A 27 9.69 -13.33 -5.69
CA THR A 27 10.56 -13.92 -6.70
C THR A 27 9.98 -13.31 -7.98
N GLY A 28 10.58 -13.53 -9.19
CA GLY A 28 10.05 -13.08 -10.50
C GLY A 28 8.87 -13.84 -11.10
N GLY A 29 7.89 -14.23 -10.25
CA GLY A 29 6.64 -14.93 -10.59
C GLY A 29 6.75 -16.43 -10.58
N THR A 30 7.70 -16.98 -9.81
CA THR A 30 7.92 -18.43 -9.63
C THR A 30 7.67 -18.76 -8.17
N GLY A 31 6.59 -19.50 -7.70
CA GLY A 31 6.13 -19.75 -6.31
C GLY A 31 5.59 -18.45 -5.67
N PRO A 32 6.45 -17.63 -5.07
CA PRO A 32 6.26 -16.21 -4.74
C PRO A 32 5.97 -15.23 -5.94
N TYR A 33 5.56 -13.98 -5.62
CA TYR A 33 5.02 -13.00 -6.56
C TYR A 33 5.93 -11.89 -7.15
N THR A 34 5.70 -11.50 -8.45
CA THR A 34 6.32 -10.36 -9.18
C THR A 34 5.23 -9.29 -9.19
N TYR A 35 5.51 -7.96 -9.38
CA TYR A 35 4.50 -6.95 -9.05
C TYR A 35 4.55 -5.57 -9.71
N ALA A 36 3.39 -4.88 -9.51
CA ALA A 36 3.11 -3.49 -9.79
C ALA A 36 2.35 -2.96 -8.56
N TRP A 37 2.97 -2.04 -7.77
CA TRP A 37 2.38 -1.41 -6.60
C TRP A 37 2.18 0.06 -6.92
N THR A 38 1.08 0.71 -6.45
CA THR A 38 0.98 2.19 -6.46
C THR A 38 -0.04 2.56 -5.44
N LYS A 39 -0.08 3.84 -4.96
CA LYS A 39 -1.12 4.17 -4.03
C LYS A 39 -1.88 5.44 -4.29
N ASP A 40 -3.13 5.30 -4.84
CA ASP A 40 -4.27 6.21 -4.74
C ASP A 40 -4.05 7.65 -4.75
N GLY A 41 -3.34 8.09 -5.83
CA GLY A 41 -2.85 9.42 -6.22
C GLY A 41 -1.38 9.69 -5.95
N SER A 42 -0.75 8.84 -5.13
CA SER A 42 0.56 8.96 -4.51
C SER A 42 1.58 7.80 -4.77
N PRO A 43 2.93 8.05 -4.80
CA PRO A 43 4.03 7.03 -4.87
C PRO A 43 4.10 6.03 -3.71
N ILE A 44 4.68 4.83 -3.88
CA ILE A 44 4.87 3.88 -2.78
C ILE A 44 6.35 3.87 -2.34
N PRO A 45 6.69 3.64 -1.04
CA PRO A 45 8.00 3.90 -0.43
C PRO A 45 9.26 3.21 -0.97
N ASP A 46 9.48 1.91 -0.68
CA ASP A 46 10.70 1.20 -1.03
C ASP A 46 10.31 -0.20 -1.45
N ALA A 47 9.56 -0.30 -2.56
CA ALA A 47 9.03 -1.51 -3.15
C ALA A 47 9.96 -2.22 -4.13
N SER A 48 9.39 -3.26 -4.77
CA SER A 48 9.94 -4.14 -5.78
C SER A 48 10.34 -5.49 -5.20
N GLY A 49 9.90 -5.81 -3.96
CA GLY A 49 10.04 -7.21 -3.57
C GLY A 49 9.75 -7.55 -2.17
N ALA A 50 8.49 -8.02 -2.02
CA ALA A 50 7.93 -8.64 -0.84
C ALA A 50 7.38 -7.73 0.24
N THR A 51 8.17 -7.19 1.21
CA THR A 51 7.58 -6.51 2.38
C THR A 51 8.28 -5.22 2.81
N TYR A 52 7.50 -4.10 2.81
CA TYR A 52 7.85 -2.76 3.29
C TYR A 52 6.79 -2.24 4.26
N THR A 53 7.18 -1.56 5.37
CA THR A 53 6.22 -0.95 6.30
C THR A 53 6.61 0.49 6.57
N LYS A 54 5.57 1.38 6.64
CA LYS A 54 5.66 2.81 6.94
C LYS A 54 4.99 3.03 8.32
N PRO A 55 5.74 3.12 9.45
CA PRO A 55 5.24 3.30 10.83
C PRO A 55 4.81 4.74 11.14
N THR A 56 5.23 5.70 10.31
CA THR A 56 4.89 7.09 10.40
C THR A 56 5.21 7.59 9.02
N ALA A 57 4.13 7.81 8.25
CA ALA A 57 4.08 8.26 6.88
C ALA A 57 3.99 9.79 6.74
N ALA A 58 4.81 10.41 5.83
CA ALA A 58 4.85 11.82 5.45
C ALA A 58 3.88 12.12 4.30
N ALA A 59 3.69 13.38 3.83
CA ALA A 59 2.68 13.80 2.84
C ALA A 59 2.51 12.99 1.55
N GLU A 60 3.62 12.68 0.82
CA GLU A 60 3.69 11.81 -0.36
C GLU A 60 3.39 10.32 -0.10
N ASP A 61 3.36 9.96 1.22
CA ASP A 61 2.91 8.71 1.83
C ASP A 61 1.36 8.66 1.99
N ALA A 62 0.60 9.81 1.94
CA ALA A 62 -0.88 9.78 1.80
C ALA A 62 -1.51 9.35 0.44
N GLY A 63 -2.54 8.46 0.45
CA GLY A 63 -3.40 8.08 -0.68
C GLY A 63 -4.08 6.84 -0.32
N SER A 64 -4.51 6.09 -1.36
CA SER A 64 -5.00 4.73 -0.98
C SER A 64 -4.04 3.73 -1.59
N TYR A 65 -3.56 2.66 -0.89
CA TYR A 65 -2.51 1.75 -1.39
C TYR A 65 -3.06 0.51 -2.00
N LYS A 66 -2.50 0.15 -3.21
CA LYS A 66 -3.01 -0.95 -4.01
C LYS A 66 -1.86 -1.69 -4.62
N VAL A 67 -2.05 -3.04 -4.75
CA VAL A 67 -1.00 -3.83 -5.43
C VAL A 67 -1.54 -4.99 -6.26
N THR A 68 -0.94 -5.14 -7.49
CA THR A 68 -1.12 -6.20 -8.49
C THR A 68 0.11 -7.09 -8.42
N VAL A 69 -0.06 -8.40 -8.08
CA VAL A 69 0.97 -9.39 -7.82
C VAL A 69 0.79 -10.68 -8.62
N THR A 70 1.78 -11.19 -9.41
CA THR A 70 1.65 -12.40 -10.27
C THR A 70 2.57 -13.53 -9.88
N ASP A 71 2.08 -14.82 -9.79
CA ASP A 71 2.93 -16.01 -9.53
C ASP A 71 2.75 -17.10 -10.55
N SER A 72 3.48 -18.24 -10.32
CA SER A 72 3.80 -19.46 -11.04
C SER A 72 2.72 -20.28 -11.68
N LYS A 73 1.45 -19.80 -11.64
CA LYS A 73 0.45 -20.38 -12.56
C LYS A 73 0.30 -19.39 -13.74
N GLN A 74 1.15 -18.31 -13.71
CA GLN A 74 1.29 -17.11 -14.55
C GLN A 74 0.07 -16.22 -14.40
N VAL A 75 -0.36 -16.18 -13.12
CA VAL A 75 -1.60 -15.60 -12.66
C VAL A 75 -1.36 -14.40 -11.82
N SER A 76 -2.02 -13.27 -12.16
CA SER A 76 -1.96 -12.00 -11.48
C SER A 76 -3.08 -11.96 -10.45
N LYS A 77 -2.77 -11.64 -9.18
CA LYS A 77 -3.66 -11.52 -8.04
C LYS A 77 -3.56 -10.07 -7.63
N ASP A 78 -4.58 -9.51 -6.95
CA ASP A 78 -4.60 -8.11 -6.56
C ASP A 78 -4.96 -8.00 -5.10
N SER A 79 -4.38 -6.99 -4.41
CA SER A 79 -4.65 -6.72 -3.02
C SER A 79 -5.01 -5.28 -2.78
N THR A 80 -5.98 -5.20 -1.81
CA THR A 80 -6.92 -4.19 -1.34
C THR A 80 -6.36 -2.87 -0.94
N THR A 81 -7.20 -1.83 -1.20
CA THR A 81 -6.99 -0.41 -1.06
C THR A 81 -6.86 -0.05 0.41
N CYS A 82 -5.62 0.33 0.80
CA CYS A 82 -5.29 0.67 2.18
C CYS A 82 -5.39 2.19 2.19
N ALA A 83 -6.40 2.80 2.84
CA ALA A 83 -6.63 4.24 2.75
C ALA A 83 -5.96 4.97 3.90
N VAL A 84 -4.85 5.66 3.56
CA VAL A 84 -4.02 6.30 4.56
C VAL A 84 -3.95 7.77 4.25
N THR A 85 -4.27 8.62 5.25
CA THR A 85 -4.22 10.06 5.02
C THR A 85 -3.16 10.52 5.95
N VAL A 86 -2.11 11.18 5.42
CA VAL A 86 -1.08 11.81 6.18
C VAL A 86 -0.89 13.15 5.49
N ASN A 87 -1.44 14.23 6.09
CA ASN A 87 -1.29 15.61 5.62
C ASN A 87 -0.33 16.33 6.57
N PRO A 88 0.37 17.42 6.15
CA PRO A 88 1.00 18.46 6.98
C PRO A 88 -0.07 19.29 7.73
N THR A 89 0.25 20.12 8.78
CA THR A 89 -0.71 20.91 9.58
C THR A 89 -1.29 22.01 8.67
N VAL A 90 -2.65 22.03 8.64
CA VAL A 90 -3.37 21.86 7.36
C VAL A 90 -3.34 22.89 6.20
N PRO A 91 -2.75 22.49 5.00
CA PRO A 91 -2.88 23.22 3.73
C PRO A 91 -4.34 23.23 3.23
N GLY A 92 -4.92 24.44 3.00
CA GLY A 92 -6.33 24.64 2.65
C GLY A 92 -7.22 24.71 3.86
N GLY A 93 -7.67 23.53 4.36
CA GLY A 93 -8.56 23.45 5.52
C GLY A 93 -9.09 22.07 5.65
N LEU A 94 -9.88 21.80 6.71
CA LEU A 94 -10.54 20.52 6.99
C LEU A 94 -11.93 20.50 6.41
N GLU A 95 -12.02 20.65 5.06
CA GLU A 95 -13.24 20.73 4.25
C GLU A 95 -14.04 19.44 4.10
N HIS A 96 -14.57 18.94 5.25
CA HIS A 96 -15.38 17.73 5.38
C HIS A 96 -16.79 18.13 5.78
N ALA A 1 -13.00 -8.57 -4.14
CA ALA A 1 -12.85 -7.54 -3.15
C ALA A 1 -12.26 -8.13 -1.88
N LEU A 2 -11.79 -9.40 -1.96
CA LEU A 2 -11.18 -10.19 -0.90
C LEU A 2 -9.66 -10.15 -0.99
N THR A 3 -8.98 -10.16 0.19
CA THR A 3 -7.56 -10.09 0.43
C THR A 3 -6.95 -11.48 0.58
N LEU A 4 -5.59 -11.55 0.67
CA LEU A 4 -4.91 -12.79 1.01
C LEU A 4 -4.94 -13.01 2.52
N SER A 5 -5.87 -13.85 3.09
CA SER A 5 -6.09 -13.97 4.56
C SER A 5 -6.48 -12.64 5.28
N LYS A 6 -5.46 -11.78 5.49
CA LYS A 6 -5.47 -10.38 5.90
C LYS A 6 -4.52 -9.64 4.96
N ASP A 7 -4.91 -8.42 4.57
CA ASP A 7 -4.27 -7.46 3.68
C ASP A 7 -3.25 -6.64 4.45
N LEU A 8 -2.49 -5.86 3.66
CA LEU A 8 -1.42 -5.03 4.09
C LEU A 8 -1.85 -3.77 4.93
N THR A 9 -3.07 -3.22 4.75
CA THR A 9 -3.66 -2.14 5.56
C THR A 9 -5.07 -2.14 4.99
N ALA A 10 -6.01 -1.28 5.44
CA ALA A 10 -7.29 -1.10 4.77
C ALA A 10 -7.53 0.39 4.56
N SER A 11 -7.34 1.21 5.62
CA SER A 11 -7.43 2.67 5.50
C SER A 11 -7.00 3.40 6.77
N MET A 12 -6.17 4.48 6.64
CA MET A 12 -6.01 5.45 7.73
C MET A 12 -6.09 6.83 7.10
N SER A 13 -7.11 7.65 7.48
CA SER A 13 -7.22 9.04 7.01
C SER A 13 -6.91 9.93 8.20
N VAL A 14 -5.80 10.68 8.04
CA VAL A 14 -5.09 11.38 9.10
C VAL A 14 -4.40 12.64 8.58
N GLU A 15 -3.80 13.44 9.50
CA GLU A 15 -2.77 14.47 9.25
C GLU A 15 -1.42 13.70 9.09
N GLU A 16 -0.53 13.95 8.08
CA GLU A 16 0.60 13.04 7.68
C GLU A 16 1.44 12.38 8.79
N GLY A 17 1.43 11.05 8.70
CA GLY A 17 1.83 10.07 9.66
C GLY A 17 0.78 9.00 9.71
N ALA A 18 0.46 8.45 8.50
CA ALA A 18 -0.49 7.37 8.27
C ALA A 18 0.26 6.05 8.29
N ALA A 19 -0.44 4.95 8.64
CA ALA A 19 0.20 3.68 9.00
C ALA A 19 0.00 2.57 7.99
N LEU A 20 1.12 2.20 7.30
CA LEU A 20 1.18 1.20 6.27
C LEU A 20 2.09 0.05 6.50
N THR A 21 1.64 -1.10 6.03
CA THR A 21 2.36 -2.35 5.85
C THR A 21 2.04 -2.62 4.40
N LEU A 22 3.02 -3.08 3.60
CA LEU A 22 2.88 -3.49 2.23
C LEU A 22 3.39 -4.93 2.31
N SER A 23 2.52 -5.96 2.08
CA SER A 23 2.95 -7.34 2.29
C SER A 23 2.24 -8.32 1.38
N VAL A 24 3.05 -9.22 0.76
CA VAL A 24 2.77 -10.35 -0.11
C VAL A 24 3.91 -11.34 0.17
N THR A 25 3.92 -12.59 -0.39
CA THR A 25 4.98 -13.61 -0.21
C THR A 25 5.80 -13.60 -1.52
N ALA A 26 7.16 -13.74 -1.49
CA ALA A 26 7.98 -13.57 -2.71
C ALA A 26 9.08 -14.54 -3.09
N THR A 27 9.13 -14.76 -4.43
CA THR A 27 10.04 -15.56 -5.24
C THR A 27 9.88 -14.93 -6.63
N GLY A 28 10.66 -15.29 -7.69
CA GLY A 28 10.54 -14.77 -9.07
C GLY A 28 9.40 -15.31 -9.92
N GLY A 29 8.20 -15.43 -9.29
CA GLY A 29 6.94 -15.93 -9.82
C GLY A 29 6.82 -17.43 -9.83
N THR A 30 7.62 -18.12 -8.98
CA THR A 30 7.63 -19.58 -8.81
C THR A 30 7.23 -19.89 -7.39
N GLY A 31 6.03 -20.50 -7.09
CA GLY A 31 5.41 -20.66 -5.75
C GLY A 31 4.79 -19.33 -5.28
N PRO A 32 5.48 -18.53 -4.44
CA PRO A 32 5.25 -17.10 -4.22
C PRO A 32 5.49 -16.15 -5.42
N TYR A 33 5.06 -14.88 -5.26
CA TYR A 33 4.93 -13.84 -6.27
C TYR A 33 6.09 -12.85 -6.56
N THR A 34 6.22 -12.39 -7.84
CA THR A 34 7.11 -11.34 -8.37
C THR A 34 6.21 -10.13 -8.56
N TYR A 35 6.64 -8.87 -8.28
CA TYR A 35 5.73 -7.71 -8.16
C TYR A 35 5.96 -6.48 -9.01
N ALA A 36 4.82 -5.74 -9.09
CA ALA A 36 4.67 -4.38 -9.55
C ALA A 36 3.85 -3.77 -8.42
N TRP A 37 4.41 -2.75 -7.71
CA TRP A 37 3.78 -2.08 -6.59
C TRP A 37 3.35 -0.68 -7.02
N THR A 38 2.11 -0.22 -6.69
CA THR A 38 1.68 1.16 -7.01
C THR A 38 0.71 1.61 -5.98
N LYS A 39 0.36 2.89 -5.98
CA LYS A 39 -0.64 3.33 -5.07
C LYS A 39 -1.39 4.45 -5.69
N ASP A 40 -2.69 4.24 -6.16
CA ASP A 40 -3.72 5.30 -6.11
C ASP A 40 -3.42 6.73 -6.30
N GLY A 41 -2.74 7.01 -7.48
CA GLY A 41 -2.15 8.24 -8.02
C GLY A 41 -0.78 8.68 -7.53
N SER A 42 -0.18 7.92 -6.60
CA SER A 42 0.98 8.20 -5.78
C SER A 42 2.20 7.21 -5.82
N PRO A 43 3.51 7.58 -5.67
CA PRO A 43 4.66 6.64 -5.50
C PRO A 43 4.71 5.79 -4.20
N ILE A 44 5.08 4.50 -4.24
CA ILE A 44 5.22 3.62 -3.08
C ILE A 44 6.63 3.64 -2.43
N PRO A 45 6.85 3.17 -1.17
CA PRO A 45 8.13 3.19 -0.47
C PRO A 45 9.22 2.27 -1.03
N ASP A 46 10.09 2.82 -1.93
CA ASP A 46 11.19 2.14 -2.61
C ASP A 46 10.70 1.38 -3.84
N ALA A 47 9.98 0.24 -3.59
CA ALA A 47 9.33 -0.63 -4.52
C ALA A 47 10.16 -1.81 -4.87
N SER A 48 9.44 -2.93 -5.00
CA SER A 48 10.00 -4.23 -5.36
C SER A 48 10.57 -4.96 -4.15
N GLY A 49 9.72 -5.10 -3.11
CA GLY A 49 10.17 -5.55 -1.80
C GLY A 49 9.61 -6.84 -1.32
N ALA A 50 8.26 -6.87 -1.29
CA ALA A 50 7.42 -8.01 -0.88
C ALA A 50 6.83 -7.87 0.50
N THR A 51 7.63 -7.51 1.54
CA THR A 51 7.10 -7.25 2.88
C THR A 51 7.90 -6.13 3.55
N TYR A 52 7.36 -4.90 3.35
CA TYR A 52 7.85 -3.61 3.77
C TYR A 52 6.80 -2.83 4.54
N THR A 53 7.17 -2.08 5.61
CA THR A 53 6.23 -1.31 6.42
C THR A 53 6.68 0.13 6.46
N LYS A 54 5.70 1.07 6.37
CA LYS A 54 5.83 2.52 6.44
C LYS A 54 4.99 3.01 7.61
N PRO A 55 5.48 3.11 8.88
CA PRO A 55 4.68 3.47 10.07
C PRO A 55 4.15 4.90 10.10
N THR A 56 4.90 5.87 9.53
CA THR A 56 4.52 7.28 9.45
C THR A 56 4.70 7.69 8.01
N ALA A 57 3.59 7.73 7.26
CA ALA A 57 3.54 8.15 5.87
C ALA A 57 3.28 9.64 5.69
N ALA A 58 4.27 10.34 5.06
CA ALA A 58 4.25 11.75 4.64
C ALA A 58 3.63 11.85 3.24
N ALA A 59 3.48 13.06 2.58
CA ALA A 59 2.80 13.27 1.28
C ALA A 59 3.16 12.32 0.11
N GLU A 60 4.48 12.15 -0.18
CA GLU A 60 5.09 11.20 -1.14
C GLU A 60 4.98 9.72 -0.75
N ASP A 61 4.34 9.47 0.40
CA ASP A 61 3.98 8.21 1.03
C ASP A 61 2.45 8.06 1.15
N ALA A 62 1.55 9.09 0.92
CA ALA A 62 0.07 8.87 0.91
C ALA A 62 -0.67 8.70 -0.47
N GLY A 63 -1.89 8.04 -0.49
CA GLY A 63 -2.74 7.67 -1.67
C GLY A 63 -3.56 6.48 -1.39
N SER A 64 -4.02 5.77 -2.47
CA SER A 64 -4.59 4.42 -2.10
C SER A 64 -3.55 3.39 -2.54
N TYR A 65 -3.11 2.39 -1.73
CA TYR A 65 -2.01 1.45 -2.03
C TYR A 65 -2.48 0.12 -2.59
N LYS A 66 -1.82 -0.40 -3.66
CA LYS A 66 -2.25 -1.62 -4.36
C LYS A 66 -1.06 -2.36 -4.90
N VAL A 67 -1.23 -3.71 -5.03
CA VAL A 67 -0.13 -4.52 -5.60
C VAL A 67 -0.58 -5.55 -6.62
N THR A 68 0.20 -5.67 -7.75
CA THR A 68 0.07 -6.60 -8.87
C THR A 68 1.19 -7.61 -8.67
N VAL A 69 0.81 -8.88 -8.44
CA VAL A 69 1.70 -9.91 -7.98
C VAL A 69 1.55 -11.13 -8.86
N THR A 70 2.63 -11.58 -9.55
CA THR A 70 2.58 -12.74 -10.47
C THR A 70 3.19 -13.98 -9.88
N ASP A 71 2.48 -15.15 -9.91
CA ASP A 71 3.05 -16.44 -9.48
C ASP A 71 2.87 -17.51 -10.51
N SER A 72 3.28 -18.75 -10.13
CA SER A 72 3.60 -19.99 -10.81
C SER A 72 2.68 -20.59 -11.83
N LYS A 73 1.54 -19.91 -12.14
CA LYS A 73 0.79 -20.29 -13.36
C LYS A 73 1.13 -19.24 -14.44
N GLN A 74 2.06 -18.30 -14.09
CA GLN A 74 2.55 -17.07 -14.75
C GLN A 74 1.45 -16.03 -14.83
N VAL A 75 0.70 -15.98 -13.70
CA VAL A 75 -0.52 -15.22 -13.51
C VAL A 75 -0.36 -14.12 -12.52
N SER A 76 -0.77 -12.89 -12.91
CA SER A 76 -0.70 -11.67 -12.13
C SER A 76 -2.01 -11.54 -11.35
N LYS A 77 -1.93 -11.43 -10.01
CA LYS A 77 -3.02 -11.39 -9.06
C LYS A 77 -2.89 -10.03 -8.44
N ASP A 78 -3.96 -9.47 -7.85
CA ASP A 78 -3.89 -8.11 -7.33
C ASP A 78 -4.38 -8.08 -5.91
N SER A 79 -3.62 -7.42 -5.00
CA SER A 79 -3.98 -7.29 -3.58
C SER A 79 -4.25 -5.84 -3.22
N THR A 80 -5.14 -5.74 -2.19
CA THR A 80 -6.10 -4.71 -1.77
C THR A 80 -5.63 -3.30 -1.57
N THR A 81 -6.60 -2.38 -1.89
CA THR A 81 -6.54 -0.94 -1.87
C THR A 81 -6.49 -0.46 -0.43
N CYS A 82 -5.33 0.09 -0.03
CA CYS A 82 -5.12 0.52 1.35
C CYS A 82 -5.18 2.03 1.27
N ALA A 83 -6.25 2.67 1.79
CA ALA A 83 -6.48 4.11 1.57
C ALA A 83 -5.95 4.94 2.73
N VAL A 84 -4.83 5.62 2.44
CA VAL A 84 -4.07 6.36 3.42
C VAL A 84 -4.10 7.81 2.98
N THR A 85 -4.75 8.66 3.83
CA THR A 85 -5.00 10.07 3.54
C THR A 85 -4.14 10.89 4.46
N VAL A 86 -3.42 11.92 3.93
CA VAL A 86 -2.55 12.76 4.72
C VAL A 86 -2.82 14.25 4.53
N ASN A 87 -3.46 14.85 5.56
CA ASN A 87 -3.75 16.26 5.62
C ASN A 87 -2.52 17.01 6.24
N PRO A 88 -2.40 18.33 5.98
CA PRO A 88 -1.72 19.33 6.81
C PRO A 88 -2.64 19.62 8.01
N THR A 89 -2.22 20.28 9.12
CA THR A 89 -3.04 20.43 10.35
C THR A 89 -4.27 21.33 10.08
N VAL A 90 -5.43 20.81 10.57
CA VAL A 90 -6.61 20.59 9.73
C VAL A 90 -7.38 21.78 9.09
N PRO A 91 -7.20 21.99 7.74
CA PRO A 91 -7.97 22.93 6.89
C PRO A 91 -9.45 22.52 6.83
N GLY A 92 -10.35 23.46 7.24
CA GLY A 92 -11.78 23.24 7.44
C GLY A 92 -12.13 22.97 8.90
N GLY A 93 -11.14 22.54 9.72
CA GLY A 93 -11.32 22.16 11.13
C GLY A 93 -10.87 23.19 12.12
N LEU A 94 -9.64 23.75 11.96
CA LEU A 94 -9.04 24.71 12.91
C LEU A 94 -9.37 26.17 12.63
N GLU A 95 -10.07 26.44 11.49
CA GLU A 95 -10.64 27.71 11.00
C GLU A 95 -9.71 28.92 10.75
N HIS A 96 -8.66 29.10 11.60
CA HIS A 96 -7.70 30.19 11.63
C HIS A 96 -6.75 30.34 10.42
N ALA A 1 -12.07 -3.71 -0.61
CA ALA A 1 -13.32 -4.15 -0.05
C ALA A 1 -13.17 -5.59 0.43
N LEU A 2 -12.84 -6.54 -0.47
CA LEU A 2 -12.62 -7.95 -0.16
C LEU A 2 -11.13 -8.24 -0.25
N THR A 3 -10.59 -8.92 0.77
CA THR A 3 -9.23 -9.32 0.85
C THR A 3 -9.05 -10.80 0.59
N LEU A 4 -7.76 -11.24 0.47
CA LEU A 4 -7.47 -12.66 0.36
C LEU A 4 -7.21 -13.18 1.78
N SER A 5 -8.23 -13.81 2.43
CA SER A 5 -8.20 -14.16 3.88
C SER A 5 -8.05 -12.92 4.80
N LYS A 6 -6.79 -12.40 4.91
CA LYS A 6 -6.37 -11.10 5.41
C LYS A 6 -5.36 -10.52 4.42
N ASP A 7 -5.48 -9.19 4.15
CA ASP A 7 -4.69 -8.26 3.34
C ASP A 7 -3.51 -7.75 4.17
N LEU A 8 -2.61 -7.00 3.51
CA LEU A 8 -1.51 -6.33 4.18
C LEU A 8 -2.00 -5.14 5.08
N THR A 9 -3.08 -4.39 4.74
CA THR A 9 -3.68 -3.37 5.61
C THR A 9 -5.04 -3.12 4.97
N ALA A 10 -5.95 -2.33 5.64
CA ALA A 10 -7.26 -1.92 5.16
C ALA A 10 -7.46 -0.41 5.24
N SER A 11 -7.11 0.28 6.36
CA SER A 11 -7.23 1.74 6.43
C SER A 11 -6.71 2.41 7.70
N MET A 12 -5.92 3.53 7.61
CA MET A 12 -5.74 4.46 8.72
C MET A 12 -5.87 5.90 8.20
N SER A 13 -6.88 6.69 8.69
CA SER A 13 -7.03 8.10 8.32
C SER A 13 -6.74 8.97 9.53
N VAL A 14 -5.66 9.79 9.41
CA VAL A 14 -5.04 10.59 10.45
C VAL A 14 -4.39 11.89 9.92
N GLU A 15 -3.92 12.82 10.82
CA GLU A 15 -2.99 13.93 10.55
C GLU A 15 -1.58 13.30 10.63
N GLU A 16 -0.71 13.49 9.58
CA GLU A 16 0.36 12.55 9.15
C GLU A 16 1.24 11.85 10.20
N GLY A 17 1.16 10.50 10.03
CA GLY A 17 1.69 9.47 10.87
C GLY A 17 0.76 8.29 10.92
N ALA A 18 0.38 7.74 9.72
CA ALA A 18 -0.43 6.51 9.56
C ALA A 18 0.40 5.22 9.67
N ALA A 19 -0.28 4.09 9.99
CA ALA A 19 0.31 2.78 10.25
C ALA A 19 -0.01 1.77 9.17
N LEU A 20 0.95 1.50 8.25
CA LEU A 20 0.80 0.66 7.06
C LEU A 20 1.70 -0.53 6.99
N THR A 21 1.18 -1.75 6.71
CA THR A 21 1.98 -2.97 6.45
C THR A 21 1.76 -3.24 5.00
N LEU A 22 2.82 -3.53 4.20
CA LEU A 22 2.65 -3.99 2.84
C LEU A 22 3.58 -5.18 2.74
N SER A 23 3.03 -6.39 2.54
CA SER A 23 3.84 -7.60 2.56
C SER A 23 3.28 -8.64 1.61
N VAL A 24 4.16 -9.26 0.81
CA VAL A 24 3.95 -10.31 -0.18
C VAL A 24 5.25 -11.12 -0.16
N THR A 25 5.35 -12.24 -0.89
CA THR A 25 6.54 -13.11 -1.03
C THR A 25 7.12 -12.80 -2.42
N ALA A 26 8.47 -12.74 -2.64
CA ALA A 26 9.02 -12.30 -3.92
C ALA A 26 10.22 -13.00 -4.52
N THR A 27 10.05 -13.28 -5.84
CA THR A 27 10.95 -13.90 -6.81
C THR A 27 10.36 -13.36 -8.13
N GLY A 28 10.96 -13.58 -9.33
CA GLY A 28 10.46 -13.08 -10.63
C GLY A 28 9.27 -13.81 -11.27
N GLY A 29 8.25 -14.13 -10.43
CA GLY A 29 7.01 -14.82 -10.73
C GLY A 29 7.18 -16.32 -10.76
N THR A 30 8.32 -16.81 -10.27
CA THR A 30 8.74 -18.21 -10.27
C THR A 30 8.83 -18.65 -8.83
N GLY A 31 7.93 -19.55 -8.38
CA GLY A 31 7.58 -19.83 -6.97
C GLY A 31 6.77 -18.66 -6.39
N PRO A 32 7.38 -17.75 -5.59
CA PRO A 32 6.93 -16.40 -5.17
C PRO A 32 6.68 -15.34 -6.27
N TYR A 33 6.02 -14.20 -5.88
CA TYR A 33 5.48 -13.11 -6.71
C TYR A 33 6.38 -11.95 -7.25
N THR A 34 6.16 -11.54 -8.54
CA THR A 34 6.71 -10.36 -9.28
C THR A 34 5.59 -9.34 -9.28
N TYR A 35 5.82 -8.00 -9.40
CA TYR A 35 4.77 -7.03 -9.07
C TYR A 35 4.79 -5.66 -9.72
N ALA A 36 3.61 -5.00 -9.56
CA ALA A 36 3.28 -3.63 -9.86
C ALA A 36 2.51 -3.10 -8.64
N TRP A 37 3.10 -2.15 -7.88
CA TRP A 37 2.56 -1.54 -6.68
C TRP A 37 2.23 -0.08 -6.99
N THR A 38 1.07 0.47 -6.55
CA THR A 38 0.85 1.93 -6.61
C THR A 38 -0.21 2.27 -5.60
N LYS A 39 -0.36 3.56 -5.20
CA LYS A 39 -1.43 3.84 -4.28
C LYS A 39 -2.24 5.08 -4.56
N ASP A 40 -3.48 4.91 -5.13
CA ASP A 40 -4.64 5.81 -5.03
C ASP A 40 -4.43 7.26 -5.02
N GLY A 41 -3.69 7.71 -6.09
CA GLY A 41 -3.15 9.03 -6.47
C GLY A 41 -1.74 9.36 -6.03
N SER A 42 -1.10 8.42 -5.32
CA SER A 42 0.14 8.50 -4.55
C SER A 42 1.30 7.50 -4.86
N PRO A 43 2.62 7.86 -4.71
CA PRO A 43 3.79 6.93 -4.71
C PRO A 43 3.86 5.92 -3.55
N ILE A 44 4.33 4.67 -3.75
CA ILE A 44 4.50 3.68 -2.68
C ILE A 44 5.94 3.65 -2.12
N PRO A 45 6.14 3.41 -0.82
CA PRO A 45 7.41 3.50 -0.10
C PRO A 45 8.40 2.34 -0.22
N ASP A 46 9.36 2.42 -1.18
CA ASP A 46 10.53 1.53 -1.29
C ASP A 46 10.25 0.05 -1.59
N ALA A 47 9.39 -0.19 -2.60
CA ALA A 47 8.97 -1.47 -3.12
C ALA A 47 9.95 -2.15 -4.10
N SER A 48 9.43 -3.18 -4.80
CA SER A 48 10.06 -4.02 -5.81
C SER A 48 10.49 -5.35 -5.23
N GLY A 49 10.13 -5.70 -3.98
CA GLY A 49 10.35 -7.08 -3.63
C GLY A 49 10.07 -7.50 -2.23
N ALA A 50 8.81 -7.94 -2.07
CA ALA A 50 8.25 -8.64 -0.95
C ALA A 50 7.66 -7.81 0.16
N THR A 51 8.42 -7.23 1.12
CA THR A 51 7.79 -6.64 2.31
C THR A 51 8.39 -5.29 2.78
N TYR A 52 7.54 -4.22 2.77
CA TYR A 52 7.79 -2.89 3.26
C TYR A 52 6.70 -2.42 4.23
N THR A 53 7.02 -1.73 5.34
CA THR A 53 6.06 -1.21 6.31
C THR A 53 6.34 0.27 6.57
N LYS A 54 5.24 1.09 6.69
CA LYS A 54 5.22 2.52 6.97
C LYS A 54 4.62 2.72 8.38
N PRO A 55 5.42 2.87 9.46
CA PRO A 55 5.00 3.09 10.85
C PRO A 55 4.55 4.52 11.13
N THR A 56 4.86 5.46 10.23
CA THR A 56 4.49 6.85 10.34
C THR A 56 4.65 7.34 8.92
N ALA A 57 3.51 7.45 8.21
CA ALA A 57 3.36 7.91 6.85
C ALA A 57 3.30 9.45 6.76
N ALA A 58 4.06 10.05 5.80
CA ALA A 58 4.17 11.48 5.50
C ALA A 58 3.20 11.85 4.38
N ALA A 59 2.99 13.16 3.99
CA ALA A 59 1.97 13.59 3.02
C ALA A 59 1.82 12.86 1.66
N GLU A 60 2.94 12.48 1.00
CA GLU A 60 3.02 11.67 -0.23
C GLU A 60 2.57 10.19 -0.08
N ASP A 61 2.46 9.76 1.21
CA ASP A 61 1.87 8.53 1.73
C ASP A 61 0.31 8.64 1.82
N ALA A 62 -0.35 9.86 1.79
CA ALA A 62 -1.82 9.97 1.63
C ALA A 62 -2.52 9.55 0.28
N GLY A 63 -3.26 8.40 0.26
CA GLY A 63 -4.11 7.91 -0.84
C GLY A 63 -4.60 6.57 -0.51
N SER A 64 -4.91 5.77 -1.55
CA SER A 64 -5.30 4.38 -1.17
C SER A 64 -4.30 3.43 -1.78
N TYR A 65 -3.79 2.41 -1.06
CA TYR A 65 -2.69 1.54 -1.48
C TYR A 65 -3.16 0.23 -2.09
N LYS A 66 -2.56 -0.16 -3.27
CA LYS A 66 -3.01 -1.30 -4.04
C LYS A 66 -1.84 -1.99 -4.71
N VAL A 67 -1.99 -3.34 -4.89
CA VAL A 67 -0.94 -4.08 -5.62
C VAL A 67 -1.47 -5.19 -6.52
N THR A 68 -0.81 -5.34 -7.71
CA THR A 68 -0.92 -6.39 -8.73
C THR A 68 0.33 -7.26 -8.55
N VAL A 69 0.20 -8.56 -8.22
CA VAL A 69 1.27 -9.52 -7.92
C VAL A 69 1.15 -10.82 -8.73
N THR A 70 2.14 -11.26 -9.54
CA THR A 70 2.08 -12.48 -10.39
C THR A 70 3.01 -13.60 -9.94
N ASP A 71 2.54 -14.89 -9.87
CA ASP A 71 3.44 -16.01 -9.58
C ASP A 71 3.24 -17.21 -10.45
N SER A 72 3.86 -18.35 -10.03
CA SER A 72 4.28 -19.58 -10.67
C SER A 72 3.36 -20.37 -11.55
N LYS A 73 2.13 -19.88 -11.80
CA LYS A 73 1.33 -20.44 -12.92
C LYS A 73 1.32 -19.41 -14.07
N GLN A 74 2.10 -18.29 -13.85
CA GLN A 74 2.24 -17.04 -14.60
C GLN A 74 0.96 -16.23 -14.54
N VAL A 75 0.39 -16.29 -13.31
CA VAL A 75 -0.94 -15.78 -12.95
C VAL A 75 -0.84 -14.62 -12.01
N SER A 76 -1.55 -13.51 -12.34
CA SER A 76 -1.54 -12.27 -11.59
C SER A 76 -2.66 -12.28 -10.55
N LYS A 77 -2.35 -11.95 -9.28
CA LYS A 77 -3.24 -11.86 -8.14
C LYS A 77 -3.17 -10.40 -7.73
N ASP A 78 -4.21 -9.91 -7.02
CA ASP A 78 -4.29 -8.50 -6.64
C ASP A 78 -4.61 -8.44 -5.18
N SER A 79 -4.08 -7.41 -4.49
CA SER A 79 -4.37 -7.17 -3.10
C SER A 79 -4.76 -5.74 -2.87
N THR A 80 -5.73 -5.69 -1.91
CA THR A 80 -6.72 -4.74 -1.45
C THR A 80 -6.26 -3.38 -1.07
N THR A 81 -7.20 -2.42 -1.34
CA THR A 81 -7.08 -1.00 -1.17
C THR A 81 -6.99 -0.67 0.31
N CYS A 82 -5.77 -0.23 0.71
CA CYS A 82 -5.43 0.13 2.08
C CYS A 82 -5.59 1.64 2.06
N ALA A 83 -6.61 2.23 2.71
CA ALA A 83 -6.87 3.67 2.61
C ALA A 83 -6.15 4.43 3.73
N VAL A 84 -5.19 5.25 3.31
CA VAL A 84 -4.26 5.93 4.17
C VAL A 84 -4.48 7.39 3.99
N THR A 85 -4.89 8.13 5.06
CA THR A 85 -4.97 9.59 4.91
C THR A 85 -3.90 10.08 5.83
N VAL A 86 -2.90 10.82 5.31
CA VAL A 86 -1.92 11.49 6.13
C VAL A 86 -1.82 12.86 5.52
N ASN A 87 -2.46 13.84 6.18
CA ASN A 87 -2.46 15.24 5.80
C ASN A 87 -1.59 16.02 6.81
N PRO A 88 -1.03 17.20 6.46
CA PRO A 88 -0.64 18.30 7.38
C PRO A 88 -1.90 18.86 8.10
N THR A 89 -1.79 19.71 9.18
CA THR A 89 -2.96 20.23 9.94
C THR A 89 -3.76 21.15 9.02
N VAL A 90 -5.11 21.00 9.05
CA VAL A 90 -5.90 20.78 7.83
C VAL A 90 -6.05 21.87 6.74
N PRO A 91 -5.31 21.72 5.57
CA PRO A 91 -5.46 22.51 4.34
C PRO A 91 -6.84 22.37 3.69
N GLY A 92 -7.58 23.49 3.47
CA GLY A 92 -8.94 23.53 2.92
C GLY A 92 -9.95 23.79 3.99
N GLY A 93 -9.84 23.08 5.14
CA GLY A 93 -10.74 23.19 6.30
C GLY A 93 -10.42 24.34 7.22
N LEU A 94 -9.10 24.56 7.48
CA LEU A 94 -8.58 25.68 8.24
C LEU A 94 -7.71 26.44 7.24
N GLU A 95 -8.30 27.43 6.50
CA GLU A 95 -7.65 28.23 5.46
C GLU A 95 -6.57 29.21 5.94
N HIS A 96 -5.41 28.63 6.36
CA HIS A 96 -4.23 29.28 6.91
C HIS A 96 -3.21 29.65 5.84
N ALA A 1 -13.57 -8.95 6.35
CA ALA A 1 -13.29 -9.52 7.64
C ALA A 1 -12.14 -10.50 7.52
N LEU A 2 -11.73 -10.79 6.26
CA LEU A 2 -10.63 -11.65 5.87
C LEU A 2 -9.46 -10.83 5.35
N THR A 3 -8.19 -11.26 5.59
CA THR A 3 -6.97 -10.65 5.05
C THR A 3 -6.56 -11.55 3.88
N LEU A 4 -6.05 -11.04 2.70
CA LEU A 4 -5.60 -11.98 1.68
C LEU A 4 -4.09 -12.13 1.85
N SER A 5 -3.67 -13.25 2.52
CA SER A 5 -2.30 -13.51 3.02
C SER A 5 -1.94 -12.51 4.13
N LYS A 6 -1.66 -11.25 3.69
CA LYS A 6 -1.78 -10.00 4.39
C LYS A 6 -2.48 -9.06 3.41
N ASP A 7 -3.69 -8.53 3.78
CA ASP A 7 -4.43 -7.41 3.16
C ASP A 7 -3.83 -6.24 3.86
N LEU A 8 -3.17 -5.33 3.15
CA LEU A 8 -2.17 -4.45 3.75
C LEU A 8 -2.60 -3.29 4.70
N THR A 9 -3.71 -2.67 4.42
CA THR A 9 -4.36 -1.61 5.21
C THR A 9 -5.67 -1.39 4.49
N ALA A 10 -6.61 -0.58 5.01
CA ALA A 10 -7.80 -0.16 4.29
C ALA A 10 -7.79 1.35 4.09
N SER A 11 -7.62 2.16 5.16
CA SER A 11 -7.51 3.61 5.01
C SER A 11 -7.13 4.33 6.30
N MET A 12 -6.18 5.32 6.24
CA MET A 12 -6.01 6.29 7.31
C MET A 12 -5.98 7.69 6.69
N SER A 13 -6.95 8.58 7.04
CA SER A 13 -6.96 9.97 6.58
C SER A 13 -6.53 10.84 7.74
N VAL A 14 -5.36 11.50 7.57
CA VAL A 14 -4.64 12.19 8.62
C VAL A 14 -3.85 13.40 8.10
N GLU A 15 -3.25 14.19 9.02
CA GLU A 15 -2.14 15.12 8.79
C GLU A 15 -0.86 14.25 8.76
N GLU A 16 0.09 14.37 7.77
CA GLU A 16 1.14 13.33 7.44
C GLU A 16 1.86 12.67 8.61
N GLY A 17 1.71 11.33 8.59
CA GLY A 17 1.97 10.41 9.66
C GLY A 17 0.88 9.39 9.72
N ALA A 18 0.59 8.76 8.55
CA ALA A 18 -0.38 7.67 8.38
C ALA A 18 0.26 6.31 8.67
N ALA A 19 -0.59 5.28 8.90
CA ALA A 19 -0.14 3.92 9.29
C ALA A 19 -0.36 2.89 8.20
N LEU A 20 0.76 2.48 7.55
CA LEU A 20 0.81 1.61 6.38
C LEU A 20 1.56 0.32 6.57
N THR A 21 0.91 -0.85 6.38
CA THR A 21 1.54 -2.17 6.32
C THR A 21 1.45 -2.52 4.86
N LEU A 22 2.55 -2.88 4.15
CA LEU A 22 2.51 -3.30 2.76
C LEU A 22 3.24 -4.62 2.77
N SER A 23 2.56 -5.75 2.46
CA SER A 23 3.21 -7.03 2.62
C SER A 23 2.55 -8.05 1.73
N VAL A 24 3.35 -8.94 1.11
CA VAL A 24 3.00 -10.09 0.27
C VAL A 24 4.12 -11.11 0.52
N THR A 25 4.04 -12.38 -0.01
CA THR A 25 5.10 -13.41 0.12
C THR A 25 5.77 -13.45 -1.25
N ALA A 26 7.13 -13.62 -1.34
CA ALA A 26 7.84 -13.59 -2.61
C ALA A 26 8.74 -14.77 -2.99
N THR A 27 8.81 -14.98 -4.33
CA THR A 27 9.68 -15.84 -5.12
C THR A 27 9.58 -15.17 -6.48
N GLY A 28 10.31 -15.57 -7.56
CA GLY A 28 10.22 -14.98 -8.91
C GLY A 28 9.08 -15.46 -9.79
N GLY A 29 7.86 -15.60 -9.19
CA GLY A 29 6.63 -16.04 -9.85
C GLY A 29 6.33 -17.50 -9.70
N THR A 30 7.16 -18.27 -8.97
CA THR A 30 7.00 -19.72 -8.72
C THR A 30 6.82 -19.97 -7.24
N GLY A 31 5.73 -20.63 -6.80
CA GLY A 31 5.23 -20.67 -5.41
C GLY A 31 4.62 -19.30 -5.06
N PRO A 32 5.18 -18.47 -4.14
CA PRO A 32 4.91 -17.04 -3.96
C PRO A 32 5.36 -16.06 -5.08
N TYR A 33 4.88 -14.79 -4.99
CA TYR A 33 4.83 -13.71 -5.98
C TYR A 33 5.99 -12.76 -6.33
N THR A 34 6.07 -12.40 -7.66
CA THR A 34 6.95 -11.36 -8.26
C THR A 34 6.02 -10.18 -8.50
N TYR A 35 6.47 -8.91 -8.30
CA TYR A 35 5.57 -7.75 -8.21
C TYR A 35 5.95 -6.46 -8.91
N ALA A 36 4.84 -5.68 -9.09
CA ALA A 36 4.76 -4.33 -9.59
C ALA A 36 3.71 -3.65 -8.70
N TRP A 37 4.13 -2.64 -7.88
CA TRP A 37 3.25 -1.94 -6.98
C TRP A 37 3.09 -0.51 -7.47
N THR A 38 1.98 0.18 -7.13
CA THR A 38 1.90 1.64 -7.32
C THR A 38 0.83 2.14 -6.40
N LYS A 39 0.70 3.46 -6.19
CA LYS A 39 -0.32 3.92 -5.28
C LYS A 39 -0.98 5.20 -5.66
N ASP A 40 -2.26 5.17 -6.18
CA ASP A 40 -3.28 6.24 -6.12
C ASP A 40 -2.85 7.63 -6.22
N GLY A 41 -2.09 7.88 -7.34
CA GLY A 41 -1.38 9.05 -7.86
C GLY A 41 0.08 9.26 -7.46
N SER A 42 0.62 8.35 -6.63
CA SER A 42 1.88 8.40 -5.89
C SER A 42 2.94 7.26 -6.06
N PRO A 43 4.28 7.51 -5.94
CA PRO A 43 5.37 6.48 -5.81
C PRO A 43 5.27 5.52 -4.56
N ILE A 44 5.71 4.23 -4.57
CA ILE A 44 5.70 3.40 -3.33
C ILE A 44 7.08 3.34 -2.65
N PRO A 45 7.26 2.89 -1.37
CA PRO A 45 8.55 2.78 -0.66
C PRO A 45 9.46 1.67 -1.22
N ASP A 46 10.28 2.03 -2.24
CA ASP A 46 11.29 1.23 -2.98
C ASP A 46 10.62 0.45 -4.11
N ALA A 47 9.64 -0.37 -3.70
CA ALA A 47 8.67 -1.14 -4.46
C ALA A 47 8.96 -2.59 -4.56
N SER A 48 10.08 -2.86 -5.19
CA SER A 48 10.66 -4.10 -5.59
C SER A 48 11.25 -4.91 -4.41
N GLY A 49 10.35 -5.61 -3.67
CA GLY A 49 10.73 -6.30 -2.45
C GLY A 49 9.80 -7.36 -1.94
N ALA A 50 8.60 -6.97 -1.40
CA ALA A 50 7.54 -7.84 -0.88
C ALA A 50 7.02 -7.50 0.51
N THR A 51 7.80 -6.83 1.40
CA THR A 51 7.27 -6.50 2.73
C THR A 51 7.97 -5.29 3.36
N TYR A 52 7.26 -4.13 3.29
CA TYR A 52 7.62 -2.82 3.86
C TYR A 52 6.51 -2.26 4.72
N THR A 53 6.80 -1.60 5.86
CA THR A 53 5.79 -0.92 6.66
C THR A 53 6.28 0.50 6.90
N LYS A 54 5.33 1.49 6.80
CA LYS A 54 5.51 2.91 6.97
C LYS A 54 4.64 3.29 8.18
N PRO A 55 5.20 3.50 9.39
CA PRO A 55 4.49 3.90 10.62
C PRO A 55 4.11 5.37 10.63
N THR A 56 4.65 6.17 9.70
CA THR A 56 4.40 7.58 9.58
C THR A 56 4.73 7.89 8.14
N ALA A 57 3.68 8.00 7.29
CA ALA A 57 3.80 8.37 5.89
C ALA A 57 3.63 9.87 5.67
N ALA A 58 4.62 10.48 4.94
CA ALA A 58 4.72 11.85 4.49
C ALA A 58 4.21 11.93 3.04
N ALA A 59 4.17 13.11 2.35
CA ALA A 59 3.56 13.31 1.01
C ALA A 59 3.91 12.30 -0.10
N GLU A 60 5.22 12.07 -0.38
CA GLU A 60 5.76 11.04 -1.31
C GLU A 60 5.59 9.57 -0.85
N ASP A 61 4.95 9.39 0.33
CA ASP A 61 4.54 8.17 1.00
C ASP A 61 3.00 8.07 1.07
N ALA A 62 2.17 9.16 0.79
CA ALA A 62 0.68 9.04 0.66
C ALA A 62 0.01 8.94 -0.76
N GLY A 63 -1.27 8.42 -0.81
CA GLY A 63 -2.12 8.16 -2.00
C GLY A 63 -3.00 7.04 -1.66
N SER A 64 -3.51 6.36 -2.71
CA SER A 64 -4.17 5.07 -2.36
C SER A 64 -3.24 3.93 -2.81
N TYR A 65 -2.86 2.91 -1.99
CA TYR A 65 -1.82 1.90 -2.31
C TYR A 65 -2.39 0.62 -2.88
N LYS A 66 -1.78 0.07 -3.98
CA LYS A 66 -2.26 -1.11 -4.69
C LYS A 66 -1.11 -1.92 -5.23
N VAL A 67 -1.34 -3.27 -5.37
CA VAL A 67 -0.24 -4.09 -5.94
C VAL A 67 -0.69 -5.21 -6.86
N THR A 68 0.09 -5.42 -7.97
CA THR A 68 0.01 -6.46 -8.99
C THR A 68 1.14 -7.45 -8.68
N VAL A 69 0.75 -8.67 -8.23
CA VAL A 69 1.60 -9.72 -7.73
C VAL A 69 1.38 -10.99 -8.53
N THR A 70 2.39 -11.49 -9.29
CA THR A 70 2.26 -12.68 -10.13
C THR A 70 2.87 -13.92 -9.52
N ASP A 71 2.15 -15.08 -9.46
CA ASP A 71 2.71 -16.36 -9.00
C ASP A 71 2.28 -17.56 -9.81
N SER A 72 2.52 -18.78 -9.24
CA SER A 72 2.58 -20.16 -9.73
C SER A 72 1.50 -20.76 -10.60
N LYS A 73 0.48 -19.97 -11.01
CA LYS A 73 -0.37 -20.40 -12.13
C LYS A 73 0.01 -19.54 -13.35
N GLN A 74 1.08 -18.70 -13.17
CA GLN A 74 1.67 -17.62 -13.97
C GLN A 74 0.70 -16.45 -14.12
N VAL A 75 0.04 -16.20 -12.97
CA VAL A 75 -1.10 -15.30 -12.80
C VAL A 75 -0.76 -14.15 -11.94
N SER A 76 -1.16 -12.92 -12.34
CA SER A 76 -1.01 -11.65 -11.69
C SER A 76 -2.27 -11.45 -10.84
N LYS A 77 -2.12 -11.24 -9.51
CA LYS A 77 -3.13 -11.12 -8.49
C LYS A 77 -2.99 -9.73 -7.96
N ASP A 78 -4.05 -9.19 -7.34
CA ASP A 78 -4.05 -7.82 -6.88
C ASP A 78 -4.40 -7.80 -5.43
N SER A 79 -3.60 -6.99 -4.68
CA SER A 79 -3.85 -6.70 -3.28
C SER A 79 -4.22 -5.24 -3.18
N THR A 80 -5.14 -5.03 -2.18
CA THR A 80 -6.12 -3.99 -1.90
C THR A 80 -5.70 -2.55 -1.83
N THR A 81 -6.64 -1.64 -2.23
CA THR A 81 -6.48 -0.19 -2.20
C THR A 81 -6.47 0.30 -0.74
N CYS A 82 -5.28 0.78 -0.29
CA CYS A 82 -5.07 1.29 1.06
C CYS A 82 -5.06 2.78 0.90
N ALA A 83 -6.09 3.50 1.37
CA ALA A 83 -6.17 4.94 1.16
C ALA A 83 -5.58 5.71 2.35
N VAL A 84 -4.39 6.29 2.14
CA VAL A 84 -3.65 7.03 3.14
C VAL A 84 -3.56 8.44 2.64
N THR A 85 -4.23 9.34 3.42
CA THR A 85 -4.40 10.76 3.12
C THR A 85 -3.52 11.54 4.08
N VAL A 86 -2.72 12.52 3.55
CA VAL A 86 -1.80 13.32 4.33
C VAL A 86 -1.96 14.81 4.11
N ASN A 87 -2.56 15.49 5.12
CA ASN A 87 -2.75 16.92 5.18
C ASN A 87 -1.50 17.58 5.85
N PRO A 88 -1.26 18.90 5.60
CA PRO A 88 -0.54 19.85 6.47
C PRO A 88 -1.46 20.19 7.66
N THR A 89 -1.02 20.82 8.79
CA THR A 89 -1.85 20.97 10.02
C THR A 89 -3.03 21.92 9.74
N VAL A 90 -4.22 21.33 10.07
CA VAL A 90 -5.31 21.18 9.11
C VAL A 90 -6.07 22.41 8.55
N PRO A 91 -5.91 22.70 7.20
CA PRO A 91 -6.65 23.73 6.44
C PRO A 91 -8.17 23.50 6.34
N GLY A 92 -8.96 24.59 6.26
CA GLY A 92 -10.42 24.58 6.11
C GLY A 92 -11.18 24.57 7.40
N GLY A 93 -10.94 23.55 8.25
CA GLY A 93 -11.63 23.42 9.54
C GLY A 93 -11.06 22.28 10.32
N LEU A 94 -11.04 22.39 11.68
CA LEU A 94 -10.49 21.37 12.58
C LEU A 94 -11.58 20.46 13.13
N GLU A 95 -12.32 19.77 12.22
CA GLU A 95 -13.41 18.83 12.51
C GLU A 95 -12.93 17.45 12.99
N HIS A 96 -12.28 17.43 14.18
CA HIS A 96 -11.69 16.27 14.81
C HIS A 96 -12.08 16.27 16.27
N ALA A 1 -12.89 -4.67 -3.59
CA ALA A 1 -12.86 -4.09 -2.27
C ALA A 1 -12.69 -5.19 -1.25
N LEU A 2 -12.38 -6.41 -1.74
CA LEU A 2 -12.12 -7.62 -0.98
C LEU A 2 -10.62 -7.93 -1.03
N THR A 3 -10.01 -8.31 0.11
CA THR A 3 -8.62 -8.66 0.23
C THR A 3 -8.42 -10.15 0.09
N LEU A 4 -7.13 -10.54 0.04
CA LEU A 4 -6.70 -11.91 0.09
C LEU A 4 -6.59 -12.37 1.56
N SER A 5 -7.60 -13.08 2.15
CA SER A 5 -7.65 -13.42 3.60
C SER A 5 -7.64 -12.20 4.58
N LYS A 6 -6.45 -11.55 4.69
CA LYS A 6 -6.13 -10.27 5.30
C LYS A 6 -5.24 -9.52 4.31
N ASP A 7 -5.49 -8.20 4.21
CA ASP A 7 -4.79 -7.21 3.41
C ASP A 7 -3.56 -6.71 4.11
N LEU A 8 -2.78 -5.95 3.35
CA LEU A 8 -1.66 -5.25 3.86
C LEU A 8 -2.04 -4.04 4.77
N THR A 9 -3.14 -3.31 4.57
CA THR A 9 -3.61 -2.23 5.44
C THR A 9 -4.96 -1.95 4.83
N ALA A 10 -5.83 -1.10 5.43
CA ALA A 10 -7.06 -0.67 4.82
C ALA A 10 -7.11 0.85 4.71
N SER A 11 -6.87 1.62 5.79
CA SER A 11 -6.87 3.08 5.70
C SER A 11 -6.40 3.80 6.96
N MET A 12 -5.70 4.97 6.82
CA MET A 12 -5.59 5.92 7.93
C MET A 12 -5.83 7.34 7.42
N SER A 13 -6.73 8.14 8.05
CA SER A 13 -6.87 9.57 7.71
C SER A 13 -6.22 10.34 8.84
N VAL A 14 -5.12 11.03 8.49
CA VAL A 14 -4.20 11.63 9.44
C VAL A 14 -3.52 12.88 8.88
N GLU A 15 -2.71 13.60 9.70
CA GLU A 15 -1.75 14.61 9.28
C GLU A 15 -0.40 13.88 9.04
N GLU A 16 0.48 14.21 8.06
CA GLU A 16 1.72 13.43 7.66
C GLU A 16 2.62 12.90 8.79
N GLY A 17 2.80 11.57 8.68
CA GLY A 17 3.04 10.62 9.75
C GLY A 17 1.93 9.61 9.66
N ALA A 18 1.75 9.07 8.41
CA ALA A 18 0.72 8.12 8.02
C ALA A 18 1.23 6.71 8.02
N ALA A 19 0.29 5.75 8.25
CA ALA A 19 0.62 4.36 8.52
C ALA A 19 0.24 3.43 7.39
N LEU A 20 1.31 2.85 6.77
CA LEU A 20 1.26 1.84 5.74
C LEU A 20 1.96 0.55 6.06
N THR A 21 1.33 -0.58 5.71
CA THR A 21 1.97 -1.87 5.55
C THR A 21 1.59 -2.19 4.14
N LEU A 22 2.57 -2.71 3.39
CA LEU A 22 2.51 -3.16 2.04
C LEU A 22 2.96 -4.60 2.20
N SER A 23 2.11 -5.62 1.92
CA SER A 23 2.50 -7.00 2.19
C SER A 23 1.82 -8.03 1.30
N VAL A 24 2.66 -8.95 0.76
CA VAL A 24 2.42 -10.13 -0.09
C VAL A 24 3.55 -11.12 0.26
N THR A 25 3.57 -12.37 -0.28
CA THR A 25 4.65 -13.38 -0.09
C THR A 25 5.48 -13.44 -1.39
N ALA A 26 6.85 -13.58 -1.40
CA ALA A 26 7.63 -13.49 -2.65
C ALA A 26 8.86 -14.37 -3.00
N THR A 27 8.91 -14.62 -4.35
CA THR A 27 9.86 -15.34 -5.21
C THR A 27 9.63 -14.74 -6.61
N GLY A 28 10.42 -15.12 -7.66
CA GLY A 28 10.20 -14.77 -9.09
C GLY A 28 9.04 -15.46 -9.81
N GLY A 29 7.87 -15.56 -9.12
CA GLY A 29 6.60 -16.13 -9.56
C GLY A 29 6.52 -17.63 -9.47
N THR A 30 7.30 -18.26 -8.56
CA THR A 30 7.31 -19.71 -8.32
C THR A 30 6.85 -19.98 -6.91
N GLY A 31 5.63 -20.56 -6.63
CA GLY A 31 4.91 -20.66 -5.34
C GLY A 31 4.35 -19.28 -4.92
N PRO A 32 5.11 -18.48 -4.16
CA PRO A 32 4.98 -17.03 -3.95
C PRO A 32 5.10 -16.12 -5.22
N TYR A 33 4.76 -14.82 -5.04
CA TYR A 33 4.54 -13.82 -6.07
C TYR A 33 5.69 -12.87 -6.51
N THR A 34 5.78 -12.54 -7.84
CA THR A 34 6.68 -11.55 -8.50
C THR A 34 5.80 -10.35 -8.78
N TYR A 35 6.32 -9.11 -8.63
CA TYR A 35 5.48 -7.93 -8.49
C TYR A 35 5.82 -6.59 -9.13
N ALA A 36 4.77 -5.73 -9.11
CA ALA A 36 4.73 -4.35 -9.56
C ALA A 36 3.83 -3.60 -8.58
N TRP A 37 4.36 -2.54 -7.91
CA TRP A 37 3.68 -1.78 -6.88
C TRP A 37 3.35 -0.36 -7.33
N THR A 38 2.18 0.19 -6.94
CA THR A 38 1.81 1.59 -7.23
C THR A 38 0.87 2.02 -6.15
N LYS A 39 0.56 3.31 -6.11
CA LYS A 39 -0.36 3.78 -5.13
C LYS A 39 -1.07 4.91 -5.78
N ASP A 40 -2.36 4.81 -6.23
CA ASP A 40 -3.34 5.91 -6.07
C ASP A 40 -2.97 7.34 -6.14
N GLY A 41 -2.27 7.68 -7.29
CA GLY A 41 -1.63 8.94 -7.72
C GLY A 41 -0.25 9.29 -7.21
N SER A 42 0.35 8.43 -6.35
CA SER A 42 1.59 8.59 -5.59
C SER A 42 2.69 7.49 -5.76
N PRO A 43 4.02 7.81 -5.69
CA PRO A 43 5.15 6.84 -5.66
C PRO A 43 5.23 5.95 -4.39
N ILE A 44 5.51 4.64 -4.47
CA ILE A 44 5.60 3.76 -3.30
C ILE A 44 7.00 3.63 -2.66
N PRO A 45 7.18 3.15 -1.41
CA PRO A 45 8.48 3.01 -0.74
C PRO A 45 9.41 1.92 -1.28
N ASP A 46 10.19 2.22 -2.36
CA ASP A 46 11.19 1.36 -3.01
C ASP A 46 10.61 0.29 -3.94
N ALA A 47 9.82 -0.64 -3.35
CA ALA A 47 9.10 -1.76 -3.93
C ALA A 47 9.93 -2.95 -4.21
N SER A 48 9.22 -4.06 -4.58
CA SER A 48 9.81 -5.30 -5.02
C SER A 48 10.40 -6.15 -3.90
N GLY A 49 9.56 -6.79 -3.05
CA GLY A 49 10.12 -7.47 -1.89
C GLY A 49 9.33 -8.56 -1.26
N ALA A 50 8.07 -8.26 -0.94
CA ALA A 50 7.11 -9.11 -0.25
C ALA A 50 6.46 -8.28 0.83
N THR A 51 7.16 -7.95 1.94
CA THR A 51 6.56 -7.22 3.07
C THR A 51 7.43 -6.07 3.59
N TYR A 52 6.91 -4.83 3.35
CA TYR A 52 7.45 -3.52 3.71
C TYR A 52 6.45 -2.66 4.48
N THR A 53 6.90 -1.87 5.52
CA THR A 53 6.05 -1.01 6.32
C THR A 53 6.63 0.39 6.36
N LYS A 54 5.74 1.40 6.27
CA LYS A 54 5.95 2.84 6.32
C LYS A 54 5.15 3.31 7.55
N PRO A 55 5.76 3.55 8.73
CA PRO A 55 5.09 4.01 9.96
C PRO A 55 4.74 5.49 9.96
N THR A 56 5.57 6.31 9.29
CA THR A 56 5.40 7.74 9.16
C THR A 56 5.75 8.03 7.73
N ALA A 57 4.68 8.20 6.94
CA ALA A 57 4.65 8.57 5.55
C ALA A 57 4.45 10.07 5.43
N ALA A 58 5.33 10.76 4.62
CA ALA A 58 5.31 12.19 4.27
C ALA A 58 4.42 12.38 3.05
N ALA A 59 4.13 13.61 2.53
CA ALA A 59 3.14 13.89 1.48
C ALA A 59 3.15 13.03 0.21
N GLU A 60 4.34 12.86 -0.44
CA GLU A 60 4.58 11.97 -1.58
C GLU A 60 4.40 10.47 -1.28
N ASP A 61 4.53 10.11 0.03
CA ASP A 61 4.31 8.82 0.69
C ASP A 61 2.82 8.59 1.01
N ALA A 62 1.88 9.60 0.89
CA ALA A 62 0.43 9.31 0.94
C ALA A 62 -0.29 9.10 -0.44
N GLY A 63 -1.55 8.55 -0.42
CA GLY A 63 -2.42 8.22 -1.59
C GLY A 63 -3.18 7.01 -1.30
N SER A 64 -3.61 6.30 -2.38
CA SER A 64 -4.20 4.97 -2.04
C SER A 64 -3.28 3.91 -2.61
N TYR A 65 -2.83 2.86 -1.87
CA TYR A 65 -1.77 1.92 -2.23
C TYR A 65 -2.32 0.63 -2.82
N LYS A 66 -1.75 0.10 -3.94
CA LYS A 66 -2.27 -1.05 -4.65
C LYS A 66 -1.13 -1.81 -5.27
N VAL A 67 -1.30 -3.14 -5.38
CA VAL A 67 -0.20 -3.96 -5.95
C VAL A 67 -0.65 -5.09 -6.85
N THR A 68 0.12 -5.32 -7.97
CA THR A 68 -0.01 -6.37 -8.99
C THR A 68 1.05 -7.41 -8.69
N VAL A 69 0.63 -8.69 -8.50
CA VAL A 69 1.46 -9.81 -8.10
C VAL A 69 1.21 -11.08 -8.93
N THR A 70 2.23 -11.73 -9.54
CA THR A 70 2.09 -12.95 -10.38
C THR A 70 2.76 -14.18 -9.79
N ASP A 71 2.07 -15.37 -9.73
CA ASP A 71 2.68 -16.64 -9.25
C ASP A 71 2.53 -17.77 -10.23
N SER A 72 2.95 -18.99 -9.78
CA SER A 72 3.29 -20.26 -10.37
C SER A 72 2.36 -20.94 -11.34
N LYS A 73 1.23 -20.29 -11.70
CA LYS A 73 0.51 -20.74 -12.91
C LYS A 73 0.79 -19.75 -14.04
N GLN A 74 1.69 -18.74 -13.73
CA GLN A 74 2.12 -17.53 -14.44
C GLN A 74 0.95 -16.56 -14.54
N VAL A 75 0.23 -16.51 -13.40
CA VAL A 75 -1.05 -15.84 -13.20
C VAL A 75 -0.91 -14.68 -12.27
N SER A 76 -1.38 -13.48 -12.72
CA SER A 76 -1.30 -12.23 -11.98
C SER A 76 -2.55 -12.05 -11.15
N LYS A 77 -2.38 -11.66 -9.88
CA LYS A 77 -3.34 -11.36 -8.85
C LYS A 77 -3.11 -9.90 -8.49
N ASP A 78 -4.11 -9.22 -7.90
CA ASP A 78 -4.02 -7.83 -7.52
C ASP A 78 -4.41 -7.74 -6.06
N SER A 79 -3.64 -6.94 -5.30
CA SER A 79 -3.74 -6.76 -3.87
C SER A 79 -4.10 -5.34 -3.54
N THR A 80 -4.78 -5.26 -2.36
CA THR A 80 -5.70 -4.29 -1.80
C THR A 80 -5.28 -2.86 -1.71
N THR A 81 -6.32 -1.97 -1.86
CA THR A 81 -6.31 -0.54 -1.73
C THR A 81 -6.15 -0.18 -0.26
N CYS A 82 -4.97 0.40 0.07
CA CYS A 82 -4.64 0.85 1.41
C CYS A 82 -4.72 2.36 1.27
N ALA A 83 -5.72 3.04 1.86
CA ALA A 83 -5.95 4.48 1.66
C ALA A 83 -5.40 5.30 2.82
N VAL A 84 -4.33 6.08 2.55
CA VAL A 84 -3.70 6.89 3.57
C VAL A 84 -3.72 8.32 3.13
N THR A 85 -4.31 9.17 4.02
CA THR A 85 -4.55 10.59 3.80
C THR A 85 -3.64 11.35 4.74
N VAL A 86 -2.83 12.32 4.23
CA VAL A 86 -1.91 13.12 5.03
C VAL A 86 -2.12 14.61 4.87
N ASN A 87 -2.73 15.22 5.92
CA ASN A 87 -2.93 16.66 6.02
C ASN A 87 -1.64 17.35 6.54
N PRO A 88 -1.47 18.68 6.34
CA PRO A 88 -0.67 19.59 7.16
C PRO A 88 -1.44 19.82 8.48
N THR A 89 -0.87 20.38 9.58
CA THR A 89 -1.57 20.49 10.90
C THR A 89 -2.75 21.46 10.76
N VAL A 90 -3.92 21.00 11.30
CA VAL A 90 -5.17 20.96 10.52
C VAL A 90 -5.82 22.27 10.03
N PRO A 91 -5.89 22.47 8.66
CA PRO A 91 -6.53 23.62 7.97
C PRO A 91 -8.06 23.74 8.19
N GLY A 92 -8.60 24.99 8.12
CA GLY A 92 -10.01 25.36 8.40
C GLY A 92 -11.07 24.93 7.40
N GLY A 93 -11.14 23.61 7.14
CA GLY A 93 -12.09 22.95 6.24
C GLY A 93 -13.17 22.19 6.96
N LEU A 94 -12.84 21.55 8.11
CA LEU A 94 -13.75 20.72 8.92
C LEU A 94 -14.24 21.44 10.17
N GLU A 95 -13.69 22.67 10.43
CA GLU A 95 -13.99 23.60 11.52
C GLU A 95 -13.80 23.13 12.97
N HIS A 96 -14.53 22.07 13.38
CA HIS A 96 -14.61 21.38 14.68
C HIS A 96 -15.02 22.21 15.91
N ALA A 1 -15.10 -7.21 -0.17
CA ALA A 1 -15.33 -7.05 1.23
C ALA A 1 -14.43 -7.98 2.00
N LEU A 2 -14.09 -9.14 1.36
CA LEU A 2 -13.22 -10.18 1.88
C LEU A 2 -11.83 -10.11 1.26
N THR A 3 -10.76 -10.18 2.11
CA THR A 3 -9.36 -10.20 1.76
C THR A 3 -8.86 -11.64 1.79
N LEU A 4 -7.60 -11.88 1.36
CA LEU A 4 -6.98 -13.19 1.39
C LEU A 4 -6.51 -13.48 2.82
N SER A 5 -7.29 -14.27 3.61
CA SER A 5 -7.10 -14.40 5.08
C SER A 5 -7.24 -13.06 5.86
N LYS A 6 -6.10 -12.31 5.88
CA LYS A 6 -5.85 -10.94 6.30
C LYS A 6 -5.01 -10.36 5.16
N ASP A 7 -5.28 -9.08 4.82
CA ASP A 7 -4.68 -8.18 3.82
C ASP A 7 -3.43 -7.58 4.44
N LEU A 8 -2.65 -6.81 3.64
CA LEU A 8 -1.47 -6.14 4.18
C LEU A 8 -1.83 -4.96 5.15
N THR A 9 -2.90 -4.19 4.98
CA THR A 9 -3.38 -3.18 5.92
C THR A 9 -4.75 -2.86 5.34
N ALA A 10 -5.61 -2.07 6.05
CA ALA A 10 -6.90 -1.60 5.59
C ALA A 10 -7.02 -0.09 5.74
N SER A 11 -6.67 0.52 6.91
CA SER A 11 -6.71 1.97 7.03
C SER A 11 -6.10 2.55 8.30
N MET A 12 -5.36 3.71 8.17
CA MET A 12 -5.03 4.61 9.27
C MET A 12 -5.24 6.06 8.77
N SER A 13 -6.18 6.87 9.33
CA SER A 13 -6.32 8.29 8.96
C SER A 13 -5.94 9.14 10.14
N VAL A 14 -4.86 9.93 9.97
CA VAL A 14 -4.20 10.70 11.01
C VAL A 14 -3.58 11.98 10.42
N GLU A 15 -3.04 12.91 11.27
CA GLU A 15 -2.12 14.02 10.91
C GLU A 15 -0.72 13.37 10.88
N GLU A 16 0.11 13.55 9.80
CA GLU A 16 1.16 12.62 9.33
C GLU A 16 2.10 11.92 10.34
N GLY A 17 2.01 10.57 10.19
CA GLY A 17 2.56 9.53 11.01
C GLY A 17 1.61 8.37 11.12
N ALA A 18 1.15 7.83 9.94
CA ALA A 18 0.29 6.65 9.83
C ALA A 18 1.07 5.34 9.90
N ALA A 19 0.35 4.21 10.13
CA ALA A 19 0.93 2.87 10.28
C ALA A 19 0.54 1.99 9.10
N LEU A 20 1.51 1.69 8.22
CA LEU A 20 1.34 0.96 6.96
C LEU A 20 2.12 -0.34 6.85
N THR A 21 1.49 -1.51 6.61
CA THR A 21 2.16 -2.78 6.29
C THR A 21 1.80 -2.99 4.85
N LEU A 22 2.79 -3.21 3.96
CA LEU A 22 2.57 -3.57 2.57
C LEU A 22 3.35 -4.90 2.45
N SER A 23 2.69 -6.06 2.19
CA SER A 23 3.39 -7.33 2.31
C SER A 23 2.78 -8.41 1.44
N VAL A 24 3.65 -9.15 0.71
CA VAL A 24 3.44 -10.24 -0.23
C VAL A 24 4.68 -11.15 -0.12
N THR A 25 4.73 -12.32 -0.80
CA THR A 25 5.84 -13.30 -0.87
C THR A 25 6.48 -13.07 -2.23
N ALA A 26 7.85 -13.07 -2.41
CA ALA A 26 8.41 -12.74 -3.73
C ALA A 26 9.63 -13.48 -4.29
N THR A 27 9.51 -13.67 -5.62
CA THR A 27 10.41 -14.31 -6.57
C THR A 27 9.96 -13.69 -7.89
N GLY A 28 10.63 -13.94 -9.07
CA GLY A 28 10.23 -13.49 -10.42
C GLY A 28 9.05 -14.21 -11.07
N GLY A 29 7.98 -14.42 -10.27
CA GLY A 29 6.70 -15.02 -10.60
C GLY A 29 6.68 -16.51 -10.67
N THR A 30 7.56 -17.21 -9.91
CA THR A 30 7.55 -18.68 -9.79
C THR A 30 7.30 -19.00 -8.34
N GLY A 31 6.13 -19.57 -7.89
CA GLY A 31 5.69 -19.87 -6.50
C GLY A 31 5.25 -18.59 -5.79
N PRO A 32 6.18 -17.86 -5.16
CA PRO A 32 6.09 -16.44 -4.81
C PRO A 32 5.89 -15.43 -6.00
N TYR A 33 5.54 -14.17 -5.69
CA TYR A 33 5.03 -13.19 -6.66
C TYR A 33 5.97 -12.08 -7.20
N THR A 34 5.81 -11.71 -8.51
CA THR A 34 6.49 -10.59 -9.21
C THR A 34 5.47 -9.50 -9.32
N TYR A 35 5.85 -8.20 -9.27
CA TYR A 35 4.92 -7.11 -8.96
C TYR A 35 5.01 -5.73 -9.60
N ALA A 36 3.89 -4.99 -9.38
CA ALA A 36 3.64 -3.61 -9.69
C ALA A 36 2.88 -3.02 -8.50
N TRP A 37 3.42 -1.97 -7.81
CA TRP A 37 2.76 -1.33 -6.68
C TRP A 37 2.33 0.11 -7.01
N THR A 38 1.19 0.59 -6.43
CA THR A 38 0.79 2.01 -6.54
C THR A 38 -0.11 2.29 -5.36
N LYS A 39 -0.44 3.56 -5.12
CA LYS A 39 -1.38 3.86 -4.09
C LYS A 39 -2.18 5.01 -4.59
N ASP A 40 -3.47 4.86 -5.02
CA ASP A 40 -4.55 5.84 -4.75
C ASP A 40 -4.30 7.30 -4.65
N GLY A 41 -3.66 7.81 -5.74
CA GLY A 41 -3.17 9.16 -6.06
C GLY A 41 -1.75 9.54 -5.64
N SER A 42 -1.06 8.66 -4.89
CA SER A 42 0.23 8.84 -4.22
C SER A 42 1.36 7.82 -4.55
N PRO A 43 2.67 8.21 -4.55
CA PRO A 43 3.87 7.32 -4.69
C PRO A 43 4.06 6.32 -3.52
N ILE A 44 4.51 5.08 -3.75
CA ILE A 44 4.73 4.10 -2.69
C ILE A 44 6.22 4.01 -2.29
N PRO A 45 6.60 3.51 -1.07
CA PRO A 45 7.98 3.42 -0.56
C PRO A 45 8.90 2.47 -1.34
N ASP A 46 9.55 2.96 -2.41
CA ASP A 46 10.53 2.28 -3.28
C ASP A 46 9.93 1.26 -4.24
N ALA A 47 9.25 0.23 -3.65
CA ALA A 47 8.55 -0.89 -4.23
C ALA A 47 9.41 -1.95 -4.80
N SER A 48 8.74 -3.03 -5.27
CA SER A 48 9.34 -4.13 -5.99
C SER A 48 10.19 -5.05 -5.10
N GLY A 49 9.55 -5.68 -4.09
CA GLY A 49 10.28 -6.42 -3.07
C GLY A 49 9.64 -7.68 -2.60
N ALA A 50 8.70 -7.54 -1.64
CA ALA A 50 7.93 -8.61 -1.02
C ALA A 50 7.28 -8.01 0.21
N THR A 51 8.07 -7.54 1.21
CA THR A 51 7.49 -7.00 2.45
C THR A 51 8.19 -5.72 2.91
N TYR A 52 7.46 -4.58 2.84
CA TYR A 52 7.89 -3.25 3.32
C TYR A 52 6.85 -2.63 4.25
N THR A 53 7.29 -1.94 5.34
CA THR A 53 6.41 -1.28 6.31
C THR A 53 6.84 0.16 6.49
N LYS A 54 5.85 1.08 6.60
CA LYS A 54 5.94 2.51 6.81
C LYS A 54 5.32 2.76 8.21
N PRO A 55 6.12 2.91 9.29
CA PRO A 55 5.68 3.12 10.68
C PRO A 55 5.22 4.55 10.97
N THR A 56 5.56 5.49 10.09
CA THR A 56 5.21 6.88 10.20
C THR A 56 5.35 7.34 8.78
N ALA A 57 4.18 7.55 8.12
CA ALA A 57 4.01 8.04 6.77
C ALA A 57 3.93 9.58 6.74
N ALA A 58 4.67 10.22 5.79
CA ALA A 58 4.75 11.67 5.53
C ALA A 58 3.71 12.09 4.49
N ALA A 59 3.52 13.39 4.13
CA ALA A 59 2.44 13.88 3.24
C ALA A 59 2.18 13.16 1.89
N GLU A 60 3.27 12.90 1.09
CA GLU A 60 3.26 12.13 -0.17
C GLU A 60 3.01 10.62 0.01
N ASP A 61 3.02 10.18 1.30
CA ASP A 61 2.59 8.88 1.84
C ASP A 61 1.03 8.79 1.95
N ALA A 62 0.25 9.94 1.98
CA ALA A 62 -1.23 9.91 1.90
C ALA A 62 -1.97 9.45 0.59
N GLY A 63 -2.85 8.41 0.66
CA GLY A 63 -3.74 7.92 -0.43
C GLY A 63 -4.25 6.58 -0.07
N SER A 64 -4.63 5.81 -1.10
CA SER A 64 -4.96 4.40 -0.76
C SER A 64 -4.02 3.49 -1.53
N TYR A 65 -3.34 2.47 -0.92
CA TYR A 65 -2.29 1.59 -1.46
C TYR A 65 -2.85 0.31 -1.99
N LYS A 66 -2.39 -0.09 -3.20
CA LYS A 66 -2.90 -1.23 -3.94
C LYS A 66 -1.73 -1.88 -4.63
N VAL A 67 -1.82 -3.23 -4.72
CA VAL A 67 -0.73 -3.97 -5.40
C VAL A 67 -1.23 -5.03 -6.35
N THR A 68 -0.51 -5.21 -7.49
CA THR A 68 -0.66 -6.23 -8.54
C THR A 68 0.55 -7.14 -8.39
N VAL A 69 0.32 -8.46 -8.21
CA VAL A 69 1.31 -9.51 -7.98
C VAL A 69 1.03 -10.76 -8.84
N THR A 70 2.02 -11.34 -9.57
CA THR A 70 1.88 -12.51 -10.48
C THR A 70 2.73 -13.70 -10.07
N ASP A 71 2.19 -14.98 -10.06
CA ASP A 71 2.98 -16.21 -9.77
C ASP A 71 2.86 -17.26 -10.85
N SER A 72 3.46 -18.46 -10.56
CA SER A 72 3.85 -19.66 -11.30
C SER A 72 2.87 -20.32 -12.22
N LYS A 73 1.62 -19.82 -12.31
CA LYS A 73 0.77 -20.27 -13.44
C LYS A 73 0.75 -19.18 -14.51
N GLN A 74 1.59 -18.11 -14.27
CA GLN A 74 1.78 -16.81 -14.95
C GLN A 74 0.54 -15.96 -14.81
N VAL A 75 -0.01 -16.06 -13.58
CA VAL A 75 -1.30 -15.54 -13.17
C VAL A 75 -1.15 -14.44 -12.19
N SER A 76 -1.81 -13.29 -12.44
CA SER A 76 -1.77 -12.11 -11.59
C SER A 76 -2.92 -12.13 -10.57
N LYS A 77 -2.63 -11.70 -9.33
CA LYS A 77 -3.47 -11.47 -8.15
C LYS A 77 -3.33 -9.97 -7.87
N ASP A 78 -4.30 -9.35 -7.19
CA ASP A 78 -4.21 -7.96 -6.75
C ASP A 78 -4.57 -7.96 -5.27
N SER A 79 -3.89 -7.14 -4.42
CA SER A 79 -4.17 -7.04 -2.99
C SER A 79 -4.56 -5.61 -2.66
N THR A 80 -5.48 -5.58 -1.66
CA THR A 80 -6.46 -4.64 -1.13
C THR A 80 -6.01 -3.28 -0.76
N THR A 81 -6.95 -2.30 -0.93
CA THR A 81 -6.74 -0.90 -0.71
C THR A 81 -6.54 -0.59 0.77
N CYS A 82 -5.26 -0.21 1.09
CA CYS A 82 -4.81 0.16 2.42
C CYS A 82 -4.93 1.67 2.40
N ALA A 83 -5.89 2.27 3.14
CA ALA A 83 -6.17 3.71 3.06
C ALA A 83 -5.53 4.48 4.20
N VAL A 84 -4.54 5.32 3.86
CA VAL A 84 -3.81 6.13 4.82
C VAL A 84 -3.98 7.57 4.50
N THR A 85 -4.40 8.34 5.54
CA THR A 85 -4.47 9.80 5.37
C THR A 85 -3.35 10.27 6.26
N VAL A 86 -2.37 11.00 5.70
CA VAL A 86 -1.32 11.65 6.43
C VAL A 86 -1.21 13.04 5.81
N ASN A 87 -1.75 14.07 6.50
CA ASN A 87 -1.71 15.47 6.11
C ASN A 87 -0.73 16.21 7.02
N PRO A 88 -0.08 17.33 6.60
CA PRO A 88 0.57 18.36 7.43
C PRO A 88 -0.49 19.11 8.26
N THR A 89 -0.13 19.92 9.31
CA THR A 89 -1.12 20.60 10.19
C THR A 89 -1.85 21.67 9.38
N VAL A 90 -3.19 21.64 9.54
CA VAL A 90 -4.11 21.48 8.40
C VAL A 90 -4.28 22.58 7.31
N PRO A 91 -3.87 22.27 6.02
CA PRO A 91 -4.08 23.09 4.82
C PRO A 91 -5.57 23.29 4.45
N GLY A 92 -5.91 24.39 3.72
CA GLY A 92 -7.26 24.86 3.33
C GLY A 92 -8.17 23.98 2.48
N GLY A 93 -8.26 22.68 2.84
CA GLY A 93 -9.11 21.65 2.23
C GLY A 93 -10.42 21.48 2.95
N LEU A 94 -10.51 22.04 4.19
CA LEU A 94 -11.69 22.03 5.05
C LEU A 94 -12.59 23.23 4.78
N GLU A 95 -12.00 24.36 4.30
CA GLU A 95 -12.63 25.63 3.91
C GLU A 95 -13.23 26.48 5.04
N HIS A 96 -14.07 25.86 5.90
CA HIS A 96 -14.76 26.41 7.05
C HIS A 96 -13.86 26.42 8.30
N ALA A 1 -14.20 -2.48 -0.84
CA ALA A 1 -14.82 -2.60 0.46
C ALA A 1 -14.57 -4.00 0.99
N LEU A 2 -14.42 -4.99 0.08
CA LEU A 2 -14.12 -6.38 0.36
C LEU A 2 -12.68 -6.64 -0.05
N THR A 3 -11.81 -7.09 0.90
CA THR A 3 -10.41 -7.43 0.74
C THR A 3 -10.26 -8.92 0.50
N LEU A 4 -9.04 -9.42 0.16
CA LEU A 4 -8.84 -10.87 0.03
C LEU A 4 -8.64 -11.47 1.44
N SER A 5 -9.69 -12.08 2.08
CA SER A 5 -9.67 -12.43 3.53
C SER A 5 -9.44 -11.22 4.49
N LYS A 6 -8.15 -10.82 4.61
CA LYS A 6 -7.57 -9.62 5.20
C LYS A 6 -6.54 -9.09 4.19
N ASP A 7 -6.49 -7.76 4.05
CA ASP A 7 -5.61 -6.88 3.29
C ASP A 7 -4.33 -6.59 4.07
N LEU A 8 -3.38 -5.93 3.38
CA LEU A 8 -2.21 -5.37 4.04
C LEU A 8 -2.59 -4.13 4.95
N THR A 9 -3.57 -3.27 4.63
CA THR A 9 -4.10 -2.18 5.45
C THR A 9 -5.34 -1.77 4.65
N ALA A 10 -6.20 -0.87 5.20
CA ALA A 10 -7.39 -0.32 4.57
C ALA A 10 -7.43 1.22 4.56
N SER A 11 -7.14 1.92 5.68
CA SER A 11 -7.10 3.39 5.67
C SER A 11 -6.63 4.04 6.97
N MET A 12 -5.81 5.15 6.89
CA MET A 12 -5.70 6.10 7.99
C MET A 12 -5.99 7.53 7.49
N SER A 13 -6.78 8.37 8.25
CA SER A 13 -6.90 9.80 7.88
C SER A 13 -6.28 10.62 8.98
N VAL A 14 -5.16 11.29 8.64
CA VAL A 14 -4.30 11.98 9.59
C VAL A 14 -3.56 13.18 8.98
N GLU A 15 -2.83 13.93 9.85
CA GLU A 15 -1.70 14.82 9.53
C GLU A 15 -0.45 13.90 9.44
N GLU A 16 0.56 14.11 8.55
CA GLU A 16 1.73 13.20 8.27
C GLU A 16 2.44 12.55 9.48
N GLY A 17 2.49 11.19 9.38
CA GLY A 17 2.60 10.24 10.47
C GLY A 17 1.42 9.28 10.43
N ALA A 18 1.16 8.63 9.24
CA ALA A 18 0.12 7.59 9.05
C ALA A 18 0.70 6.21 9.31
N ALA A 19 -0.20 5.22 9.55
CA ALA A 19 0.18 3.84 9.92
C ALA A 19 -0.18 2.93 8.78
N LEU A 20 0.84 2.64 7.95
CA LEU A 20 0.73 1.96 6.67
C LEU A 20 1.51 0.66 6.50
N THR A 21 0.84 -0.52 6.32
CA THR A 21 1.48 -1.85 6.14
C THR A 21 1.19 -2.27 4.74
N LEU A 22 2.24 -2.72 3.99
CA LEU A 22 2.12 -3.25 2.65
C LEU A 22 2.85 -4.59 2.69
N SER A 23 2.19 -5.76 2.51
CA SER A 23 2.87 -7.04 2.69
C SER A 23 2.28 -8.13 1.81
N VAL A 24 3.15 -8.93 1.14
CA VAL A 24 2.88 -10.07 0.26
C VAL A 24 4.11 -10.99 0.42
N THR A 25 4.15 -12.24 -0.14
CA THR A 25 5.33 -13.14 -0.09
C THR A 25 5.97 -13.05 -1.49
N ALA A 26 7.32 -13.04 -1.64
CA ALA A 26 7.93 -12.81 -2.95
C ALA A 26 9.15 -13.62 -3.36
N THR A 27 9.14 -13.89 -4.69
CA THR A 27 10.09 -14.62 -5.50
C THR A 27 9.79 -14.07 -6.90
N GLY A 28 10.54 -14.39 -7.99
CA GLY A 28 10.27 -13.97 -9.38
C GLY A 28 9.13 -14.65 -10.13
N GLY A 29 7.98 -14.83 -9.42
CA GLY A 29 6.71 -15.37 -9.91
C GLY A 29 6.57 -16.87 -9.89
N THR A 30 7.37 -17.58 -9.06
CA THR A 30 7.32 -19.03 -8.87
C THR A 30 6.94 -19.29 -7.43
N GLY A 31 5.74 -19.84 -7.02
CA GLY A 31 5.24 -20.04 -5.64
C GLY A 31 4.78 -18.72 -5.04
N PRO A 32 5.64 -17.98 -4.33
CA PRO A 32 5.53 -16.54 -4.03
C PRO A 32 5.53 -15.58 -5.26
N TYR A 33 5.16 -14.29 -5.04
CA TYR A 33 4.81 -13.32 -6.05
C TYR A 33 5.85 -12.29 -6.57
N THR A 34 5.81 -11.96 -7.91
CA THR A 34 6.62 -10.92 -8.59
C THR A 34 5.67 -9.76 -8.79
N TYR A 35 6.14 -8.51 -8.63
CA TYR A 35 5.26 -7.36 -8.42
C TYR A 35 5.46 -6.04 -9.16
N ALA A 36 4.30 -5.35 -9.22
CA ALA A 36 4.09 -4.00 -9.68
C ALA A 36 3.17 -3.37 -8.64
N TRP A 37 3.68 -2.38 -7.86
CA TRP A 37 2.92 -1.68 -6.84
C TRP A 37 2.73 -0.26 -7.31
N THR A 38 1.61 0.40 -6.94
CA THR A 38 1.50 1.85 -7.09
C THR A 38 0.42 2.27 -6.17
N LYS A 39 0.25 3.58 -5.96
CA LYS A 39 -0.84 4.07 -5.20
C LYS A 39 -1.58 5.01 -6.05
N ASP A 40 -2.93 4.95 -6.30
CA ASP A 40 -3.81 6.12 -5.99
C ASP A 40 -3.37 7.54 -6.08
N GLY A 41 -2.77 7.88 -7.27
CA GLY A 41 -2.02 9.06 -7.75
C GLY A 41 -0.60 9.34 -7.24
N SER A 42 -0.04 8.46 -6.38
CA SER A 42 1.19 8.58 -5.58
C SER A 42 2.35 7.54 -5.63
N PRO A 43 3.67 7.85 -5.44
CA PRO A 43 4.82 6.89 -5.35
C PRO A 43 4.80 5.94 -4.13
N ILE A 44 5.34 4.72 -4.24
CA ILE A 44 5.42 3.77 -3.13
C ILE A 44 6.88 3.57 -2.65
N PRO A 45 7.11 3.19 -1.37
CA PRO A 45 8.44 2.98 -0.76
C PRO A 45 9.21 1.75 -1.30
N ASP A 46 10.03 1.94 -2.38
CA ASP A 46 10.93 0.95 -3.01
C ASP A 46 10.22 -0.07 -3.91
N ALA A 47 9.18 -0.72 -3.34
CA ALA A 47 8.22 -1.63 -3.91
C ALA A 47 8.63 -3.07 -4.00
N SER A 48 9.68 -3.23 -4.80
CA SER A 48 10.39 -4.39 -5.29
C SER A 48 10.98 -5.36 -4.28
N GLY A 49 10.12 -5.88 -3.37
CA GLY A 49 10.54 -6.72 -2.27
C GLY A 49 9.65 -7.82 -1.85
N ALA A 50 8.57 -7.50 -1.10
CA ALA A 50 7.61 -8.45 -0.54
C ALA A 50 6.85 -7.80 0.59
N THR A 51 7.55 -7.32 1.64
CA THR A 51 6.92 -6.72 2.82
C THR A 51 7.63 -5.45 3.24
N TYR A 52 6.94 -4.29 3.08
CA TYR A 52 7.39 -2.98 3.51
C TYR A 52 6.34 -2.31 4.39
N THR A 53 6.77 -1.63 5.48
CA THR A 53 5.87 -0.89 6.35
C THR A 53 6.39 0.51 6.58
N LYS A 54 5.43 1.47 6.60
CA LYS A 54 5.52 2.89 6.84
C LYS A 54 4.81 3.14 8.18
N PRO A 55 5.54 3.27 9.30
CA PRO A 55 5.02 3.62 10.63
C PRO A 55 4.69 5.11 10.78
N THR A 56 5.17 5.94 9.83
CA THR A 56 4.92 7.36 9.79
C THR A 56 5.24 7.75 8.35
N ALA A 57 4.16 7.90 7.56
CA ALA A 57 4.13 8.32 6.17
C ALA A 57 3.98 9.84 6.04
N ALA A 58 4.82 10.48 5.16
CA ALA A 58 4.89 11.90 4.78
C ALA A 58 3.97 12.20 3.59
N ALA A 59 3.77 13.48 3.14
CA ALA A 59 2.83 13.89 2.07
C ALA A 59 2.81 13.09 0.75
N GLU A 60 4.01 12.79 0.18
CA GLU A 60 4.21 11.94 -1.02
C GLU A 60 3.87 10.43 -0.83
N ASP A 61 3.80 10.03 0.47
CA ASP A 61 3.35 8.77 1.08
C ASP A 61 1.81 8.75 1.25
N ALA A 62 1.07 9.92 1.18
CA ALA A 62 -0.40 9.94 0.97
C ALA A 62 -0.90 9.40 -0.41
N GLY A 63 -2.17 8.92 -0.50
CA GLY A 63 -2.87 8.45 -1.71
C GLY A 63 -3.60 7.26 -1.33
N SER A 64 -3.90 6.43 -2.35
CA SER A 64 -4.40 5.08 -1.94
C SER A 64 -3.45 4.06 -2.49
N TYR A 65 -3.01 3.00 -1.73
CA TYR A 65 -1.97 2.01 -2.06
C TYR A 65 -2.58 0.74 -2.58
N LYS A 66 -1.99 0.18 -3.69
CA LYS A 66 -2.49 -1.00 -4.39
C LYS A 66 -1.34 -1.80 -4.95
N VAL A 67 -1.59 -3.13 -5.12
CA VAL A 67 -0.55 -3.99 -5.74
C VAL A 67 -1.07 -5.08 -6.66
N THR A 68 -0.35 -5.30 -7.80
CA THR A 68 -0.47 -6.31 -8.86
C THR A 68 0.71 -7.26 -8.67
N VAL A 69 0.40 -8.52 -8.24
CA VAL A 69 1.36 -9.53 -7.86
C VAL A 69 1.13 -10.83 -8.60
N THR A 70 2.09 -11.30 -9.43
CA THR A 70 1.98 -12.54 -10.24
C THR A 70 2.74 -13.73 -9.69
N ASP A 71 2.11 -14.95 -9.57
CA ASP A 71 2.79 -16.21 -9.17
C ASP A 71 2.57 -17.30 -10.19
N SER A 72 3.17 -18.50 -9.90
CA SER A 72 3.42 -19.75 -10.60
C SER A 72 2.30 -20.46 -11.32
N LYS A 73 1.08 -19.86 -11.37
CA LYS A 73 0.06 -20.33 -12.30
C LYS A 73 0.01 -19.33 -13.47
N GLN A 74 0.97 -18.34 -13.41
CA GLN A 74 1.22 -17.14 -14.21
C GLN A 74 0.11 -16.12 -14.10
N VAL A 75 -0.35 -16.05 -12.83
CA VAL A 75 -1.53 -15.32 -12.41
C VAL A 75 -1.18 -14.16 -11.55
N SER A 76 -1.63 -12.95 -11.97
CA SER A 76 -1.47 -11.66 -11.35
C SER A 76 -2.69 -11.49 -10.46
N LYS A 77 -2.44 -11.28 -9.17
CA LYS A 77 -3.37 -11.19 -8.08
C LYS A 77 -3.21 -9.78 -7.61
N ASP A 78 -4.22 -9.24 -6.91
CA ASP A 78 -4.20 -7.86 -6.46
C ASP A 78 -4.51 -7.80 -4.99
N SER A 79 -3.78 -6.89 -4.30
CA SER A 79 -4.07 -6.53 -2.92
C SER A 79 -4.49 -5.08 -2.90
N THR A 80 -5.53 -4.90 -2.03
CA THR A 80 -6.55 -3.91 -1.75
C THR A 80 -6.11 -2.51 -1.48
N THR A 81 -6.98 -1.52 -1.88
CA THR A 81 -6.72 -0.09 -1.81
C THR A 81 -6.69 0.37 -0.37
N CYS A 82 -5.47 0.74 0.08
CA CYS A 82 -5.20 1.19 1.43
C CYS A 82 -5.12 2.69 1.32
N ALA A 83 -6.10 3.45 1.85
CA ALA A 83 -6.12 4.90 1.69
C ALA A 83 -5.49 5.64 2.88
N VAL A 84 -4.36 6.34 2.62
CA VAL A 84 -3.72 7.12 3.66
C VAL A 84 -3.77 8.56 3.26
N THR A 85 -4.26 9.39 4.21
CA THR A 85 -4.37 10.83 4.00
C THR A 85 -3.42 11.33 5.03
N VAL A 86 -2.41 12.11 4.58
CA VAL A 86 -1.41 12.70 5.43
C VAL A 86 -1.30 14.15 5.00
N ASN A 87 -1.89 15.06 5.83
CA ASN A 87 -1.94 16.50 5.65
C ASN A 87 -0.72 17.15 6.33
N PRO A 88 -0.29 18.37 5.98
CA PRO A 88 0.46 19.29 6.85
C PRO A 88 -0.49 19.77 7.97
N THR A 89 -0.02 20.38 9.09
CA THR A 89 -0.87 20.72 10.25
C THR A 89 -1.86 21.83 9.86
N VAL A 90 -3.14 21.59 10.28
CA VAL A 90 -4.27 21.59 9.37
C VAL A 90 -4.71 22.87 8.63
N PRO A 91 -4.45 22.93 7.26
CA PRO A 91 -5.01 23.92 6.33
C PRO A 91 -6.54 23.83 6.21
N GLY A 92 -7.29 24.94 6.49
CA GLY A 92 -8.75 25.09 6.38
C GLY A 92 -9.59 24.35 7.40
N GLY A 93 -9.62 23.00 7.26
CA GLY A 93 -10.31 22.04 8.09
C GLY A 93 -9.88 20.75 7.50
N LEU A 94 -9.96 19.64 8.28
CA LEU A 94 -9.49 18.31 7.90
C LEU A 94 -10.59 17.41 7.35
N GLU A 95 -11.87 17.89 7.37
CA GLU A 95 -13.13 17.25 6.96
C GLU A 95 -13.61 16.13 7.88
N HIS A 96 -12.67 15.21 8.18
CA HIS A 96 -12.72 14.01 9.01
C HIS A 96 -12.47 14.30 10.48
N ALA A 1 -14.16 -2.56 1.83
CA ALA A 1 -15.12 -3.54 1.44
C ALA A 1 -14.62 -4.89 1.89
N LEU A 2 -14.60 -5.89 0.97
CA LEU A 2 -14.11 -7.24 1.21
C LEU A 2 -12.72 -7.36 0.58
N THR A 3 -11.71 -7.65 1.43
CA THR A 3 -10.31 -7.85 1.14
C THR A 3 -10.01 -9.33 0.96
N LEU A 4 -8.78 -9.74 0.54
CA LEU A 4 -8.50 -11.18 0.52
C LEU A 4 -8.20 -11.71 1.94
N SER A 5 -9.19 -12.33 2.63
CA SER A 5 -9.14 -12.67 4.08
C SER A 5 -8.93 -11.46 5.02
N LYS A 6 -7.65 -11.00 5.11
CA LYS A 6 -7.13 -9.74 5.61
C LYS A 6 -6.13 -9.26 4.57
N ASP A 7 -6.15 -7.95 4.32
CA ASP A 7 -5.34 -7.09 3.46
C ASP A 7 -4.05 -6.70 4.16
N LEU A 8 -3.15 -6.01 3.42
CA LEU A 8 -1.99 -5.40 4.04
C LEU A 8 -2.37 -4.17 4.96
N THR A 9 -3.38 -3.32 4.70
CA THR A 9 -3.85 -2.25 5.58
C THR A 9 -5.13 -1.82 4.89
N ALA A 10 -5.96 -0.93 5.49
CA ALA A 10 -7.16 -0.39 4.91
C ALA A 10 -7.17 1.14 5.02
N SER A 11 -6.85 1.73 6.20
CA SER A 11 -6.92 3.18 6.32
C SER A 11 -6.34 3.83 7.58
N MET A 12 -5.40 4.83 7.48
CA MET A 12 -5.11 5.78 8.56
C MET A 12 -5.11 7.21 8.00
N SER A 13 -6.03 8.09 8.50
CA SER A 13 -6.06 9.50 8.09
C SER A 13 -5.64 10.36 9.29
N VAL A 14 -4.48 11.03 9.09
CA VAL A 14 -3.70 11.75 10.11
C VAL A 14 -2.93 12.94 9.53
N GLU A 15 -2.28 13.75 10.42
CA GLU A 15 -1.16 14.67 10.16
C GLU A 15 0.12 13.79 9.95
N GLU A 16 1.13 14.08 9.07
CA GLU A 16 2.27 13.16 8.73
C GLU A 16 2.97 12.40 9.87
N GLY A 17 2.94 11.05 9.67
CA GLY A 17 3.07 10.04 10.69
C GLY A 17 1.93 9.05 10.65
N ALA A 18 1.48 8.56 9.43
CA ALA A 18 0.51 7.47 9.29
C ALA A 18 1.17 6.10 9.42
N ALA A 19 0.33 5.05 9.61
CA ALA A 19 0.72 3.66 9.79
C ALA A 19 0.29 2.88 8.56
N LEU A 20 1.33 2.38 7.86
CA LEU A 20 1.30 1.66 6.60
C LEU A 20 1.89 0.27 6.65
N THR A 21 1.13 -0.85 6.48
CA THR A 21 1.72 -2.19 6.32
C THR A 21 1.45 -2.49 4.87
N LEU A 22 2.52 -2.82 4.08
CA LEU A 22 2.35 -3.28 2.72
C LEU A 22 3.09 -4.63 2.69
N SER A 23 2.41 -5.78 2.48
CA SER A 23 3.09 -7.07 2.61
C SER A 23 2.44 -8.14 1.76
N VAL A 24 3.27 -8.93 1.04
CA VAL A 24 2.99 -10.06 0.15
C VAL A 24 4.22 -10.96 0.27
N THR A 25 4.22 -12.17 -0.35
CA THR A 25 5.33 -13.15 -0.37
C THR A 25 5.96 -13.00 -1.76
N ALA A 26 7.31 -13.06 -1.94
CA ALA A 26 7.88 -12.79 -3.27
C ALA A 26 9.06 -13.60 -3.78
N THR A 27 8.96 -13.85 -5.11
CA THR A 27 9.85 -14.59 -5.99
C THR A 27 9.47 -14.02 -7.37
N GLY A 28 10.16 -14.36 -8.50
CA GLY A 28 9.81 -13.92 -9.89
C GLY A 28 8.62 -14.62 -10.56
N GLY A 29 7.51 -14.78 -9.81
CA GLY A 29 6.24 -15.38 -10.21
C GLY A 29 6.20 -16.89 -10.15
N THR A 30 7.13 -17.50 -9.38
CA THR A 30 7.23 -18.96 -9.17
C THR A 30 6.99 -19.25 -7.70
N GLY A 31 5.86 -19.89 -7.22
CA GLY A 31 5.39 -20.08 -5.83
C GLY A 31 4.84 -18.76 -5.27
N PRO A 32 5.65 -17.95 -4.58
CA PRO A 32 5.45 -16.52 -4.31
C PRO A 32 5.37 -15.56 -5.54
N TYR A 33 4.95 -14.29 -5.29
CA TYR A 33 4.55 -13.28 -6.27
C TYR A 33 5.56 -12.24 -6.83
N THR A 34 5.48 -11.90 -8.16
CA THR A 34 6.23 -10.84 -8.88
C THR A 34 5.25 -9.71 -9.05
N TYR A 35 5.69 -8.44 -9.04
CA TYR A 35 4.80 -7.32 -8.79
C TYR A 35 4.96 -5.98 -9.50
N ALA A 36 3.87 -5.20 -9.35
CA ALA A 36 3.74 -3.81 -9.74
C ALA A 36 2.90 -3.14 -8.66
N TRP A 37 3.46 -2.17 -7.86
CA TRP A 37 2.68 -1.50 -6.85
C TRP A 37 2.52 -0.05 -7.28
N THR A 38 1.44 0.65 -6.84
CA THR A 38 1.41 2.12 -6.90
C THR A 38 0.42 2.57 -5.86
N LYS A 39 0.58 3.82 -5.30
CA LYS A 39 -0.42 4.23 -4.34
C LYS A 39 -1.05 5.58 -4.59
N ASP A 40 -2.32 5.56 -5.09
CA ASP A 40 -3.39 6.55 -4.96
C ASP A 40 -3.05 7.96 -4.98
N GLY A 41 -2.35 8.33 -6.11
CA GLY A 41 -1.74 9.60 -6.52
C GLY A 41 -0.24 9.70 -6.38
N SER A 42 0.35 8.79 -5.58
CA SER A 42 1.69 8.76 -5.00
C SER A 42 2.60 7.51 -5.28
N PRO A 43 3.97 7.65 -5.33
CA PRO A 43 4.99 6.55 -5.41
C PRO A 43 4.99 5.53 -4.23
N ILE A 44 5.44 4.24 -4.35
CA ILE A 44 5.55 3.34 -3.18
C ILE A 44 6.97 3.35 -2.58
N PRO A 45 7.23 2.85 -1.33
CA PRO A 45 8.53 2.76 -0.68
C PRO A 45 9.46 1.76 -1.36
N ASP A 46 10.26 2.29 -2.32
CA ASP A 46 11.23 1.60 -3.16
C ASP A 46 10.54 0.88 -4.32
N ALA A 47 9.74 -0.17 -3.99
CA ALA A 47 8.99 -1.04 -4.89
C ALA A 47 9.78 -2.20 -5.33
N SER A 48 9.03 -3.29 -5.56
CA SER A 48 9.54 -4.54 -6.04
C SER A 48 10.32 -5.35 -5.03
N GLY A 49 9.63 -5.77 -3.94
CA GLY A 49 10.23 -6.54 -2.89
C GLY A 49 9.43 -7.67 -2.39
N ALA A 50 8.42 -7.35 -1.54
CA ALA A 50 7.54 -8.31 -0.88
C ALA A 50 6.90 -7.66 0.31
N THR A 51 7.70 -7.15 1.28
CA THR A 51 7.17 -6.60 2.52
C THR A 51 7.91 -5.37 3.00
N TYR A 52 7.19 -4.22 2.97
CA TYR A 52 7.65 -2.94 3.51
C TYR A 52 6.59 -2.40 4.45
N THR A 53 6.97 -1.81 5.59
CA THR A 53 6.04 -1.14 6.50
C THR A 53 6.63 0.22 6.79
N LYS A 54 5.77 1.28 6.81
CA LYS A 54 6.13 2.64 7.21
C LYS A 54 5.35 2.90 8.51
N PRO A 55 6.01 3.07 9.68
CA PRO A 55 5.41 3.43 10.98
C PRO A 55 5.05 4.93 11.07
N THR A 56 5.58 5.74 10.14
CA THR A 56 5.40 7.15 10.05
C THR A 56 5.80 7.50 8.63
N ALA A 57 4.76 7.80 7.81
CA ALA A 57 4.82 8.22 6.41
C ALA A 57 4.94 9.75 6.23
N ALA A 58 5.86 10.19 5.31
CA ALA A 58 6.10 11.57 4.87
C ALA A 58 5.19 11.93 3.66
N ALA A 59 5.18 13.18 3.11
CA ALA A 59 4.27 13.66 2.06
C ALA A 59 4.08 12.78 0.80
N GLU A 60 5.19 12.31 0.18
CA GLU A 60 5.25 11.37 -0.95
C GLU A 60 4.71 9.96 -0.63
N ASP A 61 4.60 9.66 0.69
CA ASP A 61 4.01 8.50 1.38
C ASP A 61 2.47 8.67 1.56
N ALA A 62 1.88 9.91 1.49
CA ALA A 62 0.41 10.05 1.29
C ALA A 62 -0.23 9.53 -0.04
N GLY A 63 -1.34 8.75 0.08
CA GLY A 63 -2.27 8.36 -0.99
C GLY A 63 -2.98 7.18 -0.54
N SER A 64 -3.51 6.46 -1.54
CA SER A 64 -4.06 5.12 -1.13
C SER A 64 -3.26 4.05 -1.83
N TYR A 65 -2.84 2.93 -1.18
CA TYR A 65 -1.92 1.93 -1.73
C TYR A 65 -2.61 0.74 -2.33
N LYS A 66 -2.15 0.36 -3.56
CA LYS A 66 -2.76 -0.68 -4.36
C LYS A 66 -1.66 -1.48 -4.98
N VAL A 67 -1.89 -2.83 -5.06
CA VAL A 67 -0.84 -3.66 -5.68
C VAL A 67 -1.37 -4.80 -6.54
N THR A 68 -0.64 -5.04 -7.69
CA THR A 68 -0.82 -6.12 -8.68
C THR A 68 0.33 -7.10 -8.50
N VAL A 69 0.04 -8.37 -8.16
CA VAL A 69 0.98 -9.40 -7.80
C VAL A 69 0.74 -10.70 -8.55
N THR A 70 1.70 -11.20 -9.38
CA THR A 70 1.55 -12.43 -10.19
C THR A 70 2.35 -13.63 -9.73
N ASP A 71 1.72 -14.84 -9.56
CA ASP A 71 2.44 -16.09 -9.22
C ASP A 71 2.20 -17.20 -10.21
N SER A 72 2.79 -18.39 -9.90
CA SER A 72 3.02 -19.64 -10.60
C SER A 72 1.91 -20.37 -11.31
N LYS A 73 0.69 -19.79 -11.36
CA LYS A 73 -0.32 -20.29 -12.30
C LYS A 73 -0.33 -19.30 -13.49
N GLN A 74 0.61 -18.30 -13.44
CA GLN A 74 0.90 -17.12 -14.26
C GLN A 74 -0.24 -16.12 -14.14
N VAL A 75 -0.72 -16.02 -12.86
CA VAL A 75 -1.91 -15.32 -12.42
C VAL A 75 -1.61 -14.14 -11.56
N SER A 76 -2.11 -12.95 -11.99
CA SER A 76 -1.95 -11.67 -11.36
C SER A 76 -3.11 -11.49 -10.41
N LYS A 77 -2.83 -11.24 -9.11
CA LYS A 77 -3.77 -11.09 -8.02
C LYS A 77 -3.56 -9.67 -7.59
N ASP A 78 -4.56 -9.07 -6.93
CA ASP A 78 -4.49 -7.69 -6.53
C ASP A 78 -4.87 -7.54 -5.08
N SER A 79 -4.25 -6.57 -4.37
CA SER A 79 -4.61 -6.24 -3.02
C SER A 79 -4.98 -4.77 -2.94
N THR A 80 -6.00 -4.61 -2.05
CA THR A 80 -6.95 -3.57 -1.63
C THR A 80 -6.31 -2.29 -1.20
N THR A 81 -7.05 -1.18 -1.46
CA THR A 81 -6.62 0.18 -1.28
C THR A 81 -6.45 0.51 0.20
N CYS A 82 -5.13 0.68 0.57
CA CYS A 82 -4.70 0.98 1.94
C CYS A 82 -4.62 2.50 1.95
N ALA A 83 -5.52 3.23 2.63
CA ALA A 83 -5.56 4.68 2.54
C ALA A 83 -4.79 5.33 3.66
N VAL A 84 -3.64 5.95 3.34
CA VAL A 84 -2.82 6.61 4.35
C VAL A 84 -2.71 8.02 3.89
N THR A 85 -3.32 8.90 4.72
CA THR A 85 -3.37 10.31 4.36
C THR A 85 -2.67 10.99 5.48
N VAL A 86 -1.60 11.74 5.10
CA VAL A 86 -0.76 12.44 5.99
C VAL A 86 -0.85 13.90 5.59
N ASN A 87 -1.58 14.69 6.42
CA ASN A 87 -1.82 16.11 6.27
C ASN A 87 -0.63 16.94 6.85
N PRO A 88 -0.42 18.19 6.37
CA PRO A 88 0.25 19.28 7.10
C PRO A 88 -0.69 19.73 8.25
N THR A 89 -0.28 20.52 9.28
CA THR A 89 -1.13 20.78 10.46
C THR A 89 -2.35 21.63 10.06
N VAL A 90 -3.52 21.14 10.57
CA VAL A 90 -4.68 20.85 9.73
C VAL A 90 -5.46 21.99 9.01
N PRO A 91 -5.41 22.00 7.63
CA PRO A 91 -6.19 22.86 6.74
C PRO A 91 -7.73 22.69 6.82
N GLY A 92 -8.49 23.78 6.52
CA GLY A 92 -9.96 23.89 6.51
C GLY A 92 -10.66 23.15 5.39
N GLY A 93 -10.82 21.83 5.62
CA GLY A 93 -11.40 20.87 4.70
C GLY A 93 -11.99 19.76 5.50
N LEU A 94 -11.56 18.48 5.25
CA LEU A 94 -11.97 17.23 5.90
C LEU A 94 -13.42 16.80 5.71
N GLU A 95 -14.34 17.59 6.33
CA GLU A 95 -15.79 17.45 6.36
C GLU A 95 -16.43 18.55 5.51
N HIS A 96 -15.63 19.60 5.19
CA HIS A 96 -15.99 20.78 4.42
C HIS A 96 -15.38 20.67 3.02
N ALA A 1 -14.43 -2.56 -1.14
CA ALA A 1 -14.65 -2.68 0.28
C ALA A 1 -14.39 -4.12 0.71
N LEU A 2 -14.33 -5.05 -0.26
CA LEU A 2 -14.05 -6.47 -0.07
C LEU A 2 -12.65 -6.71 -0.55
N THR A 3 -11.75 -7.14 0.38
CA THR A 3 -10.36 -7.42 0.21
C THR A 3 -10.13 -8.88 -0.09
N LEU A 4 -8.87 -9.29 -0.42
CA LEU A 4 -8.56 -10.72 -0.51
C LEU A 4 -8.48 -11.35 0.90
N SER A 5 -9.53 -12.03 1.44
CA SER A 5 -9.55 -12.49 2.87
C SER A 5 -9.41 -11.35 3.95
N LYS A 6 -8.15 -10.87 4.11
CA LYS A 6 -7.62 -9.71 4.80
C LYS A 6 -6.65 -9.03 3.84
N ASP A 7 -6.66 -7.68 3.87
CA ASP A 7 -5.92 -6.69 3.11
C ASP A 7 -4.54 -6.50 3.69
N LEU A 8 -3.68 -5.75 2.96
CA LEU A 8 -2.45 -5.31 3.58
C LEU A 8 -2.71 -4.17 4.64
N THR A 9 -3.67 -3.27 4.44
CA THR A 9 -4.13 -2.21 5.36
C THR A 9 -5.35 -1.69 4.61
N ALA A 10 -6.12 -0.67 5.11
CA ALA A 10 -7.22 -0.10 4.37
C ALA A 10 -7.41 1.43 4.41
N SER A 11 -7.29 2.13 5.55
CA SER A 11 -7.70 3.55 5.62
C SER A 11 -7.18 4.33 6.83
N MET A 12 -6.08 5.14 6.69
CA MET A 12 -5.66 6.10 7.69
C MET A 12 -5.67 7.51 7.09
N SER A 13 -6.52 8.41 7.66
CA SER A 13 -6.60 9.81 7.28
C SER A 13 -6.17 10.62 8.49
N VAL A 14 -5.03 11.30 8.28
CA VAL A 14 -4.27 12.02 9.29
C VAL A 14 -3.52 13.20 8.67
N GLU A 15 -2.86 14.04 9.50
CA GLU A 15 -1.75 14.93 9.14
C GLU A 15 -0.50 14.03 8.83
N GLU A 16 0.42 14.30 7.87
CA GLU A 16 1.51 13.35 7.41
C GLU A 16 2.29 12.58 8.49
N GLY A 17 2.21 11.25 8.30
CA GLY A 17 2.34 10.24 9.32
C GLY A 17 1.10 9.38 9.31
N ALA A 18 0.70 8.89 8.09
CA ALA A 18 -0.39 7.93 7.87
C ALA A 18 0.21 6.54 7.80
N ALA A 19 -0.49 5.56 8.43
CA ALA A 19 0.01 4.23 8.71
C ALA A 19 -0.31 3.15 7.68
N LEU A 20 0.77 2.57 7.12
CA LEU A 20 0.81 1.50 6.12
C LEU A 20 1.54 0.24 6.48
N THR A 21 0.88 -0.92 6.30
CA THR A 21 1.41 -2.28 6.33
C THR A 21 1.15 -2.71 4.91
N LEU A 22 2.22 -3.02 4.13
CA LEU A 22 2.13 -3.44 2.74
C LEU A 22 2.76 -4.79 2.71
N SER A 23 1.96 -5.83 2.39
CA SER A 23 2.46 -7.18 2.58
C SER A 23 1.82 -8.24 1.70
N VAL A 24 2.68 -9.06 1.06
CA VAL A 24 2.44 -10.21 0.18
C VAL A 24 3.68 -11.10 0.41
N THR A 25 3.81 -12.35 -0.12
CA THR A 25 5.04 -13.19 0.00
C THR A 25 5.75 -13.12 -1.35
N ALA A 26 7.12 -13.05 -1.43
CA ALA A 26 7.83 -12.87 -2.69
C ALA A 26 9.06 -13.72 -3.00
N THR A 27 9.15 -14.02 -4.31
CA THR A 27 10.14 -14.78 -5.07
C THR A 27 9.94 -14.23 -6.48
N GLY A 28 10.74 -14.59 -7.52
CA GLY A 28 10.57 -14.17 -8.94
C GLY A 28 9.49 -14.88 -9.74
N GLY A 29 8.31 -15.05 -9.10
CA GLY A 29 7.09 -15.67 -9.64
C GLY A 29 7.04 -17.16 -9.56
N THR A 30 7.81 -17.81 -8.65
CA THR A 30 7.74 -19.26 -8.43
C THR A 30 7.31 -19.48 -7.00
N GLY A 31 6.08 -19.99 -6.66
CA GLY A 31 5.49 -20.20 -5.31
C GLY A 31 4.96 -18.88 -4.78
N PRO A 32 5.75 -18.10 -4.03
CA PRO A 32 5.58 -16.66 -3.79
C PRO A 32 5.61 -15.72 -5.04
N TYR A 33 5.20 -14.45 -4.89
CA TYR A 33 4.89 -13.51 -5.97
C TYR A 33 5.94 -12.45 -6.41
N THR A 34 5.99 -12.12 -7.75
CA THR A 34 6.82 -11.06 -8.37
C THR A 34 5.86 -9.93 -8.62
N TYR A 35 6.29 -8.68 -8.38
CA TYR A 35 5.46 -7.49 -8.27
C TYR A 35 5.54 -6.37 -9.28
N ALA A 36 4.35 -5.73 -9.44
CA ALA A 36 4.15 -4.44 -10.03
C ALA A 36 3.20 -3.76 -9.03
N TRP A 37 3.71 -2.72 -8.30
CA TRP A 37 2.96 -1.95 -7.32
C TRP A 37 2.79 -0.52 -7.85
N THR A 38 1.69 0.16 -7.45
CA THR A 38 1.55 1.62 -7.62
C THR A 38 0.70 2.03 -6.47
N LYS A 39 0.58 3.34 -6.24
CA LYS A 39 -0.31 3.80 -5.22
C LYS A 39 -0.97 5.01 -5.79
N ASP A 40 -2.27 4.98 -6.24
CA ASP A 40 -3.25 6.07 -6.08
C ASP A 40 -2.86 7.49 -6.10
N GLY A 41 -2.14 7.86 -7.20
CA GLY A 41 -1.49 9.12 -7.58
C GLY A 41 -0.02 9.32 -7.25
N SER A 42 0.55 8.42 -6.41
CA SER A 42 1.84 8.41 -5.73
C SER A 42 2.86 7.24 -5.91
N PRO A 43 4.22 7.47 -5.85
CA PRO A 43 5.30 6.44 -5.80
C PRO A 43 5.29 5.54 -4.55
N ILE A 44 5.73 4.25 -4.63
CA ILE A 44 5.70 3.31 -3.50
C ILE A 44 7.08 2.99 -2.88
N PRO A 45 7.18 2.44 -1.63
CA PRO A 45 8.43 2.13 -0.93
C PRO A 45 9.18 0.90 -1.47
N ASP A 46 10.08 1.11 -2.47
CA ASP A 46 10.98 0.14 -3.10
C ASP A 46 10.31 -0.68 -4.19
N ALA A 47 9.17 -1.34 -3.84
CA ALA A 47 8.28 -2.17 -4.65
C ALA A 47 8.63 -3.61 -4.64
N SER A 48 9.90 -3.83 -4.87
CA SER A 48 10.61 -5.06 -5.04
C SER A 48 10.89 -5.81 -3.74
N GLY A 49 9.83 -5.98 -2.88
CA GLY A 49 10.01 -6.33 -1.48
C GLY A 49 9.28 -7.43 -0.78
N ALA A 50 7.93 -7.58 -0.93
CA ALA A 50 7.11 -8.59 -0.26
C ALA A 50 6.39 -8.02 0.94
N THR A 51 7.10 -7.79 2.08
CA THR A 51 6.51 -7.27 3.31
C THR A 51 7.33 -6.10 3.86
N TYR A 52 6.78 -4.87 3.61
CA TYR A 52 7.30 -3.57 4.00
C TYR A 52 6.25 -2.75 4.74
N THR A 53 6.64 -1.99 5.78
CA THR A 53 5.70 -1.15 6.52
C THR A 53 6.29 0.25 6.57
N LYS A 54 5.38 1.24 6.39
CA LYS A 54 5.56 2.69 6.48
C LYS A 54 4.67 3.11 7.65
N PRO A 55 5.15 3.20 8.92
CA PRO A 55 4.35 3.66 10.08
C PRO A 55 4.01 5.17 9.99
N THR A 56 4.92 5.97 9.40
CA THR A 56 4.77 7.39 9.17
C THR A 56 5.06 7.60 7.70
N ALA A 57 3.99 7.81 6.90
CA ALA A 57 4.04 8.17 5.50
C ALA A 57 4.05 9.69 5.33
N ALA A 58 5.09 10.21 4.62
CA ALA A 58 5.29 11.61 4.24
C ALA A 58 4.51 11.87 2.96
N ALA A 59 4.34 13.12 2.45
CA ALA A 59 3.44 13.48 1.32
C ALA A 59 3.48 12.61 0.06
N GLU A 60 4.69 12.30 -0.48
CA GLU A 60 4.96 11.39 -1.60
C GLU A 60 4.56 9.92 -1.34
N ASP A 61 4.50 9.53 -0.05
CA ASP A 61 4.00 8.26 0.51
C ASP A 61 2.47 8.23 0.68
N ALA A 62 1.72 9.39 0.57
CA ALA A 62 0.25 9.33 0.52
C ALA A 62 -0.44 9.18 -0.86
N GLY A 63 -1.68 8.62 -0.82
CA GLY A 63 -2.57 8.28 -1.93
C GLY A 63 -3.19 7.03 -1.53
N SER A 64 -3.52 6.20 -2.53
CA SER A 64 -4.04 4.87 -2.10
C SER A 64 -3.21 3.83 -2.77
N TYR A 65 -2.82 2.73 -2.09
CA TYR A 65 -1.84 1.74 -2.54
C TYR A 65 -2.49 0.54 -3.16
N LYS A 66 -1.98 0.05 -4.33
CA LYS A 66 -2.60 -1.05 -5.06
C LYS A 66 -1.51 -1.88 -5.68
N VAL A 67 -1.73 -3.22 -5.71
CA VAL A 67 -0.67 -4.09 -6.25
C VAL A 67 -1.15 -5.29 -7.06
N THR A 68 -0.37 -5.63 -8.14
CA THR A 68 -0.46 -6.76 -9.08
C THR A 68 0.76 -7.63 -8.79
N VAL A 69 0.55 -8.92 -8.45
CA VAL A 69 1.57 -9.84 -8.00
C VAL A 69 1.43 -11.18 -8.72
N THR A 70 2.46 -11.64 -9.48
CA THR A 70 2.41 -12.90 -10.28
C THR A 70 3.18 -14.07 -9.70
N ASP A 71 2.58 -15.31 -9.63
CA ASP A 71 3.26 -16.54 -9.14
C ASP A 71 3.19 -17.67 -10.13
N SER A 72 3.68 -18.88 -9.70
CA SER A 72 4.04 -20.15 -10.30
C SER A 72 3.11 -20.85 -11.25
N LYS A 73 1.91 -20.28 -11.53
CA LYS A 73 1.15 -20.78 -12.68
C LYS A 73 1.30 -19.76 -13.83
N GLN A 74 2.16 -18.71 -13.57
CA GLN A 74 2.48 -17.49 -14.30
C GLN A 74 1.27 -16.55 -14.33
N VAL A 75 0.62 -16.54 -13.14
CA VAL A 75 -0.66 -15.91 -12.85
C VAL A 75 -0.54 -14.75 -11.93
N SER A 76 -1.08 -13.58 -12.36
CA SER A 76 -1.04 -12.30 -11.71
C SER A 76 -2.28 -12.19 -10.83
N LYS A 77 -2.08 -11.89 -9.54
CA LYS A 77 -3.07 -11.80 -8.49
C LYS A 77 -2.99 -10.35 -8.08
N ASP A 78 -4.05 -9.80 -7.48
CA ASP A 78 -4.06 -8.38 -7.13
C ASP A 78 -4.50 -8.18 -5.70
N SER A 79 -3.92 -7.14 -5.06
CA SER A 79 -4.28 -6.74 -3.71
C SER A 79 -4.64 -5.28 -3.64
N THR A 80 -5.61 -5.07 -2.70
CA THR A 80 -6.57 -4.03 -2.32
C THR A 80 -6.03 -2.68 -2.05
N THR A 81 -6.86 -1.62 -2.36
CA THR A 81 -6.59 -0.21 -2.23
C THR A 81 -6.50 0.17 -0.75
N CYS A 82 -5.24 0.49 -0.37
CA CYS A 82 -4.83 0.73 0.99
C CYS A 82 -4.65 2.23 1.03
N ALA A 83 -5.55 2.97 1.73
CA ALA A 83 -5.64 4.42 1.65
C ALA A 83 -4.97 5.20 2.78
N VAL A 84 -4.01 6.08 2.42
CA VAL A 84 -3.30 6.96 3.33
C VAL A 84 -3.51 8.39 2.86
N THR A 85 -4.21 9.23 3.69
CA THR A 85 -4.42 10.65 3.35
C THR A 85 -3.67 11.43 4.39
N VAL A 86 -2.72 12.29 3.93
CA VAL A 86 -1.82 13.07 4.73
C VAL A 86 -2.00 14.55 4.48
N ASN A 87 -2.57 15.22 5.48
CA ASN A 87 -2.76 16.67 5.47
C ASN A 87 -1.50 17.38 6.03
N PRO A 88 -1.29 18.67 5.68
CA PRO A 88 -0.56 19.67 6.47
C PRO A 88 -1.48 20.07 7.66
N THR A 89 -1.04 20.77 8.74
CA THR A 89 -1.91 21.01 9.93
C THR A 89 -3.06 21.94 9.57
N VAL A 90 -4.23 21.54 10.09
CA VAL A 90 -5.41 21.31 9.27
C VAL A 90 -6.08 22.50 8.54
N PRO A 91 -5.92 22.55 7.16
CA PRO A 91 -6.58 23.47 6.23
C PRO A 91 -8.11 23.33 6.17
N GLY A 92 -8.82 24.42 5.78
CA GLY A 92 -10.27 24.48 5.61
C GLY A 92 -10.97 24.95 6.87
N GLY A 93 -10.76 24.23 7.99
CA GLY A 93 -11.40 24.59 9.26
C GLY A 93 -10.95 23.69 10.36
N LEU A 94 -10.93 24.20 11.62
CA LEU A 94 -10.52 23.45 12.81
C LEU A 94 -11.75 23.02 13.59
N GLU A 95 -12.63 22.23 12.94
CA GLU A 95 -13.89 21.70 13.46
C GLU A 95 -13.75 20.58 14.51
N HIS A 96 -13.31 20.98 15.73
CA HIS A 96 -13.03 20.14 16.88
C HIS A 96 -14.18 20.07 17.87
N ALA A 1 -13.66 -6.47 -1.59
CA ALA A 1 -13.46 -6.10 -0.21
C ALA A 1 -12.74 -7.23 0.50
N LEU A 2 -12.53 -8.36 -0.21
CA LEU A 2 -11.85 -9.57 0.26
C LEU A 2 -10.34 -9.51 0.07
N THR A 3 -9.58 -9.79 1.15
CA THR A 3 -8.16 -9.88 1.18
C THR A 3 -7.71 -11.31 1.00
N LEU A 4 -6.37 -11.51 0.85
CA LEU A 4 -5.77 -12.81 0.79
C LEU A 4 -5.59 -13.34 2.24
N SER A 5 -6.51 -14.19 2.77
CA SER A 5 -6.57 -14.54 4.21
C SER A 5 -6.78 -13.34 5.18
N LYS A 6 -5.66 -12.57 5.39
CA LYS A 6 -5.47 -11.29 6.05
C LYS A 6 -4.59 -10.47 5.11
N ASP A 7 -4.86 -9.15 5.00
CA ASP A 7 -4.16 -8.13 4.23
C ASP A 7 -2.94 -7.62 4.98
N LEU A 8 -2.16 -6.82 4.24
CA LEU A 8 -0.98 -6.15 4.72
C LEU A 8 -1.33 -4.99 5.71
N THR A 9 -2.47 -4.28 5.62
CA THR A 9 -2.93 -3.24 6.56
C THR A 9 -4.32 -2.98 6.04
N ALA A 10 -5.17 -2.18 6.72
CA ALA A 10 -6.48 -1.81 6.23
C ALA A 10 -6.77 -0.32 6.47
N SER A 11 -6.42 0.22 7.66
CA SER A 11 -6.77 1.61 7.99
C SER A 11 -6.01 2.26 9.15
N MET A 12 -5.17 3.31 8.90
CA MET A 12 -4.70 4.21 9.95
C MET A 12 -4.94 5.67 9.46
N SER A 13 -5.79 6.49 10.13
CA SER A 13 -6.04 7.88 9.69
C SER A 13 -5.56 8.85 10.75
N VAL A 14 -4.55 9.69 10.41
CA VAL A 14 -3.87 10.58 11.34
C VAL A 14 -3.36 11.87 10.68
N GLU A 15 -2.85 12.87 11.47
CA GLU A 15 -1.99 13.99 11.03
C GLU A 15 -0.56 13.40 11.02
N GLU A 16 0.25 13.58 9.92
CA GLU A 16 1.32 12.66 9.45
C GLU A 16 2.28 12.00 10.48
N GLY A 17 2.23 10.65 10.35
CA GLY A 17 2.82 9.64 11.20
C GLY A 17 1.91 8.45 11.36
N ALA A 18 1.38 7.90 10.22
CA ALA A 18 0.56 6.69 10.18
C ALA A 18 1.38 5.41 10.14
N ALA A 19 0.69 4.25 10.28
CA ALA A 19 1.27 2.92 10.24
C ALA A 19 0.80 2.24 8.97
N LEU A 20 1.81 1.96 8.11
CA LEU A 20 1.70 1.35 6.80
C LEU A 20 2.47 0.05 6.67
N THR A 21 1.83 -1.13 6.50
CA THR A 21 2.55 -2.36 6.17
C THR A 21 2.13 -2.63 4.76
N LEU A 22 3.13 -2.81 3.86
CA LEU A 22 2.96 -3.18 2.47
C LEU A 22 3.55 -4.56 2.42
N SER A 23 2.73 -5.62 2.15
CA SER A 23 3.22 -7.00 2.19
C SER A 23 2.49 -7.91 1.23
N VAL A 24 3.26 -8.73 0.49
CA VAL A 24 2.94 -9.80 -0.44
C VAL A 24 4.06 -10.78 -0.27
N THR A 25 3.95 -11.96 -0.92
CA THR A 25 4.80 -13.14 -0.84
C THR A 25 5.68 -13.18 -2.09
N ALA A 26 7.03 -13.49 -2.09
CA ALA A 26 7.86 -13.31 -3.32
C ALA A 26 8.99 -14.22 -3.85
N THR A 27 9.02 -14.26 -5.22
CA THR A 27 9.93 -14.84 -6.22
C THR A 27 9.69 -13.99 -7.47
N GLY A 28 10.45 -14.19 -8.59
CA GLY A 28 10.18 -13.59 -9.93
C GLY A 28 9.00 -14.14 -10.73
N GLY A 29 7.88 -14.42 -10.02
CA GLY A 29 6.59 -14.88 -10.51
C GLY A 29 6.46 -16.38 -10.61
N THR A 30 7.15 -17.15 -9.73
CA THR A 30 7.03 -18.62 -9.66
C THR A 30 6.48 -19.00 -8.29
N GLY A 31 5.21 -19.49 -8.08
CA GLY A 31 4.56 -19.83 -6.79
C GLY A 31 4.11 -18.57 -6.04
N PRO A 32 4.93 -17.95 -5.17
CA PRO A 32 4.84 -16.54 -4.72
C PRO A 32 5.04 -15.51 -5.89
N TYR A 33 4.76 -14.21 -5.65
CA TYR A 33 4.60 -13.19 -6.68
C TYR A 33 5.77 -12.23 -6.99
N THR A 34 5.74 -11.61 -8.21
CA THR A 34 6.59 -10.51 -8.71
C THR A 34 5.63 -9.34 -8.76
N TYR A 35 6.02 -8.09 -8.42
CA TYR A 35 5.08 -7.00 -8.15
C TYR A 35 5.34 -5.60 -8.67
N ALA A 36 4.18 -4.92 -8.89
CA ALA A 36 3.99 -3.53 -9.25
C ALA A 36 2.97 -2.96 -8.28
N TRP A 37 3.33 -1.86 -7.56
CA TRP A 37 2.52 -1.18 -6.56
C TRP A 37 2.07 0.22 -6.96
N THR A 38 0.85 0.64 -6.50
CA THR A 38 0.43 2.05 -6.55
C THR A 38 -0.36 2.27 -5.32
N LYS A 39 -0.69 3.52 -5.00
CA LYS A 39 -1.57 3.73 -3.90
C LYS A 39 -2.51 4.83 -4.26
N ASP A 40 -3.83 4.60 -4.55
CA ASP A 40 -4.91 5.52 -4.12
C ASP A 40 -4.75 7.00 -4.02
N GLY A 41 -4.26 7.59 -5.15
CA GLY A 41 -3.87 8.98 -5.44
C GLY A 41 -2.45 9.45 -5.15
N SER A 42 -1.62 8.60 -4.52
CA SER A 42 -0.27 8.81 -3.96
C SER A 42 0.87 7.89 -4.45
N PRO A 43 2.17 8.30 -4.53
CA PRO A 43 3.34 7.38 -4.68
C PRO A 43 3.54 6.37 -3.51
N ILE A 44 4.26 5.25 -3.73
CA ILE A 44 4.57 4.26 -2.72
C ILE A 44 6.07 4.31 -2.36
N PRO A 45 6.55 3.87 -1.17
CA PRO A 45 7.93 3.99 -0.71
C PRO A 45 8.96 3.11 -1.46
N ASP A 46 9.47 3.59 -2.63
CA ASP A 46 10.49 3.00 -3.51
C ASP A 46 9.92 1.92 -4.44
N ALA A 47 9.25 0.93 -3.80
CA ALA A 47 8.56 -0.22 -4.33
C ALA A 47 9.50 -1.38 -4.47
N SER A 48 9.09 -2.41 -5.26
CA SER A 48 9.91 -3.54 -5.67
C SER A 48 10.30 -4.57 -4.59
N GLY A 49 9.78 -4.45 -3.35
CA GLY A 49 10.31 -5.11 -2.18
C GLY A 49 9.67 -6.36 -1.67
N ALA A 50 8.34 -6.52 -1.84
CA ALA A 50 7.50 -7.63 -1.40
C ALA A 50 6.93 -7.38 -0.03
N THR A 51 7.78 -7.06 0.97
CA THR A 51 7.34 -6.74 2.33
C THR A 51 8.18 -5.57 2.87
N TYR A 52 7.61 -4.34 2.77
CA TYR A 52 8.16 -3.06 3.20
C TYR A 52 7.19 -2.31 4.11
N THR A 53 7.67 -1.62 5.19
CA THR A 53 6.81 -0.95 6.16
C THR A 53 7.22 0.49 6.42
N LYS A 54 6.21 1.41 6.56
CA LYS A 54 6.35 2.77 7.04
C LYS A 54 5.70 2.80 8.44
N PRO A 55 6.47 2.98 9.53
CA PRO A 55 6.01 3.20 10.91
C PRO A 55 5.53 4.64 11.16
N THR A 56 5.88 5.61 10.30
CA THR A 56 5.50 6.99 10.42
C THR A 56 5.65 7.51 9.00
N ALA A 57 4.50 7.75 8.34
CA ALA A 57 4.35 8.25 6.99
C ALA A 57 4.19 9.77 6.91
N ALA A 58 4.92 10.46 5.96
CA ALA A 58 4.85 11.87 5.60
C ALA A 58 3.74 12.11 4.56
N ALA A 59 3.38 13.37 4.18
CA ALA A 59 2.21 13.70 3.31
C ALA A 59 1.99 12.93 2.00
N GLU A 60 3.06 12.72 1.20
CA GLU A 60 3.14 11.93 -0.04
C GLU A 60 2.85 10.43 0.14
N ASP A 61 2.94 9.93 1.40
CA ASP A 61 2.56 8.59 1.89
C ASP A 61 1.01 8.46 2.13
N ALA A 62 0.19 9.58 2.19
CA ALA A 62 -1.29 9.55 2.25
C ALA A 62 -2.18 9.14 1.02
N GLY A 63 -3.14 8.18 1.23
CA GLY A 63 -4.25 7.72 0.35
C GLY A 63 -4.55 6.30 0.65
N SER A 64 -4.75 5.47 -0.43
CA SER A 64 -4.89 4.02 -0.11
C SER A 64 -3.98 3.20 -0.98
N TYR A 65 -3.31 2.12 -0.47
CA TYR A 65 -2.29 1.30 -1.14
C TYR A 65 -2.86 0.04 -1.74
N LYS A 66 -2.46 -0.27 -3.02
CA LYS A 66 -3.00 -1.37 -3.79
C LYS A 66 -1.86 -1.97 -4.57
N VAL A 67 -1.90 -3.32 -4.66
CA VAL A 67 -0.79 -4.04 -5.32
C VAL A 67 -1.23 -5.10 -6.31
N THR A 68 -0.55 -5.10 -7.51
CA THR A 68 -0.68 -5.95 -8.68
C THR A 68 0.53 -6.86 -8.69
N VAL A 69 0.26 -8.15 -8.37
CA VAL A 69 1.19 -9.21 -8.06
C VAL A 69 1.05 -10.40 -8.99
N THR A 70 2.09 -10.79 -9.76
CA THR A 70 2.02 -11.89 -10.74
C THR A 70 2.69 -13.17 -10.28
N ASP A 71 2.05 -14.39 -10.41
CA ASP A 71 2.66 -15.70 -10.08
C ASP A 71 2.51 -16.67 -11.21
N SER A 72 3.01 -17.93 -10.99
CA SER A 72 3.29 -19.12 -11.78
C SER A 72 2.25 -19.67 -12.71
N LYS A 73 1.07 -19.01 -12.84
CA LYS A 73 0.23 -19.32 -14.00
C LYS A 73 0.43 -18.20 -15.04
N GLN A 74 1.39 -17.29 -14.71
CA GLN A 74 1.86 -16.02 -15.31
C GLN A 74 0.78 -14.97 -15.30
N VAL A 75 0.08 -14.99 -14.13
CA VAL A 75 -1.15 -14.27 -13.83
C VAL A 75 -0.95 -13.24 -12.79
N SER A 76 -1.46 -12.00 -13.01
CA SER A 76 -1.40 -10.85 -12.12
C SER A 76 -2.65 -10.91 -11.24
N LYS A 77 -2.48 -10.87 -9.91
CA LYS A 77 -3.47 -10.97 -8.85
C LYS A 77 -3.40 -9.65 -8.19
N ASP A 78 -4.47 -9.26 -7.47
CA ASP A 78 -4.56 -7.95 -6.88
C ASP A 78 -4.85 -8.07 -5.41
N SER A 79 -4.09 -7.25 -4.66
CA SER A 79 -4.10 -7.22 -3.22
C SER A 79 -4.45 -5.84 -2.74
N THR A 80 -5.16 -5.93 -1.58
CA THR A 80 -6.07 -5.10 -0.84
C THR A 80 -5.63 -3.72 -0.48
N THR A 81 -6.66 -2.81 -0.46
CA THR A 81 -6.57 -1.40 -0.18
C THR A 81 -6.24 -1.16 1.28
N CYS A 82 -4.98 -0.65 1.48
CA CYS A 82 -4.43 -0.36 2.80
C CYS A 82 -4.62 1.15 2.87
N ALA A 83 -5.55 1.68 3.72
CA ALA A 83 -5.88 3.09 3.76
C ALA A 83 -5.16 3.86 4.86
N VAL A 84 -4.26 4.78 4.48
CA VAL A 84 -3.51 5.59 5.42
C VAL A 84 -3.74 7.04 5.13
N THR A 85 -4.14 7.87 6.15
CA THR A 85 -4.28 9.31 5.88
C THR A 85 -3.16 9.92 6.66
N VAL A 86 -2.23 10.66 5.99
CA VAL A 86 -1.21 11.39 6.67
C VAL A 86 -1.21 12.74 6.02
N ASN A 87 -1.80 13.75 6.70
CA ASN A 87 -1.83 15.14 6.27
C ASN A 87 -0.87 15.95 7.13
N PRO A 88 -0.24 17.06 6.63
CA PRO A 88 0.38 18.13 7.43
C PRO A 88 -0.71 18.93 8.14
N THR A 89 -0.39 19.81 9.14
CA THR A 89 -1.39 20.56 9.94
C THR A 89 -2.08 21.59 9.01
N VAL A 90 -3.44 21.61 9.14
CA VAL A 90 -4.33 21.37 7.99
C VAL A 90 -4.41 22.36 6.80
N PRO A 91 -3.87 21.96 5.59
CA PRO A 91 -4.03 22.65 4.29
C PRO A 91 -5.49 22.71 3.80
N GLY A 92 -5.89 23.79 3.05
CA GLY A 92 -7.24 24.03 2.50
C GLY A 92 -7.67 23.17 1.32
N GLY A 93 -7.53 21.84 1.47
CA GLY A 93 -7.85 20.77 0.51
C GLY A 93 -9.28 20.31 0.58
N LEU A 94 -9.93 20.59 1.73
CA LEU A 94 -11.34 20.36 2.05
C LEU A 94 -12.11 21.68 1.93
N GLU A 95 -11.35 22.78 1.69
CA GLU A 95 -11.71 24.18 1.49
C GLU A 95 -12.35 24.91 2.67
N HIS A 96 -13.41 24.31 3.27
CA HIS A 96 -14.15 24.78 4.42
C HIS A 96 -13.91 23.84 5.59
N ALA A 1 -12.06 -6.37 5.93
CA ALA A 1 -11.87 -6.83 7.28
C ALA A 1 -11.25 -8.22 7.25
N LEU A 2 -11.06 -8.78 6.03
CA LEU A 2 -10.43 -10.07 5.76
C LEU A 2 -9.06 -9.80 5.18
N THR A 3 -8.06 -10.67 5.46
CA THR A 3 -6.74 -10.60 4.85
C THR A 3 -6.78 -11.56 3.67
N LEU A 4 -6.21 -11.24 2.47
CA LEU A 4 -6.17 -12.25 1.42
C LEU A 4 -4.77 -12.83 1.52
N SER A 5 -4.58 -14.01 2.18
CA SER A 5 -3.23 -14.57 2.53
C SER A 5 -2.47 -13.66 3.53
N LYS A 6 -1.93 -12.54 2.99
CA LYS A 6 -1.54 -11.32 3.66
C LYS A 6 -2.12 -10.20 2.80
N ASP A 7 -3.08 -9.40 3.36
CA ASP A 7 -3.55 -8.10 2.86
C ASP A 7 -2.58 -7.13 3.46
N LEU A 8 -2.05 -6.10 2.77
CA LEU A 8 -0.98 -5.31 3.37
C LEU A 8 -1.37 -4.35 4.52
N THR A 9 -2.52 -3.74 4.46
CA THR A 9 -3.11 -2.81 5.45
C THR A 9 -4.53 -2.57 4.95
N ALA A 10 -5.39 -1.86 5.73
CA ALA A 10 -6.74 -1.46 5.39
C ALA A 10 -6.95 0.05 5.54
N SER A 11 -6.55 0.68 6.68
CA SER A 11 -6.64 2.14 6.81
C SER A 11 -6.02 2.72 8.07
N MET A 12 -5.28 3.88 7.99
CA MET A 12 -5.07 4.71 9.16
C MET A 12 -5.14 6.18 8.72
N SER A 13 -6.13 6.97 9.22
CA SER A 13 -6.25 8.41 8.92
C SER A 13 -5.90 9.21 10.15
N VAL A 14 -4.81 10.00 10.04
CA VAL A 14 -4.16 10.72 11.12
C VAL A 14 -3.50 12.00 10.56
N GLU A 15 -2.97 12.91 11.43
CA GLU A 15 -2.03 13.99 11.09
C GLU A 15 -0.62 13.33 11.02
N GLU A 16 0.23 13.59 9.98
CA GLU A 16 1.34 12.70 9.53
C GLU A 16 2.25 12.01 10.58
N GLY A 17 2.21 10.65 10.41
CA GLY A 17 2.66 9.64 11.35
C GLY A 17 1.70 8.46 11.36
N ALA A 18 1.28 7.95 10.16
CA ALA A 18 0.44 6.76 9.99
C ALA A 18 1.25 5.47 9.99
N ALA A 19 0.54 4.32 10.12
CA ALA A 19 1.12 2.99 10.17
C ALA A 19 0.77 2.19 8.94
N LEU A 20 1.74 2.00 8.02
CA LEU A 20 1.57 1.33 6.73
C LEU A 20 2.38 0.05 6.61
N THR A 21 1.77 -1.14 6.36
CA THR A 21 2.44 -2.41 6.06
C THR A 21 2.22 -2.55 4.57
N LEU A 22 3.28 -2.83 3.78
CA LEU A 22 3.19 -3.18 2.37
C LEU A 22 3.83 -4.56 2.43
N SER A 23 3.11 -5.69 2.17
CA SER A 23 3.71 -7.00 2.34
C SER A 23 3.04 -8.01 1.43
N VAL A 24 3.86 -8.81 0.72
CA VAL A 24 3.57 -9.88 -0.23
C VAL A 24 4.76 -10.85 -0.08
N THR A 25 4.75 -12.03 -0.75
CA THR A 25 5.80 -13.06 -0.81
C THR A 25 6.45 -12.89 -2.20
N ALA A 26 7.81 -12.98 -2.42
CA ALA A 26 8.39 -12.69 -3.76
C ALA A 26 9.55 -13.49 -4.37
N THR A 27 9.41 -13.62 -5.72
CA THR A 27 10.22 -14.22 -6.78
C THR A 27 9.76 -13.51 -8.07
N GLY A 28 10.39 -13.79 -9.25
CA GLY A 28 9.93 -13.37 -10.59
C GLY A 28 8.71 -14.08 -11.17
N GLY A 29 7.71 -14.35 -10.29
CA GLY A 29 6.41 -14.94 -10.57
C GLY A 29 6.36 -16.44 -10.58
N THR A 30 7.24 -17.12 -9.80
CA THR A 30 7.22 -18.58 -9.62
C THR A 30 6.97 -18.90 -8.17
N GLY A 31 5.80 -19.45 -7.71
CA GLY A 31 5.40 -19.77 -6.31
C GLY A 31 4.97 -18.50 -5.60
N PRO A 32 5.90 -17.77 -4.98
CA PRO A 32 5.82 -16.35 -4.65
C PRO A 32 5.62 -15.38 -5.87
N TYR A 33 5.31 -14.10 -5.60
CA TYR A 33 4.81 -13.15 -6.58
C TYR A 33 5.76 -12.06 -7.14
N THR A 34 5.57 -11.67 -8.44
CA THR A 34 6.25 -10.53 -9.09
C THR A 34 5.22 -9.42 -9.13
N TYR A 35 5.62 -8.16 -8.88
CA TYR A 35 4.75 -7.04 -8.55
C TYR A 35 4.79 -5.79 -9.41
N ALA A 36 3.63 -5.09 -9.28
CA ALA A 36 3.39 -3.72 -9.64
C ALA A 36 2.73 -3.10 -8.40
N TRP A 37 3.34 -2.04 -7.77
CA TRP A 37 2.76 -1.38 -6.59
C TRP A 37 2.31 0.06 -6.93
N THR A 38 1.04 0.49 -6.61
CA THR A 38 0.65 1.92 -6.74
C THR A 38 -0.27 2.26 -5.63
N LYS A 39 -0.56 3.55 -5.46
CA LYS A 39 -1.41 3.93 -4.40
C LYS A 39 -2.15 5.16 -4.78
N ASP A 40 -3.51 5.13 -5.10
CA ASP A 40 -4.46 6.20 -4.71
C ASP A 40 -4.08 7.61 -4.67
N GLY A 41 -3.48 8.08 -5.81
CA GLY A 41 -2.91 9.37 -6.18
C GLY A 41 -1.53 9.72 -5.66
N SER A 42 -0.88 8.78 -4.95
CA SER A 42 0.38 8.92 -4.22
C SER A 42 1.48 7.92 -4.56
N PRO A 43 2.80 8.25 -4.52
CA PRO A 43 3.93 7.29 -4.64
C PRO A 43 3.98 6.26 -3.51
N ILE A 44 4.53 5.06 -3.75
CA ILE A 44 4.71 4.05 -2.73
C ILE A 44 6.18 4.02 -2.32
N PRO A 45 6.57 3.70 -1.07
CA PRO A 45 7.92 3.92 -0.53
C PRO A 45 9.12 3.20 -1.17
N ASP A 46 9.33 1.91 -0.88
CA ASP A 46 10.51 1.15 -1.30
C ASP A 46 10.03 -0.10 -2.03
N ALA A 47 9.34 0.11 -3.17
CA ALA A 47 8.68 -0.84 -4.05
C ALA A 47 9.50 -1.88 -4.75
N SER A 48 8.86 -3.06 -5.01
CA SER A 48 9.41 -4.17 -5.77
C SER A 48 10.32 -5.05 -4.91
N GLY A 49 9.77 -5.89 -4.02
CA GLY A 49 10.63 -6.61 -3.08
C GLY A 49 10.04 -7.76 -2.35
N ALA A 50 8.83 -7.56 -1.81
CA ALA A 50 8.04 -8.48 -1.01
C ALA A 50 7.49 -7.72 0.17
N THR A 51 8.31 -7.29 1.16
CA THR A 51 7.78 -6.65 2.38
C THR A 51 8.59 -5.42 2.86
N TYR A 52 7.91 -4.23 2.83
CA TYR A 52 8.33 -2.90 3.27
C TYR A 52 7.28 -2.29 4.23
N THR A 53 7.68 -1.58 5.32
CA THR A 53 6.74 -0.95 6.26
C THR A 53 7.10 0.51 6.49
N LYS A 54 6.07 1.40 6.58
CA LYS A 54 6.13 2.84 6.84
C LYS A 54 5.49 3.06 8.24
N PRO A 55 6.27 3.15 9.34
CA PRO A 55 5.81 3.31 10.74
C PRO A 55 5.36 4.74 11.10
N THR A 56 5.71 5.72 10.26
CA THR A 56 5.34 7.10 10.41
C THR A 56 5.57 7.64 9.03
N ALA A 57 4.44 7.87 8.33
CA ALA A 57 4.34 8.35 6.98
C ALA A 57 4.15 9.88 6.90
N ALA A 58 4.92 10.58 6.00
CA ALA A 58 4.85 12.01 5.67
C ALA A 58 3.81 12.27 4.58
N ALA A 59 3.56 13.54 4.15
CA ALA A 59 2.49 13.95 3.21
C ALA A 59 2.32 13.17 1.90
N GLU A 60 3.42 12.93 1.14
CA GLU A 60 3.50 12.10 -0.08
C GLU A 60 3.27 10.59 0.15
N ASP A 61 3.33 10.18 1.45
CA ASP A 61 2.99 8.89 2.05
C ASP A 61 1.45 8.77 2.33
N ALA A 62 0.63 9.88 2.28
CA ALA A 62 -0.85 9.80 2.22
C ALA A 62 -1.50 9.39 0.85
N GLY A 63 -2.50 8.46 0.84
CA GLY A 63 -3.32 8.06 -0.33
C GLY A 63 -3.99 6.77 -0.05
N SER A 64 -4.40 6.07 -1.13
CA SER A 64 -4.86 4.68 -0.83
C SER A 64 -3.95 3.75 -1.57
N TYR A 65 -3.46 2.65 -0.97
CA TYR A 65 -2.44 1.73 -1.49
C TYR A 65 -3.07 0.52 -2.12
N LYS A 66 -2.59 0.10 -3.34
CA LYS A 66 -3.16 -0.99 -4.12
C LYS A 66 -2.05 -1.73 -4.80
N VAL A 67 -2.33 -3.02 -5.09
CA VAL A 67 -1.25 -3.84 -5.68
C VAL A 67 -1.71 -4.86 -6.72
N THR A 68 -0.85 -5.17 -7.75
CA THR A 68 -1.04 -6.25 -8.76
C THR A 68 0.15 -7.19 -8.61
N VAL A 69 -0.08 -8.50 -8.31
CA VAL A 69 0.98 -9.50 -8.06
C VAL A 69 0.80 -10.82 -8.82
N THR A 70 1.78 -11.27 -9.65
CA THR A 70 1.67 -12.49 -10.49
C THR A 70 2.50 -13.67 -9.99
N ASP A 71 1.93 -14.93 -9.93
CA ASP A 71 2.66 -16.17 -9.56
C ASP A 71 2.47 -17.27 -10.57
N SER A 72 3.10 -18.45 -10.28
CA SER A 72 3.41 -19.69 -11.00
C SER A 72 2.33 -20.40 -11.76
N LYS A 73 1.09 -19.85 -11.80
CA LYS A 73 0.14 -20.34 -12.82
C LYS A 73 0.09 -19.32 -13.98
N GLN A 74 0.99 -18.29 -13.85
CA GLN A 74 1.25 -17.04 -14.60
C GLN A 74 0.08 -16.09 -14.49
N VAL A 75 -0.46 -16.08 -13.26
CA VAL A 75 -1.71 -15.45 -12.85
C VAL A 75 -1.47 -14.31 -11.94
N SER A 76 -2.11 -13.16 -12.22
CA SER A 76 -2.00 -11.93 -11.48
C SER A 76 -3.12 -11.88 -10.45
N LYS A 77 -2.78 -11.62 -9.18
CA LYS A 77 -3.63 -11.55 -7.99
C LYS A 77 -3.47 -10.10 -7.60
N ASP A 78 -4.48 -9.44 -7.04
CA ASP A 78 -4.36 -8.01 -6.76
C ASP A 78 -4.78 -7.81 -5.34
N SER A 79 -4.19 -6.82 -4.62
CA SER A 79 -4.51 -6.54 -3.23
C SER A 79 -5.10 -5.16 -3.00
N THR A 80 -5.92 -5.15 -1.91
CA THR A 80 -6.86 -4.22 -1.29
C THR A 80 -6.31 -2.88 -0.93
N THR A 81 -7.22 -1.87 -1.02
CA THR A 81 -6.97 -0.46 -0.77
C THR A 81 -6.68 -0.19 0.70
N CYS A 82 -5.39 0.19 0.96
CA CYS A 82 -4.96 0.52 2.32
C CYS A 82 -5.06 2.03 2.33
N ALA A 83 -6.04 2.63 3.04
CA ALA A 83 -6.29 4.07 2.96
C ALA A 83 -5.65 4.76 4.16
N VAL A 84 -4.54 5.47 3.87
CA VAL A 84 -3.76 6.11 4.90
C VAL A 84 -3.78 7.58 4.62
N THR A 85 -4.15 8.39 5.64
CA THR A 85 -4.17 9.85 5.45
C THR A 85 -3.14 10.33 6.39
N VAL A 86 -2.12 11.04 5.88
CA VAL A 86 -1.09 11.70 6.62
C VAL A 86 -0.98 13.07 5.99
N ASN A 87 -1.53 14.10 6.65
CA ASN A 87 -1.48 15.50 6.23
C ASN A 87 -0.50 16.25 7.13
N PRO A 88 0.16 17.36 6.68
CA PRO A 88 0.84 18.38 7.49
C PRO A 88 -0.17 19.15 8.34
N THR A 89 0.23 19.94 9.38
CA THR A 89 -0.70 20.64 10.31
C THR A 89 -1.45 21.74 9.54
N VAL A 90 -2.79 21.66 9.76
CA VAL A 90 -3.75 21.48 8.67
C VAL A 90 -4.02 22.57 7.59
N PRO A 91 -3.62 22.31 6.30
CA PRO A 91 -3.95 23.10 5.10
C PRO A 91 -5.46 23.17 4.76
N GLY A 92 -5.91 24.25 4.08
CA GLY A 92 -7.31 24.55 3.69
C GLY A 92 -7.89 23.70 2.57
N GLY A 93 -7.92 22.36 2.79
CA GLY A 93 -8.36 21.34 1.84
C GLY A 93 -9.36 20.41 2.46
N LEU A 94 -10.00 20.83 3.59
CA LEU A 94 -11.07 20.09 4.27
C LEU A 94 -12.42 20.54 3.73
N GLU A 95 -12.46 21.79 3.20
CA GLU A 95 -13.56 22.52 2.56
C GLU A 95 -14.74 22.88 3.46
N HIS A 96 -15.29 21.87 4.20
CA HIS A 96 -16.35 21.95 5.19
C HIS A 96 -17.75 22.16 4.61
N ALA A 1 -12.33 -2.97 -3.53
CA ALA A 1 -13.29 -2.89 -2.48
C ALA A 1 -13.10 -4.07 -1.55
N LEU A 2 -13.22 -5.30 -2.10
CA LEU A 2 -13.05 -6.57 -1.38
C LEU A 2 -11.59 -6.99 -1.37
N THR A 3 -11.13 -7.41 -0.17
CA THR A 3 -9.82 -7.85 0.13
C THR A 3 -9.74 -9.37 0.04
N LEU A 4 -8.52 -9.95 0.09
CA LEU A 4 -8.40 -11.40 0.10
C LEU A 4 -8.35 -11.84 1.56
N SER A 5 -9.50 -12.29 2.15
CA SER A 5 -9.67 -12.52 3.61
C SER A 5 -9.50 -11.20 4.43
N LYS A 6 -8.21 -10.83 4.65
CA LYS A 6 -7.68 -9.54 5.06
C LYS A 6 -6.47 -9.24 4.16
N ASP A 7 -6.35 -7.97 3.75
CA ASP A 7 -5.31 -7.27 2.98
C ASP A 7 -4.18 -6.86 3.91
N LEU A 8 -3.11 -6.31 3.31
CA LEU A 8 -1.97 -5.79 4.02
C LEU A 8 -2.30 -4.48 4.81
N THR A 9 -3.17 -3.57 4.35
CA THR A 9 -3.65 -2.41 5.11
C THR A 9 -4.91 -1.98 4.37
N ALA A 10 -5.68 -1.00 4.92
CA ALA A 10 -6.88 -0.41 4.39
C ALA A 10 -6.98 1.11 4.52
N SER A 11 -6.70 1.79 5.67
CA SER A 11 -6.98 3.24 5.75
C SER A 11 -6.51 4.06 6.98
N MET A 12 -5.59 5.08 6.86
CA MET A 12 -5.34 6.07 7.90
C MET A 12 -5.44 7.55 7.43
N SER A 13 -6.28 8.37 8.13
CA SER A 13 -6.41 9.83 7.88
C SER A 13 -5.72 10.56 9.00
N VAL A 14 -4.65 11.31 8.65
CA VAL A 14 -3.73 11.92 9.60
C VAL A 14 -3.11 13.24 9.13
N GLU A 15 -2.35 13.94 10.04
CA GLU A 15 -1.35 14.98 9.80
C GLU A 15 -0.06 14.18 9.55
N GLU A 16 0.71 14.29 8.41
CA GLU A 16 1.64 13.21 7.90
C GLU A 16 2.50 12.44 8.91
N GLY A 17 2.27 11.10 8.86
CA GLY A 17 2.62 10.13 9.88
C GLY A 17 1.56 9.08 9.96
N ALA A 18 1.23 8.43 8.81
CA ALA A 18 0.30 7.31 8.70
C ALA A 18 1.00 5.96 8.91
N ALA A 19 0.21 4.89 9.12
CA ALA A 19 0.70 3.54 9.36
C ALA A 19 0.37 2.67 8.16
N LEU A 20 1.43 2.28 7.41
CA LEU A 20 1.36 1.56 6.15
C LEU A 20 2.04 0.21 6.17
N THR A 21 1.32 -0.93 6.00
CA THR A 21 1.90 -2.27 5.87
C THR A 21 1.67 -2.62 4.43
N LEU A 22 2.73 -2.96 3.68
CA LEU A 22 2.62 -3.50 2.34
C LEU A 22 3.32 -4.85 2.50
N SER A 23 2.62 -6.01 2.37
CA SER A 23 3.24 -7.32 2.60
C SER A 23 2.62 -8.40 1.72
N VAL A 24 3.45 -9.23 1.06
CA VAL A 24 3.16 -10.35 0.15
C VAL A 24 4.33 -11.32 0.36
N THR A 25 4.31 -12.52 -0.26
CA THR A 25 5.34 -13.58 -0.26
C THR A 25 6.04 -13.48 -1.63
N ALA A 26 7.41 -13.61 -1.77
CA ALA A 26 8.07 -13.41 -3.09
C ALA A 26 9.25 -14.25 -3.60
N THR A 27 9.22 -14.39 -4.95
CA THR A 27 10.09 -15.05 -5.93
C THR A 27 9.77 -14.32 -7.24
N GLY A 28 10.48 -14.64 -8.37
CA GLY A 28 10.13 -14.22 -9.75
C GLY A 28 8.92 -14.91 -10.40
N GLY A 29 7.83 -15.08 -9.59
CA GLY A 29 6.52 -15.62 -9.94
C GLY A 29 6.42 -17.12 -9.93
N THR A 30 7.22 -17.81 -9.10
CA THR A 30 7.19 -19.28 -8.92
C THR A 30 6.81 -19.57 -7.48
N GLY A 31 5.60 -20.13 -7.10
CA GLY A 31 5.07 -20.38 -5.73
C GLY A 31 4.61 -19.06 -5.11
N PRO A 32 5.49 -18.34 -4.41
CA PRO A 32 5.43 -16.91 -4.10
C PRO A 32 5.38 -15.93 -5.33
N TYR A 33 5.10 -14.63 -5.09
CA TYR A 33 4.74 -13.62 -6.09
C TYR A 33 5.79 -12.60 -6.59
N THR A 34 5.74 -12.24 -7.93
CA THR A 34 6.53 -11.19 -8.61
C THR A 34 5.58 -10.05 -8.77
N TYR A 35 6.03 -8.79 -8.60
CA TYR A 35 5.14 -7.67 -8.39
C TYR A 35 5.33 -6.36 -9.13
N ALA A 36 4.19 -5.64 -9.22
CA ALA A 36 4.03 -4.29 -9.71
C ALA A 36 3.10 -3.61 -8.72
N TRP A 37 3.63 -2.63 -7.94
CA TRP A 37 2.90 -1.84 -6.98
C TRP A 37 2.83 -0.40 -7.46
N THR A 38 1.76 0.34 -7.11
CA THR A 38 1.76 1.82 -7.24
C THR A 38 0.73 2.32 -6.25
N LYS A 39 0.78 3.61 -5.84
CA LYS A 39 -0.24 4.04 -4.90
C LYS A 39 -0.91 5.36 -5.20
N ASP A 40 -2.21 5.32 -5.68
CA ASP A 40 -3.24 6.37 -5.58
C ASP A 40 -2.86 7.77 -5.70
N GLY A 41 -2.18 8.08 -6.86
CA GLY A 41 -1.57 9.32 -7.36
C GLY A 41 -0.09 9.46 -7.13
N SER A 42 0.45 8.55 -6.30
CA SER A 42 1.75 8.55 -5.64
C SER A 42 2.72 7.35 -5.84
N PRO A 43 4.07 7.54 -5.81
CA PRO A 43 5.11 6.46 -5.73
C PRO A 43 5.05 5.53 -4.48
N ILE A 44 5.60 4.31 -4.56
CA ILE A 44 5.68 3.42 -3.41
C ILE A 44 7.14 3.21 -2.95
N PRO A 45 7.45 2.96 -1.65
CA PRO A 45 8.77 2.89 -1.03
C PRO A 45 9.84 1.94 -1.60
N ASP A 46 9.79 0.63 -1.26
CA ASP A 46 10.77 -0.40 -1.67
C ASP A 46 10.26 -1.22 -2.83
N ALA A 47 8.95 -1.61 -2.79
CA ALA A 47 8.17 -2.28 -3.81
C ALA A 47 8.46 -3.73 -4.10
N SER A 48 9.63 -3.85 -4.69
CA SER A 48 10.33 -4.90 -5.34
C SER A 48 10.93 -5.94 -4.42
N GLY A 49 10.11 -6.51 -3.51
CA GLY A 49 10.64 -7.41 -2.52
C GLY A 49 9.79 -8.49 -1.99
N ALA A 50 8.65 -8.13 -1.37
CA ALA A 50 7.73 -9.01 -0.69
C ALA A 50 7.08 -8.20 0.41
N THR A 51 7.85 -7.70 1.41
CA THR A 51 7.27 -6.96 2.54
C THR A 51 8.06 -5.71 2.91
N TYR A 52 7.39 -4.53 2.78
CA TYR A 52 7.85 -3.22 3.19
C TYR A 52 6.81 -2.53 4.08
N THR A 53 7.21 -1.84 5.17
CA THR A 53 6.30 -1.10 6.05
C THR A 53 6.84 0.31 6.27
N LYS A 54 5.93 1.31 6.26
CA LYS A 54 6.14 2.73 6.51
C LYS A 54 5.41 3.05 7.82
N PRO A 55 6.09 3.27 8.99
CA PRO A 55 5.47 3.63 10.27
C PRO A 55 5.04 5.10 10.33
N THR A 56 5.47 5.92 9.37
CA THR A 56 5.16 7.32 9.29
C THR A 56 5.44 7.71 7.87
N ALA A 57 4.34 8.03 7.16
CA ALA A 57 4.36 8.49 5.79
C ALA A 57 4.23 10.01 5.68
N ALA A 58 5.18 10.65 4.94
CA ALA A 58 5.23 12.05 4.52
C ALA A 58 4.55 12.17 3.15
N ALA A 59 4.45 13.37 2.50
CA ALA A 59 3.73 13.65 1.24
C ALA A 59 3.95 12.65 0.06
N GLU A 60 5.23 12.41 -0.33
CA GLU A 60 5.71 11.44 -1.32
C GLU A 60 5.57 9.95 -0.91
N ASP A 61 5.02 9.73 0.32
CA ASP A 61 4.69 8.50 1.01
C ASP A 61 3.18 8.43 1.25
N ALA A 62 2.31 9.49 0.96
CA ALA A 62 0.81 9.39 0.94
C ALA A 62 0.04 9.22 -0.43
N GLY A 63 -1.25 8.72 -0.38
CA GLY A 63 -2.16 8.42 -1.51
C GLY A 63 -2.90 7.21 -1.15
N SER A 64 -3.33 6.43 -2.18
CA SER A 64 -3.90 5.10 -1.74
C SER A 64 -3.07 3.97 -2.32
N TYR A 65 -2.70 2.87 -1.59
CA TYR A 65 -1.75 1.84 -2.09
C TYR A 65 -2.37 0.64 -2.69
N LYS A 66 -1.87 0.19 -3.88
CA LYS A 66 -2.44 -0.91 -4.62
C LYS A 66 -1.34 -1.76 -5.22
N VAL A 67 -1.62 -3.11 -5.30
CA VAL A 67 -0.62 -4.01 -5.93
C VAL A 67 -1.17 -5.13 -6.78
N THR A 68 -0.43 -5.45 -7.90
CA THR A 68 -0.56 -6.55 -8.85
C THR A 68 0.58 -7.51 -8.60
N VAL A 69 0.30 -8.79 -8.24
CA VAL A 69 1.26 -9.80 -7.84
C VAL A 69 1.03 -11.09 -8.60
N THR A 70 2.03 -11.61 -9.38
CA THR A 70 1.89 -12.83 -10.20
C THR A 70 2.64 -14.04 -9.64
N ASP A 71 1.99 -15.25 -9.56
CA ASP A 71 2.64 -16.52 -9.14
C ASP A 71 2.45 -17.62 -10.14
N SER A 72 3.03 -18.82 -9.84
CA SER A 72 3.28 -20.07 -10.56
C SER A 72 2.19 -20.76 -11.32
N LYS A 73 0.98 -20.16 -11.40
CA LYS A 73 0.01 -20.63 -12.40
C LYS A 73 0.03 -19.62 -13.56
N GLN A 74 0.97 -18.63 -13.43
CA GLN A 74 1.29 -17.44 -14.20
C GLN A 74 0.17 -16.42 -14.14
N VAL A 75 -0.36 -16.35 -12.90
CA VAL A 75 -1.57 -15.63 -12.52
C VAL A 75 -1.28 -14.48 -11.63
N SER A 76 -1.75 -13.28 -12.07
CA SER A 76 -1.59 -12.00 -11.45
C SER A 76 -2.79 -11.80 -10.54
N LYS A 77 -2.55 -11.56 -9.25
CA LYS A 77 -3.53 -11.43 -8.18
C LYS A 77 -3.33 -10.00 -7.77
N ASP A 78 -4.37 -9.37 -7.22
CA ASP A 78 -4.31 -7.96 -6.89
C ASP A 78 -4.77 -7.75 -5.49
N SER A 79 -4.18 -6.75 -4.81
CA SER A 79 -4.56 -6.41 -3.45
C SER A 79 -4.78 -4.92 -3.28
N THR A 80 -5.81 -4.70 -2.39
CA THR A 80 -6.66 -3.58 -1.99
C THR A 80 -6.00 -2.32 -1.58
N THR A 81 -6.71 -1.20 -1.89
CA THR A 81 -6.32 0.18 -1.77
C THR A 81 -6.18 0.57 -0.29
N CYS A 82 -4.91 0.82 0.13
CA CYS A 82 -4.60 1.18 1.53
C CYS A 82 -4.56 2.70 1.49
N ALA A 83 -5.56 3.39 2.06
CA ALA A 83 -5.72 4.82 1.89
C ALA A 83 -5.11 5.63 3.02
N VAL A 84 -4.01 6.33 2.70
CA VAL A 84 -3.26 7.11 3.66
C VAL A 84 -3.32 8.52 3.19
N THR A 85 -3.98 9.39 4.02
CA THR A 85 -4.11 10.80 3.68
C THR A 85 -3.44 11.61 4.74
N VAL A 86 -2.60 12.55 4.27
CA VAL A 86 -1.71 13.32 5.09
C VAL A 86 -1.93 14.81 4.94
N ASN A 87 -2.37 15.44 6.06
CA ASN A 87 -2.54 16.86 6.20
C ASN A 87 -1.18 17.48 6.67
N PRO A 88 -0.95 18.78 6.36
CA PRO A 88 -0.11 19.74 7.08
C PRO A 88 -0.85 20.11 8.39
N THR A 89 -0.24 20.76 9.42
CA THR A 89 -0.90 20.95 10.75
C THR A 89 -2.12 21.89 10.61
N VAL A 90 -3.24 21.40 11.20
CA VAL A 90 -4.52 21.28 10.51
C VAL A 90 -5.30 22.55 10.04
N PRO A 91 -5.38 22.77 8.68
CA PRO A 91 -6.19 23.82 8.02
C PRO A 91 -7.71 23.72 8.25
N GLY A 92 -8.47 24.84 8.17
CA GLY A 92 -9.92 24.99 8.44
C GLY A 92 -10.91 24.32 7.51
N GLY A 93 -10.67 23.01 7.25
CA GLY A 93 -11.44 22.11 6.40
C GLY A 93 -12.08 21.03 7.23
N LEU A 94 -12.51 21.42 8.45
CA LEU A 94 -13.25 20.62 9.42
C LEU A 94 -14.55 21.38 9.68
N GLU A 95 -15.20 21.88 8.60
CA GLU A 95 -16.38 22.76 8.60
C GLU A 95 -17.70 22.17 9.13
N HIS A 96 -17.74 21.83 10.45
CA HIS A 96 -18.85 21.21 11.18
C HIS A 96 -19.96 22.17 11.62
N ALA A 1 -14.98 -10.10 6.28
CA ALA A 1 -14.30 -10.47 7.50
C ALA A 1 -13.10 -11.32 7.17
N LEU A 2 -13.07 -11.87 5.93
CA LEU A 2 -12.01 -12.68 5.36
C LEU A 2 -11.24 -11.88 4.30
N THR A 3 -9.89 -11.85 4.40
CA THR A 3 -8.95 -11.26 3.47
C THR A 3 -8.45 -12.30 2.51
N LEU A 4 -7.67 -11.87 1.49
CA LEU A 4 -7.04 -12.80 0.55
C LEU A 4 -5.74 -13.34 1.20
N SER A 5 -5.74 -14.55 1.83
CA SER A 5 -4.61 -15.00 2.70
C SER A 5 -4.25 -14.07 3.91
N LYS A 6 -3.65 -12.89 3.60
CA LYS A 6 -3.30 -11.76 4.44
C LYS A 6 -3.74 -10.47 3.73
N ASP A 7 -4.34 -9.47 4.46
CA ASP A 7 -4.58 -8.10 3.96
C ASP A 7 -3.28 -7.40 4.24
N LEU A 8 -2.61 -6.60 3.36
CA LEU A 8 -1.33 -5.99 3.76
C LEU A 8 -1.51 -4.86 4.79
N THR A 9 -2.58 -4.11 4.63
CA THR A 9 -3.13 -3.10 5.56
C THR A 9 -4.46 -2.74 4.93
N ALA A 10 -5.33 -1.95 5.61
CA ALA A 10 -6.60 -1.43 5.13
C ALA A 10 -6.77 0.08 5.16
N SER A 11 -6.47 0.83 6.26
CA SER A 11 -6.63 2.28 6.26
C SER A 11 -6.06 2.96 7.50
N MET A 12 -5.55 4.22 7.35
CA MET A 12 -5.23 5.11 8.45
C MET A 12 -5.44 6.58 7.99
N SER A 13 -6.39 7.35 8.60
CA SER A 13 -6.62 8.77 8.27
C SER A 13 -6.14 9.60 9.44
N VAL A 14 -5.09 10.41 9.16
CA VAL A 14 -4.31 11.15 10.15
C VAL A 14 -3.70 12.45 9.61
N GLU A 15 -3.05 13.28 10.49
CA GLU A 15 -2.06 14.32 10.14
C GLU A 15 -0.73 13.54 9.86
N GLU A 16 0.06 13.76 8.77
CA GLU A 16 1.09 12.79 8.26
C GLU A 16 2.02 12.07 9.27
N GLY A 17 1.90 10.73 9.14
CA GLY A 17 2.30 9.70 10.06
C GLY A 17 1.21 8.67 10.04
N ALA A 18 0.84 8.24 8.80
CA ALA A 18 -0.16 7.25 8.48
C ALA A 18 0.54 5.92 8.34
N ALA A 19 -0.12 4.82 8.75
CA ALA A 19 0.45 3.50 8.87
C ALA A 19 0.28 2.55 7.68
N LEU A 20 1.45 2.08 7.12
CA LEU A 20 1.58 1.04 6.10
C LEU A 20 2.39 -0.17 6.48
N THR A 21 1.84 -1.36 6.14
CA THR A 21 2.48 -2.68 6.12
C THR A 21 2.16 -3.03 4.68
N LEU A 22 3.18 -3.28 3.82
CA LEU A 22 3.05 -3.71 2.43
C LEU A 22 3.67 -5.08 2.46
N SER A 23 2.92 -6.17 2.20
CA SER A 23 3.53 -7.48 2.37
C SER A 23 2.87 -8.53 1.51
N VAL A 24 3.71 -9.33 0.82
CA VAL A 24 3.44 -10.46 -0.06
C VAL A 24 4.66 -11.38 0.07
N THR A 25 4.67 -12.60 -0.54
CA THR A 25 5.80 -13.56 -0.55
C THR A 25 6.44 -13.46 -1.95
N ALA A 26 7.81 -13.53 -2.12
CA ALA A 26 8.42 -13.30 -3.45
C ALA A 26 9.62 -14.11 -3.95
N THR A 27 9.54 -14.30 -5.31
CA THR A 27 10.40 -14.98 -6.28
C THR A 27 10.03 -14.31 -7.60
N GLY A 28 10.72 -14.63 -8.74
CA GLY A 28 10.40 -14.20 -10.10
C GLY A 28 9.19 -14.83 -10.80
N GLY A 29 8.07 -15.02 -10.06
CA GLY A 29 6.77 -15.51 -10.52
C GLY A 29 6.59 -17.00 -10.52
N THR A 30 7.41 -17.74 -9.75
CA THR A 30 7.30 -19.20 -9.57
C THR A 30 7.03 -19.53 -8.11
N GLY A 31 5.84 -20.04 -7.64
CA GLY A 31 5.40 -20.30 -6.25
C GLY A 31 4.95 -18.98 -5.62
N PRO A 32 5.84 -18.26 -4.92
CA PRO A 32 5.76 -16.82 -4.58
C PRO A 32 5.72 -15.83 -5.78
N TYR A 33 5.41 -14.54 -5.51
CA TYR A 33 5.04 -13.54 -6.51
C TYR A 33 6.09 -12.53 -7.02
N THR A 34 5.98 -12.10 -8.33
CA THR A 34 6.81 -11.07 -9.01
C THR A 34 5.86 -9.92 -9.19
N TYR A 35 6.32 -8.66 -9.09
CA TYR A 35 5.40 -7.54 -8.84
C TYR A 35 5.55 -6.20 -9.51
N ALA A 36 4.43 -5.46 -9.35
CA ALA A 36 4.20 -4.08 -9.70
C ALA A 36 3.39 -3.50 -8.53
N TRP A 37 3.95 -2.48 -7.82
CA TRP A 37 3.35 -1.82 -6.68
C TRP A 37 2.98 -0.40 -7.05
N THR A 38 1.76 0.11 -6.71
CA THR A 38 1.48 1.56 -6.89
C THR A 38 0.40 1.92 -5.93
N LYS A 39 0.10 3.20 -5.76
CA LYS A 39 -0.89 3.55 -4.81
C LYS A 39 -1.72 4.70 -5.27
N ASP A 40 -3.02 4.50 -5.69
CA ASP A 40 -4.10 5.51 -5.54
C ASP A 40 -3.83 6.95 -5.69
N GLY A 41 -3.22 7.28 -6.90
CA GLY A 41 -2.64 8.51 -7.46
C GLY A 41 -1.25 8.95 -7.02
N SER A 42 -0.59 8.16 -6.15
CA SER A 42 0.62 8.43 -5.37
C SER A 42 1.82 7.44 -5.52
N PRO A 43 3.13 7.81 -5.43
CA PRO A 43 4.30 6.86 -5.34
C PRO A 43 4.40 5.97 -4.07
N ILE A 44 4.79 4.68 -4.17
CA ILE A 44 5.02 3.77 -3.03
C ILE A 44 6.49 3.78 -2.53
N PRO A 45 6.84 3.35 -1.30
CA PRO A 45 8.18 3.49 -0.72
C PRO A 45 9.30 2.59 -1.26
N ASP A 46 9.43 1.32 -0.81
CA ASP A 46 10.54 0.41 -1.10
C ASP A 46 10.03 -0.79 -1.87
N ALA A 47 9.46 -0.53 -3.06
CA ALA A 47 8.85 -1.43 -4.02
C ALA A 47 9.75 -2.40 -4.73
N SER A 48 9.16 -3.56 -5.11
CA SER A 48 9.80 -4.64 -5.83
C SER A 48 10.63 -5.52 -4.88
N GLY A 49 9.93 -6.18 -3.93
CA GLY A 49 10.57 -6.91 -2.85
C GLY A 49 9.84 -8.11 -2.35
N ALA A 50 8.90 -7.89 -1.41
CA ALA A 50 8.05 -8.90 -0.80
C ALA A 50 7.42 -8.26 0.41
N THR A 51 8.21 -7.88 1.45
CA THR A 51 7.67 -7.29 2.69
C THR A 51 8.43 -6.03 3.15
N TYR A 52 7.74 -4.86 3.03
CA TYR A 52 8.16 -3.52 3.43
C TYR A 52 7.13 -2.82 4.34
N THR A 53 7.56 -2.06 5.38
CA THR A 53 6.66 -1.33 6.27
C THR A 53 7.11 0.11 6.36
N LYS A 54 6.10 1.02 6.36
CA LYS A 54 6.19 2.46 6.44
C LYS A 54 5.29 2.85 7.60
N PRO A 55 5.78 2.98 8.85
CA PRO A 55 4.98 3.24 10.05
C PRO A 55 4.48 4.69 10.13
N THR A 56 5.28 5.65 9.61
CA THR A 56 4.95 7.05 9.60
C THR A 56 5.13 7.51 8.17
N ALA A 57 4.00 7.63 7.46
CA ALA A 57 3.91 8.03 6.07
C ALA A 57 3.67 9.52 5.91
N ALA A 58 4.61 10.25 5.25
CA ALA A 58 4.56 11.66 4.86
C ALA A 58 3.84 11.78 3.51
N ALA A 59 3.64 12.98 2.88
CA ALA A 59 2.85 13.19 1.64
C ALA A 59 3.12 12.24 0.43
N GLU A 60 4.41 12.06 0.02
CA GLU A 60 4.95 11.11 -0.97
C GLU A 60 4.87 9.62 -0.56
N ASP A 61 4.31 9.39 0.64
CA ASP A 61 4.00 8.12 1.29
C ASP A 61 2.48 7.95 1.50
N ALA A 62 1.57 9.01 1.36
CA ALA A 62 0.09 8.85 1.45
C ALA A 62 -0.72 8.74 0.11
N GLY A 63 -1.93 8.09 0.10
CA GLY A 63 -2.81 7.74 -1.08
C GLY A 63 -3.58 6.52 -0.77
N SER A 64 -4.05 5.82 -1.87
CA SER A 64 -4.56 4.46 -1.50
C SER A 64 -3.59 3.44 -2.10
N TYR A 65 -3.06 2.41 -1.36
CA TYR A 65 -2.01 1.46 -1.80
C TYR A 65 -2.56 0.16 -2.33
N LYS A 66 -2.02 -0.32 -3.49
CA LYS A 66 -2.50 -1.51 -4.20
C LYS A 66 -1.36 -2.20 -4.91
N VAL A 67 -1.48 -3.56 -5.07
CA VAL A 67 -0.37 -4.29 -5.74
C VAL A 67 -0.83 -5.44 -6.62
N THR A 68 -0.19 -5.55 -7.84
CA THR A 68 -0.33 -6.56 -8.91
C THR A 68 0.90 -7.44 -8.80
N VAL A 69 0.65 -8.71 -8.39
CA VAL A 69 1.61 -9.72 -7.98
C VAL A 69 1.37 -11.00 -8.75
N THR A 70 2.30 -11.42 -9.65
CA THR A 70 2.17 -12.61 -10.51
C THR A 70 2.90 -13.85 -10.02
N ASP A 71 2.24 -15.04 -9.97
CA ASP A 71 2.87 -16.33 -9.62
C ASP A 71 2.59 -17.39 -10.65
N SER A 72 3.11 -18.64 -10.35
CA SER A 72 3.28 -19.90 -11.05
C SER A 72 2.14 -20.54 -11.79
N LYS A 73 0.95 -19.85 -11.85
CA LYS A 73 -0.05 -20.26 -12.85
C LYS A 73 0.04 -19.26 -14.02
N GLN A 74 1.06 -18.33 -13.92
CA GLN A 74 1.47 -17.16 -14.72
C GLN A 74 0.41 -16.07 -14.66
N VAL A 75 -0.13 -15.96 -13.42
CA VAL A 75 -1.31 -15.16 -13.08
C VAL A 75 -0.96 -14.02 -12.19
N SER A 76 -1.45 -12.76 -12.45
CA SER A 76 -1.24 -11.60 -11.55
C SER A 76 -2.44 -11.57 -10.62
N LYS A 77 -2.19 -11.42 -9.31
CA LYS A 77 -3.13 -11.42 -8.22
C LYS A 77 -3.00 -10.05 -7.67
N ASP A 78 -4.04 -9.56 -6.94
CA ASP A 78 -4.04 -8.20 -6.45
C ASP A 78 -4.27 -8.21 -4.98
N SER A 79 -3.44 -7.40 -4.26
CA SER A 79 -3.58 -7.16 -2.83
C SER A 79 -4.01 -5.72 -2.64
N THR A 80 -4.88 -5.62 -1.59
CA THR A 80 -5.93 -4.71 -1.17
C THR A 80 -5.63 -3.25 -1.04
N THR A 81 -6.65 -2.38 -1.35
CA THR A 81 -6.54 -0.94 -1.27
C THR A 81 -6.41 -0.47 0.18
N CYS A 82 -5.19 0.01 0.52
CA CYS A 82 -4.85 0.49 1.84
C CYS A 82 -4.95 2.01 1.75
N ALA A 83 -5.96 2.62 2.39
CA ALA A 83 -6.19 4.05 2.28
C ALA A 83 -5.58 4.84 3.46
N VAL A 84 -4.42 5.50 3.19
CA VAL A 84 -3.69 6.30 4.16
C VAL A 84 -3.78 7.73 3.74
N THR A 85 -4.46 8.55 4.59
CA THR A 85 -4.75 9.95 4.28
C THR A 85 -3.96 10.77 5.24
N VAL A 86 -3.25 11.79 4.69
CA VAL A 86 -2.40 12.70 5.43
C VAL A 86 -2.66 14.13 5.03
N ASN A 87 -2.98 14.94 6.06
CA ASN A 87 -2.98 16.40 5.99
C ASN A 87 -1.75 16.92 6.79
N PRO A 88 -1.29 18.17 6.55
CA PRO A 88 -0.39 18.99 7.38
C PRO A 88 -1.14 19.49 8.63
N THR A 89 -0.46 20.06 9.67
CA THR A 89 -1.09 20.54 10.92
C THR A 89 -1.97 21.76 10.60
N VAL A 90 -3.25 21.64 11.06
CA VAL A 90 -4.43 21.72 10.20
C VAL A 90 -4.79 23.04 9.47
N PRO A 91 -4.88 23.00 8.09
CA PRO A 91 -5.28 24.10 7.20
C PRO A 91 -6.70 24.61 7.43
N GLY A 92 -6.96 25.94 7.25
CA GLY A 92 -8.22 26.67 7.48
C GLY A 92 -9.36 26.42 6.52
N GLY A 93 -9.69 25.13 6.29
CA GLY A 93 -10.77 24.61 5.46
C GLY A 93 -11.88 24.08 6.32
N LEU A 94 -12.09 24.74 7.48
CA LEU A 94 -13.07 24.40 8.49
C LEU A 94 -13.81 25.67 8.93
N GLU A 95 -14.12 26.57 7.97
CA GLU A 95 -14.76 27.89 8.16
C GLU A 95 -16.26 27.86 8.45
N HIS A 96 -16.64 27.15 9.54
CA HIS A 96 -18.00 26.99 10.02
C HIS A 96 -17.97 26.96 11.54
N ALA A 1 -13.56 -8.98 0.99
CA ALA A 1 -13.66 -8.84 2.42
C ALA A 1 -12.49 -9.54 3.07
N LEU A 2 -11.98 -10.61 2.41
CA LEU A 2 -10.85 -11.43 2.84
C LEU A 2 -9.60 -11.08 2.04
N THR A 3 -8.48 -10.80 2.77
CA THR A 3 -7.16 -10.49 2.27
C THR A 3 -6.29 -11.71 2.43
N LEU A 4 -5.05 -11.63 1.89
CA LEU A 4 -4.02 -12.64 2.04
C LEU A 4 -3.46 -12.62 3.47
N SER A 5 -3.89 -13.51 4.41
CA SER A 5 -3.56 -13.43 5.87
C SER A 5 -4.00 -12.09 6.56
N LYS A 6 -3.14 -11.06 6.39
CA LYS A 6 -3.31 -9.64 6.66
C LYS A 6 -2.78 -8.93 5.41
N ASP A 7 -3.52 -7.87 5.04
CA ASP A 7 -3.46 -6.91 3.97
C ASP A 7 -2.50 -5.78 4.38
N LEU A 8 -2.16 -4.86 3.48
CA LEU A 8 -1.21 -3.82 3.80
C LEU A 8 -1.72 -2.71 4.80
N THR A 9 -2.99 -2.28 4.75
CA THR A 9 -3.66 -1.47 5.76
C THR A 9 -5.03 -1.45 5.14
N ALA A 10 -6.07 -0.86 5.76
CA ALA A 10 -7.28 -0.53 4.99
C ALA A 10 -7.33 0.98 4.83
N SER A 11 -7.20 1.78 5.91
CA SER A 11 -7.14 3.23 5.80
C SER A 11 -6.68 3.95 7.07
N MET A 12 -5.77 4.96 6.95
CA MET A 12 -5.56 5.93 8.02
C MET A 12 -5.43 7.33 7.41
N SER A 13 -6.37 8.26 7.73
CA SER A 13 -6.30 9.66 7.30
C SER A 13 -5.98 10.51 8.52
N VAL A 14 -4.79 11.14 8.47
CA VAL A 14 -4.12 11.84 9.56
C VAL A 14 -3.25 13.00 9.04
N GLU A 15 -2.66 13.84 9.95
CA GLU A 15 -1.49 14.70 9.71
C GLU A 15 -0.24 13.77 9.69
N GLU A 16 0.73 13.92 8.74
CA GLU A 16 1.77 12.90 8.38
C GLU A 16 2.47 12.16 9.54
N GLY A 17 2.29 10.82 9.41
CA GLY A 17 2.47 9.84 10.44
C GLY A 17 1.34 8.83 10.44
N ALA A 18 0.95 8.33 9.23
CA ALA A 18 -0.02 7.24 9.05
C ALA A 18 0.64 5.87 9.23
N ALA A 19 -0.17 4.79 9.41
CA ALA A 19 0.36 3.44 9.74
C ALA A 19 0.21 2.44 8.61
N LEU A 20 1.36 2.20 7.91
CA LEU A 20 1.43 1.35 6.74
C LEU A 20 2.35 0.17 6.87
N THR A 21 1.86 -1.05 6.55
CA THR A 21 2.68 -2.24 6.33
C THR A 21 2.41 -2.46 4.86
N LEU A 22 3.35 -2.75 3.97
CA LEU A 22 3.04 -3.07 2.58
C LEU A 22 3.55 -4.48 2.47
N SER A 23 2.65 -5.48 2.25
CA SER A 23 3.09 -6.86 2.41
C SER A 23 2.36 -7.85 1.53
N VAL A 24 3.19 -8.71 0.88
CA VAL A 24 2.95 -9.83 -0.03
C VAL A 24 4.12 -10.81 0.19
N THR A 25 4.16 -12.03 -0.42
CA THR A 25 5.26 -13.03 -0.37
C THR A 25 5.99 -12.94 -1.73
N ALA A 26 7.36 -13.05 -1.83
CA ALA A 26 8.07 -12.83 -3.10
C ALA A 26 9.21 -13.76 -3.54
N THR A 27 9.13 -14.11 -4.85
CA THR A 27 10.00 -14.93 -5.67
C THR A 27 9.65 -14.42 -7.08
N GLY A 28 10.34 -14.81 -8.20
CA GLY A 28 10.04 -14.39 -9.59
C GLY A 28 8.82 -15.02 -10.26
N GLY A 29 7.71 -15.09 -9.49
CA GLY A 29 6.39 -15.57 -9.85
C GLY A 29 6.22 -17.05 -9.83
N THR A 30 7.02 -17.78 -9.03
CA THR A 30 6.86 -19.23 -8.81
C THR A 30 6.57 -19.44 -7.34
N GLY A 31 5.36 -19.87 -6.86
CA GLY A 31 4.88 -20.03 -5.48
C GLY A 31 4.52 -18.68 -4.89
N PRO A 32 5.46 -17.96 -4.26
CA PRO A 32 5.44 -16.51 -4.01
C PRO A 32 5.39 -15.59 -5.27
N TYR A 33 5.13 -14.26 -5.08
CA TYR A 33 4.76 -13.33 -6.14
C TYR A 33 5.83 -12.35 -6.70
N THR A 34 5.73 -12.03 -8.04
CA THR A 34 6.52 -11.02 -8.83
C THR A 34 5.53 -9.89 -9.05
N TYR A 35 5.95 -8.60 -9.26
CA TYR A 35 5.00 -7.49 -9.05
C TYR A 35 5.15 -6.14 -9.75
N ALA A 36 4.01 -5.40 -9.67
CA ALA A 36 3.80 -4.02 -10.06
C ALA A 36 3.07 -3.36 -8.88
N TRP A 37 3.72 -2.37 -8.20
CA TRP A 37 3.24 -1.63 -7.06
C TRP A 37 2.98 -0.18 -7.45
N THR A 38 1.79 0.40 -7.11
CA THR A 38 1.61 1.86 -7.25
C THR A 38 0.61 2.26 -6.23
N LYS A 39 0.43 3.56 -6.01
CA LYS A 39 -0.51 4.01 -5.05
C LYS A 39 -1.22 5.12 -5.73
N ASP A 40 -2.50 5.02 -6.18
CA ASP A 40 -3.50 6.11 -5.98
C ASP A 40 -3.14 7.56 -5.94
N GLY A 41 -2.40 7.97 -7.00
CA GLY A 41 -1.73 9.27 -7.29
C GLY A 41 -0.35 9.56 -6.72
N SER A 42 0.22 8.66 -5.88
CA SER A 42 1.44 8.76 -5.07
C SER A 42 2.54 7.67 -5.26
N PRO A 43 3.86 7.97 -5.12
CA PRO A 43 5.00 6.99 -5.12
C PRO A 43 4.98 5.96 -3.97
N ILE A 44 5.34 4.68 -4.21
CA ILE A 44 5.45 3.64 -3.18
C ILE A 44 6.87 3.63 -2.57
N PRO A 45 7.13 2.98 -1.40
CA PRO A 45 8.39 3.03 -0.62
C PRO A 45 9.71 2.74 -1.32
N ASP A 46 9.74 1.68 -2.16
CA ASP A 46 10.91 1.24 -2.90
C ASP A 46 10.42 0.22 -3.89
N ALA A 47 9.64 -0.76 -3.36
CA ALA A 47 9.03 -1.90 -4.01
C ALA A 47 10.01 -3.04 -4.20
N SER A 48 9.60 -3.97 -5.07
CA SER A 48 10.40 -5.05 -5.60
C SER A 48 10.55 -6.32 -4.79
N GLY A 49 9.92 -6.49 -3.61
CA GLY A 49 9.99 -7.84 -3.07
C GLY A 49 9.52 -8.07 -1.69
N ALA A 50 8.18 -8.28 -1.64
CA ALA A 50 7.45 -8.86 -0.53
C ALA A 50 7.00 -7.93 0.55
N THR A 51 7.87 -7.49 1.48
CA THR A 51 7.39 -6.76 2.65
C THR A 51 8.28 -5.59 3.10
N TYR A 52 7.65 -4.38 3.07
CA TYR A 52 8.14 -3.06 3.44
C TYR A 52 7.19 -2.40 4.42
N THR A 53 7.62 -1.63 5.47
CA THR A 53 6.68 -0.95 6.38
C THR A 53 7.03 0.53 6.45
N LYS A 54 5.98 1.41 6.45
CA LYS A 54 6.00 2.86 6.57
C LYS A 54 5.20 3.14 7.84
N PRO A 55 5.84 3.17 9.01
CA PRO A 55 5.21 3.27 10.34
C PRO A 55 4.66 4.65 10.61
N THR A 56 5.30 5.68 10.06
CA THR A 56 4.92 7.06 10.15
C THR A 56 5.31 7.55 8.77
N ALA A 57 4.32 7.68 7.86
CA ALA A 57 4.46 8.08 6.48
C ALA A 57 4.43 9.61 6.26
N ALA A 58 5.37 10.17 5.44
CA ALA A 58 5.49 11.59 5.06
C ALA A 58 4.53 11.98 3.93
N ALA A 59 4.38 13.29 3.54
CA ALA A 59 3.38 13.80 2.59
C ALA A 59 3.17 13.06 1.25
N GLU A 60 4.29 12.67 0.56
CA GLU A 60 4.38 11.87 -0.67
C GLU A 60 3.92 10.41 -0.53
N ASP A 61 3.78 9.95 0.74
CA ASP A 61 3.12 8.72 1.18
C ASP A 61 1.56 8.81 1.10
N ALA A 62 0.95 10.05 1.05
CA ALA A 62 -0.51 10.24 0.79
C ALA A 62 -1.15 9.75 -0.55
N GLY A 63 -2.13 8.82 -0.49
CA GLY A 63 -2.93 8.37 -1.65
C GLY A 63 -3.61 7.11 -1.28
N SER A 64 -3.92 6.34 -2.34
CA SER A 64 -4.41 4.98 -2.00
C SER A 64 -3.45 3.99 -2.58
N TYR A 65 -2.99 2.97 -1.82
CA TYR A 65 -1.90 2.04 -2.17
C TYR A 65 -2.47 0.77 -2.73
N LYS A 66 -1.91 0.25 -3.87
CA LYS A 66 -2.45 -0.90 -4.56
C LYS A 66 -1.32 -1.71 -5.17
N VAL A 67 -1.51 -3.06 -5.15
CA VAL A 67 -0.45 -3.91 -5.77
C VAL A 67 -0.98 -5.10 -6.53
N THR A 68 -0.38 -5.32 -7.76
CA THR A 68 -0.59 -6.41 -8.72
C THR A 68 0.59 -7.35 -8.57
N VAL A 69 0.31 -8.62 -8.24
CA VAL A 69 1.24 -9.64 -7.83
C VAL A 69 0.98 -10.93 -8.60
N THR A 70 1.96 -11.47 -9.37
CA THR A 70 1.80 -12.69 -10.20
C THR A 70 2.54 -13.89 -9.64
N ASP A 71 1.90 -15.10 -9.56
CA ASP A 71 2.52 -16.36 -9.10
C ASP A 71 2.29 -17.49 -10.07
N SER A 72 2.78 -18.70 -9.68
CA SER A 72 3.01 -20.00 -10.30
C SER A 72 1.92 -20.67 -11.10
N LYS A 73 0.73 -20.03 -11.24
CA LYS A 73 -0.18 -20.50 -12.30
C LYS A 73 -0.03 -19.55 -13.51
N GLN A 74 0.96 -18.61 -13.37
CA GLN A 74 1.40 -17.47 -14.18
C GLN A 74 0.33 -16.39 -14.26
N VAL A 75 -0.28 -16.24 -13.07
CA VAL A 75 -1.49 -15.46 -12.81
C VAL A 75 -1.22 -14.28 -11.94
N SER A 76 -1.72 -13.09 -12.34
CA SER A 76 -1.61 -11.80 -11.67
C SER A 76 -2.81 -11.65 -10.75
N LYS A 77 -2.59 -11.43 -9.44
CA LYS A 77 -3.56 -11.29 -8.37
C LYS A 77 -3.35 -9.87 -7.90
N ASP A 78 -4.35 -9.24 -7.22
CA ASP A 78 -4.23 -7.85 -6.81
C ASP A 78 -4.57 -7.74 -5.33
N SER A 79 -3.78 -6.94 -4.57
CA SER A 79 -3.99 -6.66 -3.15
C SER A 79 -4.34 -5.21 -2.98
N THR A 80 -5.27 -5.05 -1.98
CA THR A 80 -6.22 -4.03 -1.60
C THR A 80 -5.75 -2.63 -1.40
N THR A 81 -6.66 -1.66 -1.71
CA THR A 81 -6.48 -0.23 -1.66
C THR A 81 -6.35 0.24 -0.22
N CYS A 82 -5.12 0.69 0.14
CA CYS A 82 -4.81 1.15 1.50
C CYS A 82 -4.89 2.65 1.37
N ALA A 83 -5.93 3.29 1.98
CA ALA A 83 -6.15 4.71 1.83
C ALA A 83 -5.53 5.48 3.00
N VAL A 84 -4.39 6.14 2.70
CA VAL A 84 -3.62 6.86 3.71
C VAL A 84 -3.60 8.30 3.30
N THR A 85 -3.97 9.18 4.26
CA THR A 85 -3.96 10.61 4.02
C THR A 85 -3.00 11.07 5.05
N VAL A 86 -1.94 11.78 4.65
CA VAL A 86 -0.95 12.30 5.55
C VAL A 86 -0.89 13.78 5.21
N ASN A 87 -1.51 14.63 6.06
CA ASN A 87 -1.67 16.07 5.90
C ASN A 87 -0.42 16.83 6.35
N PRO A 88 -0.15 18.06 5.86
CA PRO A 88 0.67 19.10 6.51
C PRO A 88 -0.08 19.59 7.77
N THR A 89 0.54 20.31 8.74
CA THR A 89 -0.10 20.66 10.03
C THR A 89 -1.27 21.64 9.79
N VAL A 90 -2.37 21.27 10.50
CA VAL A 90 -3.67 21.05 9.88
C VAL A 90 -4.48 22.19 9.22
N PRO A 91 -4.58 22.19 7.84
CA PRO A 91 -5.43 23.08 7.03
C PRO A 91 -6.94 22.92 7.28
N GLY A 92 -7.75 24.00 7.02
CA GLY A 92 -9.21 24.12 7.24
C GLY A 92 -10.13 23.30 6.38
N GLY A 93 -9.82 21.97 6.30
CA GLY A 93 -10.54 20.93 5.57
C GLY A 93 -11.26 20.03 6.53
N LEU A 94 -11.66 20.58 7.69
CA LEU A 94 -12.43 19.93 8.75
C LEU A 94 -13.76 20.66 8.86
N GLU A 95 -14.42 20.93 7.70
CA GLU A 95 -15.68 21.67 7.54
C GLU A 95 -16.95 20.96 8.04
N HIS A 96 -16.97 20.69 9.37
CA HIS A 96 -18.03 20.05 10.13
C HIS A 96 -18.78 21.10 10.94
N ALA A 1 -11.72 -6.02 -2.26
CA ALA A 1 -12.66 -5.91 -1.18
C ALA A 1 -12.31 -6.91 -0.09
N LEU A 2 -11.97 -8.17 -0.47
CA LEU A 2 -11.61 -9.26 0.43
C LEU A 2 -10.11 -9.54 0.33
N THR A 3 -9.41 -9.84 1.45
CA THR A 3 -8.01 -10.22 1.52
C THR A 3 -7.87 -11.72 1.52
N LEU A 4 -6.59 -12.14 1.43
CA LEU A 4 -6.11 -13.47 1.57
C LEU A 4 -5.86 -13.72 3.06
N SER A 5 -6.78 -14.38 3.82
CA SER A 5 -6.71 -14.55 5.29
C SER A 5 -6.70 -13.23 6.13
N LYS A 6 -5.52 -12.55 6.15
CA LYS A 6 -5.26 -11.19 6.60
C LYS A 6 -4.40 -10.58 5.49
N ASP A 7 -4.68 -9.30 5.20
CA ASP A 7 -4.11 -8.34 4.26
C ASP A 7 -2.91 -7.67 4.86
N LEU A 8 -2.23 -6.84 4.02
CA LEU A 8 -1.13 -6.05 4.52
C LEU A 8 -1.59 -4.89 5.49
N THR A 9 -2.73 -4.21 5.33
CA THR A 9 -3.26 -3.22 6.28
C THR A 9 -4.67 -2.97 5.74
N ALA A 10 -5.55 -2.22 6.43
CA ALA A 10 -6.89 -1.87 6.00
C ALA A 10 -7.20 -0.39 6.30
N SER A 11 -6.82 0.16 7.49
CA SER A 11 -7.13 1.56 7.81
C SER A 11 -6.36 2.20 8.96
N MET A 12 -5.54 3.28 8.74
CA MET A 12 -5.23 4.24 9.81
C MET A 12 -5.30 5.67 9.25
N SER A 13 -6.23 6.53 9.74
CA SER A 13 -6.32 7.94 9.32
C SER A 13 -5.96 8.84 10.49
N VAL A 14 -4.86 9.61 10.32
CA VAL A 14 -4.21 10.40 11.35
C VAL A 14 -3.56 11.63 10.74
N GLU A 15 -3.02 12.60 11.56
CA GLU A 15 -2.06 13.65 11.14
C GLU A 15 -0.67 12.97 11.16
N GLU A 16 0.18 13.07 10.09
CA GLU A 16 1.25 12.12 9.68
C GLU A 16 2.15 11.49 10.76
N GLY A 17 2.06 10.14 10.69
CA GLY A 17 2.46 9.18 11.71
C GLY A 17 1.51 8.02 11.75
N ALA A 18 1.10 7.47 10.56
CA ALA A 18 0.24 6.28 10.44
C ALA A 18 1.05 4.98 10.46
N ALA A 19 0.34 3.84 10.60
CA ALA A 19 0.93 2.50 10.72
C ALA A 19 0.61 1.70 9.48
N LEU A 20 1.59 1.65 8.55
CA LEU A 20 1.47 1.05 7.23
C LEU A 20 2.26 -0.24 7.05
N THR A 21 1.64 -1.45 6.91
CA THR A 21 2.37 -2.70 6.62
C THR A 21 2.08 -2.95 5.18
N LEU A 22 3.11 -3.13 4.31
CA LEU A 22 2.94 -3.49 2.91
C LEU A 22 3.75 -4.77 2.77
N SER A 23 3.09 -5.93 2.50
CA SER A 23 3.77 -7.21 2.49
C SER A 23 3.13 -8.21 1.54
N VAL A 24 3.97 -8.90 0.73
CA VAL A 24 3.69 -9.97 -0.24
C VAL A 24 4.95 -10.83 -0.20
N THR A 25 5.00 -12.00 -0.89
CA THR A 25 6.17 -12.90 -1.03
C THR A 25 6.68 -12.62 -2.44
N ALA A 26 8.02 -12.54 -2.71
CA ALA A 26 8.47 -12.15 -4.05
C ALA A 26 9.68 -12.80 -4.65
N THR A 27 9.54 -13.02 -5.97
CA THR A 27 10.44 -13.62 -6.95
C THR A 27 9.91 -13.05 -8.28
N GLY A 28 10.54 -13.27 -9.47
CA GLY A 28 10.07 -12.80 -10.80
C GLY A 28 8.91 -13.56 -11.43
N GLY A 29 7.87 -13.84 -10.60
CA GLY A 29 6.62 -14.53 -10.91
C GLY A 29 6.71 -16.03 -10.95
N THR A 30 7.75 -16.61 -10.30
CA THR A 30 8.01 -18.04 -10.20
C THR A 30 7.92 -18.41 -8.74
N GLY A 31 6.89 -19.18 -8.27
CA GLY A 31 6.46 -19.48 -6.90
C GLY A 31 5.84 -18.25 -6.21
N PRO A 32 6.61 -17.41 -5.52
CA PRO A 32 6.32 -16.03 -5.14
C PRO A 32 6.08 -15.00 -6.30
N TYR A 33 5.58 -13.79 -5.96
CA TYR A 33 5.03 -12.78 -6.87
C TYR A 33 5.92 -11.62 -7.43
N THR A 34 5.71 -11.22 -8.74
CA THR A 34 6.31 -10.07 -9.45
C THR A 34 5.22 -9.02 -9.49
N TYR A 35 5.50 -7.70 -9.60
CA TYR A 35 4.51 -6.68 -9.18
C TYR A 35 4.51 -5.25 -9.75
N ALA A 36 3.36 -4.59 -9.45
CA ALA A 36 3.07 -3.19 -9.70
C ALA A 36 2.24 -2.67 -8.53
N TRP A 37 2.75 -1.71 -7.68
CA TRP A 37 1.98 -1.18 -6.57
C TRP A 37 1.66 0.30 -6.81
N THR A 38 0.57 0.83 -6.18
CA THR A 38 0.33 2.29 -6.10
C THR A 38 -0.41 2.52 -4.81
N LYS A 39 -0.41 3.77 -4.23
CA LYS A 39 -1.46 3.98 -3.26
C LYS A 39 -2.33 5.15 -3.58
N ASP A 40 -3.56 4.90 -4.15
CA ASP A 40 -4.79 5.69 -3.99
C ASP A 40 -4.74 7.14 -3.94
N GLY A 41 -4.07 7.72 -4.98
CA GLY A 41 -3.68 9.12 -5.20
C GLY A 41 -2.21 9.46 -5.02
N SER A 42 -1.45 8.57 -4.34
CA SER A 42 -0.08 8.65 -3.84
C SER A 42 0.99 7.59 -4.30
N PRO A 43 2.30 8.02 -4.44
CA PRO A 43 3.52 7.20 -4.79
C PRO A 43 3.95 6.12 -3.77
N ILE A 44 4.33 4.85 -4.06
CA ILE A 44 4.72 3.91 -2.98
C ILE A 44 6.19 3.98 -2.48
N PRO A 45 6.59 3.39 -1.30
CA PRO A 45 7.95 3.37 -0.72
C PRO A 45 8.93 2.56 -1.56
N ASP A 46 9.46 3.19 -2.63
CA ASP A 46 10.35 2.64 -3.64
C ASP A 46 9.58 1.82 -4.68
N ALA A 47 8.91 0.71 -4.20
CA ALA A 47 8.11 -0.25 -4.93
C ALA A 47 8.97 -1.33 -5.52
N SER A 48 8.33 -2.45 -5.88
CA SER A 48 8.97 -3.56 -6.58
C SER A 48 9.88 -4.40 -5.68
N GLY A 49 9.28 -4.99 -4.61
CA GLY A 49 10.03 -5.65 -3.56
C GLY A 49 9.46 -6.89 -2.98
N ALA A 50 8.56 -6.74 -1.98
CA ALA A 50 7.92 -7.84 -1.25
C ALA A 50 7.37 -7.34 0.08
N THR A 51 8.25 -7.01 1.07
CA THR A 51 7.79 -6.63 2.42
C THR A 51 8.53 -5.41 2.99
N TYR A 52 7.83 -4.24 3.00
CA TYR A 52 8.24 -2.95 3.59
C TYR A 52 7.15 -2.41 4.51
N THR A 53 7.51 -1.80 5.66
CA THR A 53 6.54 -1.21 6.57
C THR A 53 6.97 0.22 6.89
N LYS A 54 5.99 1.18 6.95
CA LYS A 54 6.18 2.55 7.40
C LYS A 54 5.53 2.63 8.81
N PRO A 55 6.29 2.80 9.91
CA PRO A 55 5.80 2.92 11.30
C PRO A 55 5.23 4.31 11.62
N THR A 56 5.55 5.30 10.77
CA THR A 56 5.10 6.66 10.84
C THR A 56 5.38 7.18 9.45
N ALA A 57 4.30 7.25 8.63
CA ALA A 57 4.28 7.67 7.25
C ALA A 57 4.07 9.20 7.09
N ALA A 58 4.86 9.88 6.20
CA ALA A 58 4.81 11.31 5.85
C ALA A 58 3.76 11.62 4.77
N ALA A 59 3.52 12.91 4.35
CA ALA A 59 2.44 13.34 3.45
C ALA A 59 2.19 12.58 2.14
N GLU A 60 3.29 12.29 1.38
CA GLU A 60 3.39 11.47 0.16
C GLU A 60 2.97 10.00 0.33
N ASP A 61 2.92 9.55 1.60
CA ASP A 61 2.39 8.28 2.11
C ASP A 61 0.84 8.25 2.25
N ALA A 62 0.11 9.42 2.36
CA ALA A 62 -1.37 9.42 2.36
C ALA A 62 -2.15 8.98 1.07
N GLY A 63 -3.06 7.97 1.19
CA GLY A 63 -3.99 7.53 0.13
C GLY A 63 -4.50 6.21 0.50
N SER A 64 -4.99 5.49 -0.53
CA SER A 64 -5.33 4.08 -0.20
C SER A 64 -4.36 3.18 -0.96
N TYR A 65 -3.73 2.14 -0.34
CA TYR A 65 -2.66 1.34 -0.94
C TYR A 65 -3.22 0.09 -1.55
N LYS A 66 -2.78 -0.18 -2.80
CA LYS A 66 -3.29 -1.26 -3.62
C LYS A 66 -2.15 -1.85 -4.37
N VAL A 67 -2.23 -3.19 -4.52
CA VAL A 67 -1.16 -3.90 -5.26
C VAL A 67 -1.67 -4.90 -6.27
N THR A 68 -0.96 -5.01 -7.45
CA THR A 68 -1.13 -6.02 -8.51
C THR A 68 0.11 -6.90 -8.47
N VAL A 69 -0.05 -8.23 -8.24
CA VAL A 69 1.01 -9.21 -8.00
C VAL A 69 0.83 -10.46 -8.86
N THR A 70 1.80 -10.85 -9.73
CA THR A 70 1.72 -12.02 -10.63
C THR A 70 2.65 -13.16 -10.24
N ASP A 71 2.14 -14.44 -10.13
CA ASP A 71 2.99 -15.62 -9.86
C ASP A 71 2.80 -16.72 -10.86
N SER A 72 3.35 -17.93 -10.52
CA SER A 72 3.70 -19.13 -11.24
C SER A 72 2.73 -19.82 -12.16
N LYS A 73 1.51 -19.28 -12.31
CA LYS A 73 0.65 -19.76 -13.41
C LYS A 73 0.61 -18.67 -14.49
N GLN A 74 1.42 -17.59 -14.27
CA GLN A 74 1.54 -16.29 -14.96
C GLN A 74 0.29 -15.47 -14.72
N VAL A 75 -0.17 -15.58 -13.44
CA VAL A 75 -1.44 -15.08 -12.95
C VAL A 75 -1.27 -13.96 -11.98
N SER A 76 -1.89 -12.79 -12.29
CA SER A 76 -1.88 -11.53 -11.58
C SER A 76 -3.04 -11.55 -10.60
N LYS A 77 -2.73 -11.34 -9.31
CA LYS A 77 -3.61 -11.31 -8.16
C LYS A 77 -3.48 -9.89 -7.67
N ASP A 78 -4.47 -9.38 -6.92
CA ASP A 78 -4.49 -8.01 -6.45
C ASP A 78 -4.77 -8.06 -4.97
N SER A 79 -4.17 -7.16 -4.15
CA SER A 79 -4.46 -7.10 -2.73
C SER A 79 -4.88 -5.69 -2.36
N THR A 80 -5.79 -5.77 -1.32
CA THR A 80 -6.78 -4.92 -0.69
C THR A 80 -6.30 -3.60 -0.24
N THR A 81 -7.25 -2.62 -0.33
CA THR A 81 -7.04 -1.22 -0.12
C THR A 81 -6.74 -0.92 1.34
N CYS A 82 -5.46 -0.53 1.59
CA CYS A 82 -4.97 -0.15 2.91
C CYS A 82 -5.18 1.36 2.92
N ALA A 83 -6.15 1.89 3.69
CA ALA A 83 -6.50 3.30 3.66
C ALA A 83 -5.78 4.04 4.78
N VAL A 84 -4.79 4.85 4.40
CA VAL A 84 -3.96 5.57 5.34
C VAL A 84 -4.07 7.04 5.05
N THR A 85 -4.39 7.86 6.09
CA THR A 85 -4.41 9.31 5.86
C THR A 85 -3.24 9.78 6.69
N VAL A 86 -2.24 10.45 6.06
CA VAL A 86 -1.18 11.10 6.79
C VAL A 86 -1.03 12.46 6.13
N ASN A 87 -1.56 13.52 6.78
CA ASN A 87 -1.45 14.92 6.36
C ASN A 87 -0.49 15.65 7.29
N PRO A 88 0.22 16.74 6.89
CA PRO A 88 0.87 17.74 7.74
C PRO A 88 -0.20 18.58 8.46
N THR A 89 0.12 19.39 9.53
CA THR A 89 -0.89 20.15 10.30
C THR A 89 -1.49 21.25 9.39
N VAL A 90 -2.84 21.32 9.44
CA VAL A 90 -3.67 21.18 8.22
C VAL A 90 -3.62 22.23 7.09
N PRO A 91 -3.09 21.84 5.87
CA PRO A 91 -3.05 22.65 4.64
C PRO A 91 -4.43 23.03 4.08
N GLY A 92 -4.55 24.21 3.42
CA GLY A 92 -5.78 24.82 2.86
C GLY A 92 -6.40 24.16 1.65
N GLY A 93 -6.58 22.82 1.73
CA GLY A 93 -7.19 21.94 0.73
C GLY A 93 -8.57 21.55 1.16
N LEU A 94 -9.29 22.51 1.79
CA LEU A 94 -10.62 22.37 2.36
C LEU A 94 -11.45 23.60 2.03
N GLU A 95 -11.31 24.15 0.78
CA GLU A 95 -11.95 25.34 0.27
C GLU A 95 -13.43 25.18 -0.12
N HIS A 96 -14.27 24.85 0.89
CA HIS A 96 -15.71 24.66 0.80
C HIS A 96 -16.48 25.93 1.15
N ALA A 1 -10.50 -6.28 -6.29
CA ALA A 1 -10.13 -5.42 -5.20
C ALA A 1 -10.08 -6.25 -3.95
N LEU A 2 -10.72 -7.46 -4.00
CA LEU A 2 -10.78 -8.48 -2.95
C LEU A 2 -9.42 -9.13 -2.66
N THR A 3 -9.13 -9.28 -1.35
CA THR A 3 -7.91 -9.76 -0.79
C THR A 3 -7.99 -11.23 -0.52
N LEU A 4 -6.80 -11.74 -0.14
CA LEU A 4 -6.56 -13.06 0.31
C LEU A 4 -6.94 -13.13 1.80
N SER A 5 -8.16 -13.61 2.16
CA SER A 5 -8.71 -13.53 3.55
C SER A 5 -8.83 -12.09 4.16
N LYS A 6 -7.67 -11.52 4.55
CA LYS A 6 -7.38 -10.16 5.00
C LYS A 6 -6.14 -9.71 4.22
N ASP A 7 -6.14 -8.42 3.83
CA ASP A 7 -5.20 -7.61 3.09
C ASP A 7 -4.15 -7.09 4.03
N LEU A 8 -3.15 -6.43 3.43
CA LEU A 8 -2.06 -5.83 4.12
C LEU A 8 -2.50 -4.54 4.90
N THR A 9 -3.46 -3.72 4.41
CA THR A 9 -3.98 -2.55 5.14
C THR A 9 -5.28 -2.21 4.40
N ALA A 10 -6.09 -1.26 4.93
CA ALA A 10 -7.32 -0.73 4.39
C ALA A 10 -7.40 0.80 4.46
N SER A 11 -6.96 1.49 5.56
CA SER A 11 -6.99 2.95 5.62
C SER A 11 -6.38 3.60 6.87
N MET A 12 -5.56 4.71 6.74
CA MET A 12 -5.22 5.58 7.84
C MET A 12 -5.35 7.07 7.39
N SER A 13 -6.27 7.87 8.04
CA SER A 13 -6.39 9.32 7.80
C SER A 13 -5.91 10.04 9.05
N VAL A 14 -4.80 10.77 8.83
CA VAL A 14 -4.02 11.49 9.79
C VAL A 14 -3.35 12.71 9.16
N GLU A 15 -2.67 13.55 10.00
CA GLU A 15 -1.59 14.47 9.63
C GLU A 15 -0.32 13.58 9.36
N GLU A 16 0.62 13.83 8.40
CA GLU A 16 1.77 12.92 8.01
C GLU A 16 2.55 12.28 9.17
N GLY A 17 2.56 10.93 9.07
CA GLY A 17 2.65 9.99 10.17
C GLY A 17 1.47 9.03 10.12
N ALA A 18 1.21 8.44 8.92
CA ALA A 18 0.23 7.36 8.70
C ALA A 18 0.86 5.98 8.86
N ALA A 19 0.01 4.98 9.16
CA ALA A 19 0.41 3.61 9.49
C ALA A 19 0.00 2.64 8.41
N LEU A 20 0.98 2.18 7.60
CA LEU A 20 0.83 1.33 6.42
C LEU A 20 1.56 0.00 6.47
N THR A 21 0.90 -1.18 6.27
CA THR A 21 1.55 -2.50 6.11
C THR A 21 1.35 -2.82 4.65
N LEU A 22 2.44 -3.06 3.87
CA LEU A 22 2.35 -3.47 2.48
C LEU A 22 3.14 -4.77 2.44
N SER A 23 2.47 -5.92 2.13
CA SER A 23 3.17 -7.20 2.25
C SER A 23 2.57 -8.30 1.40
N VAL A 24 3.41 -9.03 0.65
CA VAL A 24 3.15 -10.17 -0.22
C VAL A 24 4.39 -11.03 -0.17
N THR A 25 4.36 -12.23 -0.80
CA THR A 25 5.38 -13.27 -0.75
C THR A 25 6.17 -13.28 -2.08
N ALA A 26 7.55 -13.15 -2.15
CA ALA A 26 8.27 -12.96 -3.44
C ALA A 26 9.59 -13.70 -3.85
N THR A 27 9.57 -14.11 -5.15
CA THR A 27 10.64 -14.63 -6.02
C THR A 27 10.08 -14.32 -7.42
N GLY A 28 10.79 -14.54 -8.57
CA GLY A 28 10.33 -14.21 -9.95
C GLY A 28 9.20 -15.00 -10.58
N GLY A 29 8.09 -15.18 -9.82
CA GLY A 29 6.84 -15.81 -10.23
C GLY A 29 6.81 -17.31 -10.17
N THR A 30 7.70 -17.93 -9.39
CA THR A 30 7.79 -19.39 -9.21
C THR A 30 7.49 -19.67 -7.76
N GLY A 31 6.35 -20.32 -7.34
CA GLY A 31 5.84 -20.48 -5.95
C GLY A 31 5.33 -19.16 -5.38
N PRO A 32 6.14 -18.33 -4.70
CA PRO A 32 5.89 -16.91 -4.40
C PRO A 32 5.88 -15.96 -5.65
N TYR A 33 5.40 -14.70 -5.47
CA TYR A 33 5.01 -13.71 -6.47
C TYR A 33 6.04 -12.67 -7.02
N THR A 34 5.94 -12.29 -8.34
CA THR A 34 6.74 -11.27 -9.04
C THR A 34 5.82 -10.07 -9.10
N TYR A 35 6.31 -8.84 -8.90
CA TYR A 35 5.48 -7.70 -8.52
C TYR A 35 5.59 -6.37 -9.23
N ALA A 36 4.47 -5.61 -9.09
CA ALA A 36 4.28 -4.25 -9.53
C ALA A 36 3.43 -3.54 -8.47
N TRP A 37 3.92 -2.46 -7.80
CA TRP A 37 3.14 -1.74 -6.81
C TRP A 37 2.83 -0.35 -7.38
N THR A 38 1.71 0.31 -6.99
CA THR A 38 1.53 1.77 -7.24
C THR A 38 0.52 2.23 -6.25
N LYS A 39 0.63 3.49 -5.73
CA LYS A 39 -0.37 3.86 -4.76
C LYS A 39 -1.07 5.15 -5.13
N ASP A 40 -2.30 5.03 -5.72
CA ASP A 40 -3.41 5.98 -5.81
C ASP A 40 -3.17 7.41 -5.99
N GLY A 41 -2.36 7.73 -7.04
CA GLY A 41 -1.81 8.99 -7.52
C GLY A 41 -0.42 9.32 -7.03
N SER A 42 0.08 8.46 -6.13
CA SER A 42 1.26 8.55 -5.27
C SER A 42 2.27 7.40 -5.40
N PRO A 43 3.59 7.61 -5.22
CA PRO A 43 4.60 6.53 -5.08
C PRO A 43 4.39 5.55 -3.90
N ILE A 44 5.07 4.41 -4.04
CA ILE A 44 5.18 3.24 -3.20
C ILE A 44 6.41 3.39 -2.30
N PRO A 45 6.56 2.59 -1.23
CA PRO A 45 7.68 2.58 -0.26
C PRO A 45 9.11 2.50 -0.79
N ASP A 46 9.35 1.62 -1.79
CA ASP A 46 10.64 1.37 -2.42
C ASP A 46 10.36 0.74 -3.77
N ALA A 47 9.51 -0.32 -3.75
CA ALA A 47 9.07 -1.17 -4.85
C ALA A 47 9.87 -2.40 -4.89
N SER A 48 9.14 -3.50 -5.20
CA SER A 48 9.68 -4.82 -5.46
C SER A 48 10.26 -5.50 -4.22
N GLY A 49 9.61 -5.23 -3.06
CA GLY A 49 10.19 -5.52 -1.77
C GLY A 49 9.63 -6.64 -1.00
N ALA A 50 8.41 -7.06 -1.35
CA ALA A 50 7.66 -8.15 -0.74
C ALA A 50 6.94 -7.70 0.52
N THR A 51 7.67 -7.46 1.65
CA THR A 51 7.10 -6.98 2.91
C THR A 51 7.84 -5.74 3.46
N TYR A 52 7.20 -4.56 3.29
CA TYR A 52 7.58 -3.24 3.80
C TYR A 52 6.45 -2.56 4.56
N THR A 53 6.76 -1.85 5.68
CA THR A 53 5.79 -1.12 6.47
C THR A 53 6.24 0.34 6.55
N LYS A 54 5.29 1.32 6.42
CA LYS A 54 5.53 2.75 6.66
C LYS A 54 4.83 3.00 8.00
N PRO A 55 5.56 3.19 9.13
CA PRO A 55 5.05 3.44 10.49
C PRO A 55 4.58 4.88 10.66
N THR A 56 5.26 5.78 9.93
CA THR A 56 5.04 7.17 9.80
C THR A 56 5.41 7.36 8.34
N ALA A 57 4.36 7.51 7.51
CA ALA A 57 4.38 7.77 6.10
C ALA A 57 4.23 9.29 5.91
N ALA A 58 5.08 9.91 5.03
CA ALA A 58 5.18 11.34 4.73
C ALA A 58 4.27 11.78 3.58
N ALA A 59 4.30 13.07 3.12
CA ALA A 59 3.39 13.65 2.11
C ALA A 59 3.14 12.89 0.80
N GLU A 60 4.23 12.36 0.15
CA GLU A 60 4.21 11.49 -1.03
C GLU A 60 3.63 10.07 -0.80
N ASP A 61 3.37 9.74 0.48
CA ASP A 61 2.62 8.57 0.96
C ASP A 61 1.10 8.83 0.87
N ALA A 62 0.59 10.13 0.76
CA ALA A 62 -0.85 10.39 0.49
C ALA A 62 -1.47 9.90 -0.88
N GLY A 63 -2.40 8.92 -0.81
CA GLY A 63 -3.18 8.40 -1.94
C GLY A 63 -3.81 7.16 -1.51
N SER A 64 -4.14 6.32 -2.52
CA SER A 64 -4.67 4.99 -2.07
C SER A 64 -3.65 3.95 -2.46
N TYR A 65 -3.25 3.00 -1.59
CA TYR A 65 -2.11 2.14 -1.85
C TYR A 65 -2.50 0.77 -2.44
N LYS A 66 -1.83 0.28 -3.56
CA LYS A 66 -2.27 -0.96 -4.23
C LYS A 66 -1.10 -1.77 -4.75
N VAL A 67 -1.29 -3.13 -4.82
CA VAL A 67 -0.26 -3.98 -5.44
C VAL A 67 -0.80 -5.13 -6.28
N THR A 68 -0.09 -5.44 -7.41
CA THR A 68 -0.31 -6.51 -8.39
C THR A 68 0.88 -7.46 -8.28
N VAL A 69 0.65 -8.77 -7.97
CA VAL A 69 1.66 -9.80 -7.77
C VAL A 69 1.35 -11.11 -8.52
N THR A 70 2.26 -11.66 -9.38
CA THR A 70 2.05 -12.88 -10.21
C THR A 70 2.88 -14.11 -9.84
N ASP A 71 2.28 -15.35 -9.74
CA ASP A 71 3.01 -16.59 -9.41
C ASP A 71 2.77 -17.71 -10.39
N SER A 72 3.31 -18.92 -10.05
CA SER A 72 3.59 -20.17 -10.74
C SER A 72 2.54 -20.88 -11.57
N LYS A 73 1.34 -20.29 -11.73
CA LYS A 73 0.43 -20.76 -12.78
C LYS A 73 0.41 -19.70 -13.87
N GLN A 74 1.28 -18.65 -13.68
CA GLN A 74 1.46 -17.38 -14.39
C GLN A 74 0.25 -16.49 -14.21
N VAL A 75 -0.23 -16.54 -12.94
CA VAL A 75 -1.45 -15.96 -12.43
C VAL A 75 -1.20 -14.85 -11.45
N SER A 76 -1.82 -13.68 -11.70
CA SER A 76 -1.66 -12.46 -10.94
C SER A 76 -2.73 -12.38 -9.84
N LYS A 77 -2.30 -12.02 -8.62
CA LYS A 77 -3.09 -11.80 -7.41
C LYS A 77 -2.85 -10.34 -7.14
N ASP A 78 -3.88 -9.60 -6.69
CA ASP A 78 -3.74 -8.19 -6.45
C ASP A 78 -4.25 -7.95 -5.07
N SER A 79 -3.64 -6.97 -4.37
CA SER A 79 -4.09 -6.55 -3.07
C SER A 79 -4.50 -5.10 -3.07
N THR A 80 -5.60 -4.94 -2.27
CA THR A 80 -6.60 -3.92 -1.99
C THR A 80 -6.06 -2.61 -1.59
N THR A 81 -6.85 -1.56 -1.98
CA THR A 81 -6.59 -0.16 -1.89
C THR A 81 -6.59 0.29 -0.44
N CYS A 82 -5.38 0.65 0.05
CA CYS A 82 -5.16 1.05 1.43
C CYS A 82 -5.21 2.57 1.37
N ALA A 83 -6.26 3.24 1.89
CA ALA A 83 -6.36 4.68 1.71
C ALA A 83 -5.64 5.44 2.83
N VAL A 84 -4.55 6.13 2.41
CA VAL A 84 -3.60 6.80 3.27
C VAL A 84 -3.77 8.26 3.00
N THR A 85 -4.23 9.03 4.03
CA THR A 85 -4.33 10.48 3.89
C THR A 85 -3.45 10.97 4.98
N VAL A 86 -2.45 11.78 4.57
CA VAL A 86 -1.50 12.41 5.42
C VAL A 86 -1.62 13.90 5.11
N ASN A 87 -2.25 14.65 6.05
CA ASN A 87 -2.43 16.10 5.95
C ASN A 87 -1.16 16.84 6.44
N PRO A 88 -0.91 18.10 6.02
CA PRO A 88 -0.10 19.09 6.74
C PRO A 88 -0.90 19.53 7.99
N THR A 89 -0.31 20.22 9.01
CA THR A 89 -1.01 20.53 10.28
C THR A 89 -2.17 21.51 10.01
N VAL A 90 -3.36 21.18 10.57
CA VAL A 90 -4.60 21.08 9.77
C VAL A 90 -5.19 22.36 9.10
N PRO A 91 -5.22 22.37 7.72
CA PRO A 91 -5.79 23.43 6.87
C PRO A 91 -7.31 23.67 7.03
N GLY A 92 -7.78 24.94 6.89
CA GLY A 92 -9.14 25.45 7.10
C GLY A 92 -10.19 25.06 6.08
N GLY A 93 -10.43 23.73 5.97
CA GLY A 93 -11.42 23.08 5.11
C GLY A 93 -12.60 22.62 5.90
N LEU A 94 -12.36 21.92 7.03
CA LEU A 94 -13.34 21.36 7.96
C LEU A 94 -13.77 22.34 9.05
N GLU A 95 -13.05 23.49 9.21
CA GLU A 95 -13.24 24.59 10.17
C GLU A 95 -13.04 24.26 11.67
N HIS A 96 -13.55 23.08 12.08
CA HIS A 96 -13.57 22.50 13.41
C HIS A 96 -12.29 21.74 13.74
N ALA A 1 -14.09 -7.68 -0.01
CA ALA A 1 -13.48 -7.25 1.22
C ALA A 1 -12.80 -8.44 1.88
N LEU A 2 -12.46 -9.46 1.06
CA LEU A 2 -11.73 -10.66 1.45
C LEU A 2 -10.34 -10.50 0.87
N THR A 3 -9.33 -10.45 1.76
CA THR A 3 -7.96 -10.25 1.44
C THR A 3 -7.21 -11.55 1.55
N LEU A 4 -5.92 -11.53 1.14
CA LEU A 4 -5.04 -12.67 1.31
C LEU A 4 -4.57 -12.80 2.78
N SER A 5 -5.23 -13.66 3.59
CA SER A 5 -5.05 -13.75 5.07
C SER A 5 -5.35 -12.44 5.84
N LYS A 6 -4.39 -11.48 5.77
CA LYS A 6 -4.44 -10.08 6.15
C LYS A 6 -3.81 -9.37 4.96
N ASP A 7 -4.39 -8.21 4.62
CA ASP A 7 -4.14 -7.22 3.59
C ASP A 7 -3.05 -6.31 4.10
N LEU A 8 -2.51 -5.40 3.28
CA LEU A 8 -1.50 -4.53 3.82
C LEU A 8 -1.94 -3.40 4.82
N THR A 9 -3.09 -2.75 4.63
CA THR A 9 -3.62 -1.72 5.52
C THR A 9 -4.95 -1.51 4.87
N ALA A 10 -5.89 -0.72 5.44
CA ALA A 10 -7.09 -0.29 4.72
C ALA A 10 -7.10 1.22 4.61
N SER A 11 -6.85 1.99 5.72
CA SER A 11 -6.78 3.45 5.61
C SER A 11 -6.27 4.17 6.86
N MET A 12 -5.31 5.14 6.76
CA MET A 12 -5.04 6.07 7.86
C MET A 12 -5.04 7.48 7.29
N SER A 13 -5.99 8.36 7.70
CA SER A 13 -6.03 9.76 7.26
C SER A 13 -5.66 10.63 8.44
N VAL A 14 -4.51 11.32 8.29
CA VAL A 14 -3.80 12.04 9.33
C VAL A 14 -3.06 13.25 8.77
N GLU A 15 -2.44 14.09 9.64
CA GLU A 15 -1.33 15.02 9.32
C GLU A 15 -0.04 14.15 9.14
N GLU A 16 0.83 14.38 8.11
CA GLU A 16 1.91 13.41 7.68
C GLU A 16 2.76 12.75 8.78
N GLY A 17 2.69 11.41 8.71
CA GLY A 17 3.04 10.48 9.75
C GLY A 17 1.93 9.48 9.88
N ALA A 18 1.52 8.88 8.73
CA ALA A 18 0.54 7.82 8.60
C ALA A 18 1.20 6.48 8.81
N ALA A 19 0.41 5.43 9.12
CA ALA A 19 0.89 4.10 9.49
C ALA A 19 0.55 3.09 8.42
N LEU A 20 1.57 2.79 7.59
CA LEU A 20 1.48 2.03 6.35
C LEU A 20 2.17 0.69 6.35
N THR A 21 1.46 -0.46 6.25
CA THR A 21 2.05 -1.79 6.05
C THR A 21 1.74 -2.12 4.61
N LEU A 22 2.69 -2.69 3.82
CA LEU A 22 2.54 -3.07 2.42
C LEU A 22 2.94 -4.56 2.40
N SER A 23 2.02 -5.53 2.06
CA SER A 23 2.40 -6.95 2.25
C SER A 23 1.79 -8.01 1.32
N VAL A 24 2.66 -8.89 0.77
CA VAL A 24 2.42 -10.07 -0.08
C VAL A 24 3.54 -11.08 0.22
N THR A 25 3.51 -12.34 -0.29
CA THR A 25 4.60 -13.33 -0.12
C THR A 25 5.30 -13.39 -1.48
N ALA A 26 6.67 -13.44 -1.58
CA ALA A 26 7.36 -13.33 -2.87
C ALA A 26 8.57 -14.22 -3.18
N THR A 27 8.61 -14.60 -4.48
CA THR A 27 9.55 -15.39 -5.29
C THR A 27 9.26 -14.91 -6.72
N GLY A 28 10.00 -15.31 -7.80
CA GLY A 28 9.75 -14.91 -9.21
C GLY A 28 8.57 -15.55 -9.94
N GLY A 29 7.40 -15.60 -9.23
CA GLY A 29 6.12 -16.18 -9.66
C GLY A 29 6.09 -17.68 -9.52
N THR A 30 6.94 -18.20 -8.62
CA THR A 30 7.19 -19.62 -8.37
C THR A 30 6.75 -19.92 -6.96
N GLY A 31 5.66 -20.70 -6.72
CA GLY A 31 4.88 -20.75 -5.45
C GLY A 31 4.16 -19.41 -5.22
N PRO A 32 4.68 -18.52 -4.31
CA PRO A 32 4.45 -17.07 -4.18
C PRO A 32 4.84 -16.15 -5.39
N TYR A 33 4.38 -14.87 -5.27
CA TYR A 33 4.25 -13.81 -6.25
C TYR A 33 5.43 -12.89 -6.69
N THR A 34 5.49 -12.52 -8.02
CA THR A 34 6.44 -11.56 -8.64
C THR A 34 5.64 -10.30 -8.83
N TYR A 35 6.23 -9.11 -8.61
CA TYR A 35 5.44 -7.89 -8.39
C TYR A 35 5.74 -6.56 -9.07
N ALA A 36 4.70 -5.70 -9.02
CA ALA A 36 4.65 -4.33 -9.50
C ALA A 36 3.79 -3.55 -8.50
N TRP A 37 4.34 -2.47 -7.87
CA TRP A 37 3.73 -1.67 -6.83
C TRP A 37 3.43 -0.26 -7.32
N THR A 38 2.25 0.31 -6.98
CA THR A 38 1.94 1.73 -7.26
C THR A 38 1.03 2.21 -6.19
N LYS A 39 0.78 3.52 -6.14
CA LYS A 39 -0.13 3.99 -5.16
C LYS A 39 -0.84 5.14 -5.79
N ASP A 40 -2.14 5.02 -6.23
CA ASP A 40 -3.14 6.11 -6.09
C ASP A 40 -2.78 7.54 -6.20
N GLY A 41 -2.10 7.86 -7.35
CA GLY A 41 -1.46 9.11 -7.81
C GLY A 41 -0.07 9.45 -7.29
N SER A 42 0.52 8.60 -6.42
CA SER A 42 1.75 8.78 -5.66
C SER A 42 2.86 7.71 -5.78
N PRO A 43 4.20 8.03 -5.74
CA PRO A 43 5.34 7.06 -5.72
C PRO A 43 5.41 6.16 -4.46
N ILE A 44 5.68 4.84 -4.57
CA ILE A 44 5.81 3.90 -3.46
C ILE A 44 7.21 3.81 -2.81
N PRO A 45 7.41 3.20 -1.60
CA PRO A 45 8.71 2.98 -0.97
C PRO A 45 9.61 1.97 -1.69
N ASP A 46 10.32 2.40 -2.76
CA ASP A 46 11.29 1.64 -3.56
C ASP A 46 10.67 0.62 -4.52
N ALA A 47 9.94 -0.38 -3.95
CA ALA A 47 9.24 -1.47 -4.59
C ALA A 47 10.11 -2.64 -4.88
N SER A 48 9.42 -3.78 -5.13
CA SER A 48 10.01 -5.06 -5.46
C SER A 48 10.54 -5.76 -4.22
N GLY A 49 9.64 -5.88 -3.21
CA GLY A 49 9.94 -6.31 -1.86
C GLY A 49 9.21 -7.51 -1.36
N ALA A 50 8.00 -7.30 -0.80
CA ALA A 50 7.08 -8.34 -0.28
C ALA A 50 6.35 -7.84 0.95
N THR A 51 6.99 -7.77 2.14
CA THR A 51 6.38 -7.28 3.38
C THR A 51 7.24 -6.16 4.00
N TYR A 52 6.86 -4.91 3.63
CA TYR A 52 7.52 -3.66 4.01
C TYR A 52 6.53 -2.71 4.64
N THR A 53 6.95 -1.98 5.71
CA THR A 53 6.10 -1.05 6.44
C THR A 53 6.79 0.27 6.56
N LYS A 54 6.00 1.37 6.41
CA LYS A 54 6.32 2.77 6.54
C LYS A 54 5.58 3.24 7.79
N PRO A 55 6.28 3.43 8.93
CA PRO A 55 5.68 3.80 10.23
C PRO A 55 5.18 5.25 10.29
N THR A 56 5.86 6.18 9.58
CA THR A 56 5.51 7.58 9.49
C THR A 56 5.68 7.94 8.03
N ALA A 57 4.55 8.00 7.30
CA ALA A 57 4.50 8.38 5.90
C ALA A 57 4.26 9.87 5.68
N ALA A 58 5.19 10.53 4.92
CA ALA A 58 5.19 11.92 4.48
C ALA A 58 4.58 12.00 3.08
N ALA A 59 4.49 13.19 2.40
CA ALA A 59 3.80 13.38 1.10
C ALA A 59 4.10 12.37 -0.05
N GLU A 60 5.39 12.16 -0.41
CA GLU A 60 5.94 11.17 -1.34
C GLU A 60 5.81 9.70 -0.89
N ASP A 61 5.19 9.50 0.30
CA ASP A 61 4.82 8.26 0.96
C ASP A 61 3.29 8.13 1.10
N ALA A 62 2.43 9.21 0.99
CA ALA A 62 0.94 9.07 1.02
C ALA A 62 0.19 8.96 -0.34
N GLY A 63 -1.11 8.51 -0.36
CA GLY A 63 -2.00 8.29 -1.56
C GLY A 63 -2.90 7.15 -1.30
N SER A 64 -3.40 6.50 -2.42
CA SER A 64 -3.99 5.16 -2.08
C SER A 64 -3.07 4.11 -2.65
N TYR A 65 -2.65 3.08 -1.88
CA TYR A 65 -1.58 2.12 -2.22
C TYR A 65 -2.15 0.86 -2.81
N LYS A 66 -1.58 0.33 -3.93
CA LYS A 66 -2.12 -0.84 -4.61
C LYS A 66 -1.00 -1.66 -5.17
N VAL A 67 -1.23 -2.99 -5.30
CA VAL A 67 -0.13 -3.80 -5.88
C VAL A 67 -0.66 -4.86 -6.81
N THR A 68 0.09 -5.12 -7.93
CA THR A 68 -0.12 -6.13 -8.98
C THR A 68 0.91 -7.20 -8.75
N VAL A 69 0.45 -8.45 -8.50
CA VAL A 69 1.30 -9.57 -8.12
C VAL A 69 0.98 -10.87 -8.89
N THR A 70 1.96 -11.52 -9.60
CA THR A 70 1.75 -12.78 -10.36
C THR A 70 2.40 -14.00 -9.75
N ASP A 71 1.67 -15.15 -9.61
CA ASP A 71 2.28 -16.40 -9.12
C ASP A 71 2.02 -17.59 -9.99
N SER A 72 2.40 -18.76 -9.45
CA SER A 72 2.62 -20.12 -9.94
C SER A 72 1.62 -20.81 -10.80
N LYS A 73 0.51 -20.12 -11.19
CA LYS A 73 -0.28 -20.64 -12.33
C LYS A 73 0.00 -19.74 -13.55
N GLN A 74 0.94 -18.75 -13.34
CA GLN A 74 1.38 -17.61 -14.15
C GLN A 74 0.26 -16.59 -14.28
N VAL A 75 -0.42 -16.44 -13.11
CA VAL A 75 -1.65 -15.70 -12.87
C VAL A 75 -1.43 -14.51 -12.01
N SER A 76 -1.85 -13.31 -12.48
CA SER A 76 -1.69 -12.04 -11.79
C SER A 76 -2.90 -11.75 -10.93
N LYS A 77 -2.66 -11.40 -9.66
CA LYS A 77 -3.59 -11.04 -8.61
C LYS A 77 -3.21 -9.61 -8.27
N ASP A 78 -4.11 -8.82 -7.65
CA ASP A 78 -3.77 -7.48 -7.21
C ASP A 78 -4.23 -7.41 -5.77
N SER A 79 -3.53 -6.65 -4.89
CA SER A 79 -3.90 -6.46 -3.50
C SER A 79 -4.21 -5.01 -3.25
N THR A 80 -5.15 -4.86 -2.24
CA THR A 80 -6.07 -3.81 -1.85
C THR A 80 -5.53 -2.44 -1.60
N THR A 81 -6.39 -1.43 -1.89
CA THR A 81 -6.15 -0.01 -1.82
C THR A 81 -6.02 0.43 -0.36
N CYS A 82 -4.79 0.83 0.03
CA CYS A 82 -4.49 1.28 1.39
C CYS A 82 -4.55 2.79 1.28
N ALA A 83 -5.59 3.45 1.86
CA ALA A 83 -5.78 4.89 1.69
C ALA A 83 -5.17 5.65 2.86
N VAL A 84 -4.03 6.33 2.59
CA VAL A 84 -3.26 7.04 3.58
C VAL A 84 -3.23 8.46 3.15
N THR A 85 -3.76 9.35 4.04
CA THR A 85 -3.94 10.78 3.76
C THR A 85 -2.98 11.52 4.66
N VAL A 86 -2.26 12.54 4.13
CA VAL A 86 -1.30 13.33 4.86
C VAL A 86 -1.53 14.82 4.72
N ASN A 87 -2.10 15.42 5.79
CA ASN A 87 -2.35 16.85 5.92
C ASN A 87 -1.07 17.56 6.46
N PRO A 88 -0.99 18.92 6.28
CA PRO A 88 -0.24 19.88 7.10
C PRO A 88 -0.91 19.98 8.49
N THR A 89 -0.32 20.58 9.57
CA THR A 89 -0.93 20.58 10.92
C THR A 89 -2.21 21.44 10.92
N VAL A 90 -3.27 20.83 11.50
CA VAL A 90 -4.55 20.66 10.80
C VAL A 90 -5.42 21.88 10.43
N PRO A 91 -5.56 22.19 9.08
CA PRO A 91 -6.48 23.17 8.51
C PRO A 91 -7.97 22.86 8.74
N GLY A 92 -8.83 23.91 8.89
CA GLY A 92 -10.28 23.86 9.19
C GLY A 92 -11.21 23.33 8.12
N GLY A 93 -10.86 22.17 7.53
CA GLY A 93 -11.59 21.43 6.51
C GLY A 93 -12.26 20.23 7.12
N LEU A 94 -12.70 20.38 8.39
CA LEU A 94 -13.32 19.39 9.24
C LEU A 94 -14.62 19.93 9.81
N GLU A 95 -15.37 20.73 9.02
CA GLU A 95 -16.61 21.43 9.37
C GLU A 95 -17.88 20.57 9.48
N HIS A 96 -17.89 19.65 10.48
CA HIS A 96 -18.99 18.75 10.80
C HIS A 96 -19.67 19.22 12.08
N ALA A 1 -15.69 -8.09 5.41
CA ALA A 1 -15.09 -8.42 6.67
C ALA A 1 -14.00 -9.44 6.46
N LEU A 2 -13.99 -10.09 5.27
CA LEU A 2 -13.03 -11.09 4.83
C LEU A 2 -12.13 -10.48 3.77
N THR A 3 -10.79 -10.48 4.03
CA THR A 3 -9.73 -10.03 3.16
C THR A 3 -9.16 -11.20 2.37
N LEU A 4 -8.25 -10.95 1.40
CA LEU A 4 -7.61 -12.06 0.69
C LEU A 4 -6.49 -12.67 1.56
N SER A 5 -6.74 -13.79 2.29
CA SER A 5 -5.84 -14.29 3.36
C SER A 5 -5.54 -13.30 4.53
N LYS A 6 -4.70 -12.27 4.23
CA LYS A 6 -4.34 -11.11 5.00
C LYS A 6 -4.45 -9.89 4.08
N ASP A 7 -4.98 -8.72 4.58
CA ASP A 7 -5.00 -7.44 3.82
C ASP A 7 -3.63 -6.82 4.04
N LEU A 8 -2.91 -6.14 3.10
CA LEU A 8 -1.57 -5.64 3.44
C LEU A 8 -1.61 -4.47 4.41
N THR A 9 -2.71 -3.73 4.37
CA THR A 9 -3.22 -2.69 5.26
C THR A 9 -4.61 -2.46 4.68
N ALA A 10 -5.43 -1.59 5.32
CA ALA A 10 -6.68 -1.07 4.83
C ALA A 10 -6.68 0.47 4.72
N SER A 11 -6.54 1.28 5.79
CA SER A 11 -6.65 2.75 5.63
C SER A 11 -6.48 3.62 6.88
N MET A 12 -5.54 4.63 6.91
CA MET A 12 -5.46 5.67 7.96
C MET A 12 -5.61 7.11 7.41
N SER A 13 -6.44 7.96 8.08
CA SER A 13 -6.57 9.39 7.73
C SER A 13 -6.03 10.21 8.89
N VAL A 14 -4.93 10.94 8.59
CA VAL A 14 -4.09 11.60 9.55
C VAL A 14 -3.41 12.87 9.01
N GLU A 15 -2.71 13.62 9.90
CA GLU A 15 -1.69 14.63 9.61
C GLU A 15 -0.38 13.83 9.35
N GLU A 16 0.44 14.04 8.26
CA GLU A 16 1.47 13.06 7.76
C GLU A 16 2.35 12.33 8.78
N GLY A 17 2.23 11.00 8.68
CA GLY A 17 2.66 10.04 9.67
C GLY A 17 1.62 8.98 9.91
N ALA A 18 1.16 8.29 8.83
CA ALA A 18 0.25 7.16 8.90
C ALA A 18 0.99 5.84 9.11
N ALA A 19 0.26 4.72 9.35
CA ALA A 19 0.83 3.37 9.55
C ALA A 19 0.46 2.49 8.37
N LEU A 20 1.41 2.29 7.42
CA LEU A 20 1.21 1.62 6.13
C LEU A 20 2.13 0.43 5.99
N THR A 21 1.58 -0.82 5.95
CA THR A 21 2.38 -2.03 5.80
C THR A 21 2.01 -2.58 4.46
N LEU A 22 3.01 -3.04 3.70
CA LEU A 22 2.81 -3.54 2.35
C LEU A 22 3.45 -4.91 2.39
N SER A 23 2.62 -5.95 2.19
CA SER A 23 3.11 -7.30 2.45
C SER A 23 2.40 -8.33 1.62
N VAL A 24 3.23 -9.20 1.01
CA VAL A 24 2.98 -10.32 0.11
C VAL A 24 4.10 -11.33 0.34
N THR A 25 4.06 -12.52 -0.31
CA THR A 25 5.05 -13.61 -0.27
C THR A 25 5.85 -13.54 -1.60
N ALA A 26 7.20 -13.76 -1.68
CA ALA A 26 7.94 -13.56 -2.96
C ALA A 26 9.08 -14.49 -3.41
N THR A 27 9.06 -14.66 -4.77
CA THR A 27 9.91 -15.40 -5.71
C THR A 27 9.70 -14.68 -7.04
N GLY A 28 10.43 -15.08 -8.13
CA GLY A 28 10.18 -14.69 -9.53
C GLY A 28 8.96 -15.30 -10.22
N GLY A 29 7.83 -15.39 -9.47
CA GLY A 29 6.50 -15.83 -9.90
C GLY A 29 6.26 -17.31 -9.88
N THR A 30 6.92 -18.05 -8.97
CA THR A 30 6.71 -19.49 -8.76
C THR A 30 6.19 -19.70 -7.36
N GLY A 31 4.91 -20.12 -7.04
CA GLY A 31 4.29 -20.30 -5.70
C GLY A 31 4.00 -18.94 -5.08
N PRO A 32 4.97 -18.34 -4.37
CA PRO A 32 5.07 -16.91 -4.08
C PRO A 32 5.17 -15.98 -5.34
N TYR A 33 5.01 -14.64 -5.14
CA TYR A 33 4.75 -13.67 -6.20
C TYR A 33 5.87 -12.72 -6.66
N THR A 34 5.89 -12.38 -7.99
CA THR A 34 6.77 -11.40 -8.69
C THR A 34 5.87 -10.21 -8.90
N TYR A 35 6.39 -8.97 -8.75
CA TYR A 35 5.54 -7.81 -8.52
C TYR A 35 5.81 -6.47 -9.17
N ALA A 36 4.72 -5.67 -9.17
CA ALA A 36 4.59 -4.31 -9.61
C ALA A 36 3.78 -3.59 -8.55
N TRP A 37 4.35 -2.52 -7.91
CA TRP A 37 3.75 -1.76 -6.85
C TRP A 37 3.40 -0.35 -7.29
N THR A 38 2.16 0.13 -6.99
CA THR A 38 1.81 1.53 -7.25
C THR A 38 0.90 1.98 -6.16
N LYS A 39 0.64 3.28 -6.09
CA LYS A 39 -0.25 3.75 -5.11
C LYS A 39 -1.01 4.84 -5.77
N ASP A 40 -2.32 4.67 -6.17
CA ASP A 40 -3.33 5.74 -6.03
C ASP A 40 -3.03 7.17 -6.18
N GLY A 41 -2.40 7.49 -7.38
CA GLY A 41 -1.80 8.73 -7.90
C GLY A 41 -0.36 9.07 -7.53
N SER A 42 0.24 8.34 -6.56
CA SER A 42 1.48 8.56 -5.83
C SER A 42 2.60 7.47 -5.81
N PRO A 43 3.92 7.80 -5.76
CA PRO A 43 5.07 6.84 -5.68
C PRO A 43 5.17 5.96 -4.40
N ILE A 44 5.53 4.65 -4.51
CA ILE A 44 5.68 3.74 -3.37
C ILE A 44 7.09 3.69 -2.72
N PRO A 45 7.32 3.15 -1.50
CA PRO A 45 8.64 3.04 -0.86
C PRO A 45 9.57 1.99 -1.48
N ASP A 46 10.29 2.33 -2.57
CA ASP A 46 11.29 1.51 -3.26
C ASP A 46 10.74 0.36 -4.11
N ALA A 47 10.00 -0.60 -3.47
CA ALA A 47 9.30 -1.75 -3.99
C ALA A 47 10.17 -2.92 -4.30
N SER A 48 9.47 -4.01 -4.71
CA SER A 48 10.07 -5.24 -5.21
C SER A 48 10.69 -6.12 -4.14
N GLY A 49 9.89 -6.75 -3.26
CA GLY A 49 10.48 -7.47 -2.13
C GLY A 49 9.74 -8.60 -1.50
N ALA A 50 8.48 -8.33 -1.10
CA ALA A 50 7.58 -9.22 -0.38
C ALA A 50 6.99 -8.44 0.78
N THR A 51 7.78 -8.03 1.80
CA THR A 51 7.24 -7.35 2.98
C THR A 51 8.08 -6.15 3.45
N TYR A 52 7.50 -4.92 3.24
CA TYR A 52 8.02 -3.61 3.61
C TYR A 52 6.99 -2.79 4.40
N THR A 53 7.40 -2.04 5.45
CA THR A 53 6.50 -1.20 6.26
C THR A 53 7.03 0.20 6.40
N LYS A 54 6.11 1.20 6.32
CA LYS A 54 6.27 2.62 6.53
C LYS A 54 5.48 2.95 7.83
N PRO A 55 6.15 3.19 8.98
CA PRO A 55 5.54 3.60 10.25
C PRO A 55 5.12 5.07 10.26
N THR A 56 5.54 5.89 9.27
CA THR A 56 5.22 7.29 9.20
C THR A 56 5.38 7.64 7.74
N ALA A 57 4.24 7.83 7.03
CA ALA A 57 4.20 8.24 5.63
C ALA A 57 4.05 9.76 5.46
N ALA A 58 5.05 10.43 4.82
CA ALA A 58 5.05 11.84 4.40
C ALA A 58 4.37 11.96 3.04
N ALA A 59 4.27 13.16 2.37
CA ALA A 59 3.55 13.38 1.10
C ALA A 59 3.82 12.37 -0.05
N GLU A 60 5.11 12.17 -0.42
CA GLU A 60 5.67 11.19 -1.37
C GLU A 60 5.53 9.71 -0.94
N ASP A 61 4.92 9.49 0.23
CA ASP A 61 4.58 8.23 0.87
C ASP A 61 3.05 8.08 1.02
N ALA A 62 2.18 9.16 0.95
CA ALA A 62 0.69 9.01 1.02
C ALA A 62 -0.07 8.85 -0.33
N GLY A 63 -1.36 8.38 -0.32
CA GLY A 63 -2.24 8.10 -1.49
C GLY A 63 -3.04 6.91 -1.23
N SER A 64 -3.48 6.20 -2.32
CA SER A 64 -4.00 4.84 -1.93
C SER A 64 -3.06 3.79 -2.53
N TYR A 65 -2.60 2.73 -1.79
CA TYR A 65 -1.57 1.77 -2.21
C TYR A 65 -2.18 0.52 -2.79
N LYS A 66 -1.66 0.00 -3.94
CA LYS A 66 -2.23 -1.16 -4.64
C LYS A 66 -1.10 -1.94 -5.26
N VAL A 67 -1.27 -3.31 -5.32
CA VAL A 67 -0.17 -4.12 -5.88
C VAL A 67 -0.65 -5.23 -6.79
N THR A 68 0.08 -5.41 -7.94
CA THR A 68 -0.07 -6.42 -9.00
C THR A 68 1.03 -7.43 -8.77
N VAL A 69 0.65 -8.67 -8.41
CA VAL A 69 1.53 -9.74 -7.97
C VAL A 69 1.25 -11.00 -8.75
N THR A 70 2.24 -11.55 -9.50
CA THR A 70 2.05 -12.75 -10.35
C THR A 70 2.69 -14.00 -9.77
N ASP A 71 1.97 -15.17 -9.75
CA ASP A 71 2.52 -16.49 -9.32
C ASP A 71 2.31 -17.55 -10.35
N SER A 72 2.80 -18.79 -10.04
CA SER A 72 3.00 -20.07 -10.72
C SER A 72 1.87 -20.68 -11.51
N LYS A 73 0.71 -19.98 -11.60
CA LYS A 73 -0.30 -20.37 -12.59
C LYS A 73 -0.18 -19.39 -13.77
N GLN A 74 0.86 -18.49 -13.66
CA GLN A 74 1.28 -17.32 -14.43
C GLN A 74 0.25 -16.21 -14.42
N VAL A 75 -0.32 -16.08 -13.20
CA VAL A 75 -1.49 -15.25 -12.89
C VAL A 75 -1.15 -14.13 -12.01
N SER A 76 -1.54 -12.89 -12.42
CA SER A 76 -1.31 -11.64 -11.75
C SER A 76 -2.52 -11.40 -10.85
N LYS A 77 -2.32 -11.23 -9.53
CA LYS A 77 -3.32 -11.11 -8.49
C LYS A 77 -3.13 -9.73 -7.94
N ASP A 78 -4.16 -9.15 -7.29
CA ASP A 78 -4.06 -7.80 -6.80
C ASP A 78 -4.38 -7.80 -5.34
N SER A 79 -3.60 -6.97 -4.60
CA SER A 79 -3.83 -6.73 -3.20
C SER A 79 -4.16 -5.26 -3.06
N THR A 80 -5.11 -5.09 -2.10
CA THR A 80 -6.09 -4.09 -1.69
C THR A 80 -5.61 -2.70 -1.45
N THR A 81 -6.50 -1.71 -1.73
CA THR A 81 -6.21 -0.30 -1.62
C THR A 81 -6.01 0.14 -0.17
N CYS A 82 -4.72 0.47 0.15
CA CYS A 82 -4.35 0.89 1.51
C CYS A 82 -4.40 2.39 1.41
N ALA A 83 -5.41 3.01 2.04
CA ALA A 83 -5.65 4.44 1.89
C ALA A 83 -5.05 5.23 3.03
N VAL A 84 -4.03 6.04 2.71
CA VAL A 84 -3.33 6.84 3.69
C VAL A 84 -3.46 8.26 3.23
N THR A 85 -4.16 9.09 4.07
CA THR A 85 -4.39 10.51 3.75
C THR A 85 -3.57 11.27 4.75
N VAL A 86 -2.74 12.21 4.25
CA VAL A 86 -1.82 12.98 5.03
C VAL A 86 -2.05 14.45 4.87
N ASN A 87 -2.60 15.07 5.93
CA ASN A 87 -2.82 16.50 6.02
C ASN A 87 -1.52 17.18 6.53
N PRO A 88 -1.34 18.49 6.22
CA PRO A 88 -0.53 19.48 6.96
C PRO A 88 -1.28 19.79 8.27
N THR A 89 -0.69 20.45 9.31
CA THR A 89 -1.35 20.62 10.63
C THR A 89 -2.57 21.55 10.48
N VAL A 90 -3.71 21.10 11.07
CA VAL A 90 -4.99 21.00 10.35
C VAL A 90 -5.66 22.31 9.83
N PRO A 91 -5.96 22.36 8.48
CA PRO A 91 -6.57 23.50 7.77
C PRO A 91 -8.00 23.87 8.24
N GLY A 92 -8.44 25.15 8.05
CA GLY A 92 -9.74 25.72 8.47
C GLY A 92 -10.99 25.25 7.76
N GLY A 93 -11.15 23.90 7.67
CA GLY A 93 -12.26 23.18 7.05
C GLY A 93 -13.08 22.48 8.10
N LEU A 94 -13.16 23.10 9.30
CA LEU A 94 -13.94 22.67 10.46
C LEU A 94 -14.93 23.80 10.75
N GLU A 95 -15.57 24.35 9.67
CA GLU A 95 -16.46 25.50 9.61
C GLU A 95 -17.83 25.36 10.28
N HIS A 96 -17.81 24.94 11.57
CA HIS A 96 -18.92 24.70 12.47
C HIS A 96 -19.03 25.85 13.45
N ALA A 1 -14.37 -8.45 1.24
CA ALA A 1 -13.27 -8.80 0.40
C ALA A 1 -12.39 -9.77 1.17
N LEU A 2 -11.68 -10.67 0.44
CA LEU A 2 -10.71 -11.62 0.99
C LEU A 2 -9.32 -11.17 0.58
N THR A 3 -8.43 -10.91 1.56
CA THR A 3 -7.04 -10.52 1.39
C THR A 3 -6.17 -11.69 1.74
N LEU A 4 -4.82 -11.56 1.52
CA LEU A 4 -3.85 -12.55 1.92
C LEU A 4 -3.66 -12.53 3.46
N SER A 5 -4.32 -13.45 4.22
CA SER A 5 -4.40 -13.37 5.71
C SER A 5 -5.05 -12.07 6.28
N LYS A 6 -4.23 -10.98 6.27
CA LYS A 6 -4.45 -9.58 6.57
C LYS A 6 -3.79 -8.82 5.42
N ASP A 7 -4.43 -7.73 4.97
CA ASP A 7 -4.12 -6.77 3.91
C ASP A 7 -3.14 -5.72 4.42
N LEU A 8 -2.60 -4.87 3.54
CA LEU A 8 -1.55 -3.95 3.84
C LEU A 8 -1.96 -2.75 4.75
N THR A 9 -3.23 -2.29 4.75
CA THR A 9 -3.83 -1.44 5.79
C THR A 9 -5.25 -1.40 5.27
N ALA A 10 -6.20 -0.67 5.88
CA ALA A 10 -7.44 -0.34 5.21
C ALA A 10 -7.45 1.17 5.01
N SER A 11 -7.26 1.96 6.10
CA SER A 11 -7.21 3.42 6.00
C SER A 11 -6.72 4.14 7.26
N MET A 12 -5.72 5.08 7.19
CA MET A 12 -5.39 5.98 8.29
C MET A 12 -5.42 7.47 7.83
N SER A 13 -6.25 8.34 8.49
CA SER A 13 -6.21 9.80 8.25
C SER A 13 -5.68 10.44 9.52
N VAL A 14 -4.51 11.07 9.31
CA VAL A 14 -3.67 11.67 10.32
C VAL A 14 -2.91 12.87 9.74
N GLU A 15 -2.16 13.63 10.58
CA GLU A 15 -1.05 14.51 10.21
C GLU A 15 0.17 13.59 9.92
N GLU A 16 1.11 13.84 8.96
CA GLU A 16 2.15 12.84 8.50
C GLU A 16 2.90 12.02 9.58
N GLY A 17 2.74 10.68 9.41
CA GLY A 17 2.85 9.66 10.43
C GLY A 17 1.64 8.74 10.40
N ALA A 18 1.33 8.12 9.23
CA ALA A 18 0.30 7.10 9.05
C ALA A 18 0.88 5.69 9.19
N ALA A 19 0.03 4.66 9.37
CA ALA A 19 0.46 3.27 9.65
C ALA A 19 0.23 2.32 8.48
N LEU A 20 1.33 2.04 7.75
CA LEU A 20 1.35 1.25 6.54
C LEU A 20 2.20 0.03 6.68
N THR A 21 1.67 -1.17 6.39
CA THR A 21 2.50 -2.37 6.25
C THR A 21 2.34 -2.76 4.82
N LEU A 22 3.36 -2.76 3.93
CA LEU A 22 3.11 -3.29 2.61
C LEU A 22 3.85 -4.62 2.63
N SER A 23 3.07 -5.71 2.60
CA SER A 23 3.62 -7.04 2.73
C SER A 23 2.83 -8.04 1.91
N VAL A 24 3.57 -8.84 1.13
CA VAL A 24 3.22 -9.94 0.22
C VAL A 24 4.44 -10.85 0.28
N THR A 25 4.46 -12.06 -0.36
CA THR A 25 5.63 -12.97 -0.42
C THR A 25 6.19 -12.88 -1.85
N ALA A 26 7.55 -12.88 -2.11
CA ALA A 26 8.09 -12.67 -3.47
C ALA A 26 9.30 -13.49 -3.98
N THR A 27 9.18 -13.80 -5.30
CA THR A 27 10.02 -14.54 -6.27
C THR A 27 9.55 -13.98 -7.63
N GLY A 28 10.18 -14.36 -8.79
CA GLY A 28 9.75 -14.01 -10.17
C GLY A 28 8.50 -14.68 -10.72
N GLY A 29 7.48 -14.86 -9.85
CA GLY A 29 6.15 -15.43 -10.09
C GLY A 29 6.12 -16.93 -10.05
N THR A 30 7.05 -17.55 -9.30
CA THR A 30 7.18 -19.00 -9.11
C THR A 30 6.96 -19.29 -7.63
N GLY A 31 5.84 -19.93 -7.16
CA GLY A 31 5.37 -20.08 -5.76
C GLY A 31 4.83 -18.73 -5.21
N PRO A 32 5.66 -17.90 -4.57
CA PRO A 32 5.49 -16.46 -4.33
C PRO A 32 5.35 -15.53 -5.58
N TYR A 33 4.97 -14.26 -5.35
CA TYR A 33 4.55 -13.28 -6.35
C TYR A 33 5.59 -12.28 -6.92
N THR A 34 5.45 -11.90 -8.25
CA THR A 34 6.25 -10.88 -8.99
C THR A 34 5.35 -9.67 -9.04
N TYR A 35 5.88 -8.44 -8.88
CA TYR A 35 5.06 -7.30 -8.46
C TYR A 35 5.14 -5.90 -9.11
N ALA A 36 3.92 -5.31 -9.25
CA ALA A 36 3.67 -3.97 -9.73
C ALA A 36 2.81 -3.26 -8.69
N TRP A 37 3.41 -2.25 -8.00
CA TRP A 37 2.83 -1.49 -6.93
C TRP A 37 2.62 -0.04 -7.34
N THR A 38 1.53 0.62 -6.86
CA THR A 38 1.46 2.10 -6.93
C THR A 38 0.49 2.56 -5.90
N LYS A 39 0.59 3.83 -5.41
CA LYS A 39 -0.43 4.25 -4.48
C LYS A 39 -1.10 5.55 -4.85
N ASP A 40 -2.35 5.45 -5.41
CA ASP A 40 -3.44 6.43 -5.39
C ASP A 40 -3.16 7.85 -5.48
N GLY A 41 -2.42 8.22 -6.57
CA GLY A 41 -1.86 9.50 -7.01
C GLY A 41 -0.40 9.74 -6.68
N SER A 42 0.16 8.86 -5.83
CA SER A 42 1.44 8.90 -5.12
C SER A 42 2.40 7.69 -5.33
N PRO A 43 3.75 7.87 -5.27
CA PRO A 43 4.76 6.78 -5.23
C PRO A 43 4.72 5.85 -4.00
N ILE A 44 5.17 4.59 -4.14
CA ILE A 44 5.30 3.61 -3.07
C ILE A 44 6.77 3.57 -2.62
N PRO A 45 7.11 3.10 -1.38
CA PRO A 45 8.43 3.20 -0.75
C PRO A 45 9.58 2.47 -1.45
N ASP A 46 9.63 1.12 -1.32
CA ASP A 46 10.69 0.27 -1.86
C ASP A 46 10.23 -0.45 -3.13
N ALA A 47 8.93 -0.82 -3.17
CA ALA A 47 8.17 -1.43 -4.24
C ALA A 47 8.43 -2.88 -4.42
N SER A 48 9.62 -3.09 -4.94
CA SER A 48 10.30 -4.25 -5.39
C SER A 48 10.95 -4.98 -4.23
N GLY A 49 10.10 -5.65 -3.42
CA GLY A 49 10.61 -6.17 -2.16
C GLY A 49 9.93 -7.25 -1.44
N ALA A 50 8.57 -7.21 -1.37
CA ALA A 50 7.74 -8.20 -0.71
C ALA A 50 7.22 -7.65 0.60
N THR A 51 8.09 -7.33 1.58
CA THR A 51 7.66 -6.87 2.89
C THR A 51 8.46 -5.68 3.43
N TYR A 52 7.90 -4.45 3.22
CA TYR A 52 8.37 -3.16 3.72
C TYR A 52 7.21 -2.48 4.46
N THR A 53 7.44 -1.85 5.62
CA THR A 53 6.38 -1.25 6.42
C THR A 53 6.81 0.13 6.72
N LYS A 54 5.89 1.10 6.51
CA LYS A 54 6.00 2.53 6.68
C LYS A 54 5.20 2.78 7.94
N PRO A 55 5.83 2.81 9.14
CA PRO A 55 5.21 3.10 10.43
C PRO A 55 4.86 4.58 10.55
N THR A 56 5.39 5.39 9.63
CA THR A 56 5.19 6.80 9.61
C THR A 56 5.54 7.23 8.21
N ALA A 57 4.46 7.50 7.44
CA ALA A 57 4.42 8.01 6.09
C ALA A 57 4.46 9.55 6.01
N ALA A 58 5.33 10.12 5.11
CA ALA A 58 5.54 11.53 4.80
C ALA A 58 4.65 11.95 3.62
N ALA A 59 4.64 13.24 3.14
CA ALA A 59 3.75 13.77 2.09
C ALA A 59 3.59 12.99 0.77
N GLU A 60 4.71 12.48 0.18
CA GLU A 60 4.77 11.61 -1.01
C GLU A 60 4.19 10.20 -0.77
N ASP A 61 4.05 9.83 0.53
CA ASP A 61 3.38 8.66 1.08
C ASP A 61 1.82 8.89 1.20
N ALA A 62 1.26 10.16 1.09
CA ALA A 62 -0.22 10.40 0.94
C ALA A 62 -0.93 9.99 -0.41
N GLY A 63 -2.04 9.19 -0.32
CA GLY A 63 -2.93 8.72 -1.40
C GLY A 63 -3.54 7.45 -0.99
N SER A 64 -3.80 6.56 -1.97
CA SER A 64 -4.26 5.22 -1.50
C SER A 64 -3.38 4.14 -2.09
N TYR A 65 -2.99 3.05 -1.37
CA TYR A 65 -2.01 2.04 -1.83
C TYR A 65 -2.67 0.84 -2.46
N LYS A 66 -2.14 0.39 -3.63
CA LYS A 66 -2.72 -0.69 -4.41
C LYS A 66 -1.60 -1.50 -5.00
N VAL A 67 -1.87 -2.83 -5.12
CA VAL A 67 -0.86 -3.71 -5.76
C VAL A 67 -1.44 -4.86 -6.53
N THR A 68 -0.79 -5.14 -7.73
CA THR A 68 -1.05 -6.26 -8.63
C THR A 68 0.22 -7.13 -8.61
N VAL A 69 0.07 -8.40 -8.11
CA VAL A 69 1.12 -9.37 -7.81
C VAL A 69 0.85 -10.73 -8.49
N THR A 70 1.71 -11.21 -9.42
CA THR A 70 1.52 -12.48 -10.19
C THR A 70 2.28 -13.70 -9.68
N ASP A 71 1.65 -14.90 -9.53
CA ASP A 71 2.34 -16.15 -9.17
C ASP A 71 2.06 -17.26 -10.14
N SER A 72 2.62 -18.45 -9.81
CA SER A 72 2.89 -19.71 -10.49
C SER A 72 1.81 -20.43 -11.26
N LYS A 73 0.60 -19.82 -11.36
CA LYS A 73 -0.35 -20.31 -12.38
C LYS A 73 -0.32 -19.30 -13.55
N GLN A 74 0.60 -18.29 -13.43
CA GLN A 74 0.86 -17.08 -14.22
C GLN A 74 -0.30 -16.10 -14.12
N VAL A 75 -0.81 -16.04 -12.86
CA VAL A 75 -2.00 -15.33 -12.45
C VAL A 75 -1.69 -14.18 -11.56
N SER A 76 -2.23 -12.97 -11.85
CA SER A 76 -2.04 -11.71 -11.18
C SER A 76 -3.12 -11.58 -10.11
N LYS A 77 -2.71 -11.36 -8.84
CA LYS A 77 -3.54 -11.31 -7.65
C LYS A 77 -3.39 -9.90 -7.19
N ASP A 78 -4.40 -9.36 -6.48
CA ASP A 78 -4.38 -7.98 -6.08
C ASP A 78 -4.68 -7.80 -4.63
N SER A 79 -4.03 -6.75 -4.07
CA SER A 79 -4.37 -6.26 -2.76
C SER A 79 -4.81 -4.81 -2.90
N THR A 80 -5.80 -4.59 -1.97
CA THR A 80 -6.77 -3.56 -1.60
C THR A 80 -6.19 -2.24 -1.31
N THR A 81 -7.01 -1.20 -1.61
CA THR A 81 -6.73 0.21 -1.52
C THR A 81 -6.61 0.60 -0.05
N CYS A 82 -5.35 0.92 0.34
CA CYS A 82 -5.01 1.24 1.72
C CYS A 82 -4.96 2.75 1.69
N ALA A 83 -5.92 3.46 2.30
CA ALA A 83 -6.01 4.91 2.16
C ALA A 83 -5.28 5.62 3.29
N VAL A 84 -4.18 6.32 2.95
CA VAL A 84 -3.35 6.99 3.95
C VAL A 84 -3.34 8.44 3.55
N THR A 85 -3.87 9.27 4.48
CA THR A 85 -3.92 10.70 4.31
C THR A 85 -3.12 11.17 5.47
N VAL A 86 -2.06 11.94 5.10
CA VAL A 86 -1.12 12.50 5.97
C VAL A 86 -1.17 13.98 5.67
N ASN A 87 -1.79 14.75 6.59
CA ASN A 87 -1.95 16.19 6.54
C ASN A 87 -0.68 16.91 7.05
N PRO A 88 -0.42 18.17 6.65
CA PRO A 88 0.37 19.19 7.37
C PRO A 88 -0.45 19.64 8.60
N THR A 89 0.10 20.34 9.63
CA THR A 89 -0.59 20.66 10.90
C THR A 89 -1.75 21.63 10.62
N VAL A 90 -2.95 21.18 11.08
CA VAL A 90 -4.11 21.06 10.19
C VAL A 90 -4.81 22.28 9.56
N PRO A 91 -4.81 22.36 8.18
CA PRO A 91 -5.57 23.32 7.37
C PRO A 91 -7.11 23.22 7.51
N GLY A 92 -7.81 24.38 7.47
CA GLY A 92 -9.28 24.56 7.61
C GLY A 92 -10.15 24.05 6.48
N GLY A 93 -9.99 22.74 6.19
CA GLY A 93 -10.70 21.95 5.21
C GLY A 93 -11.38 20.83 5.95
N LEU A 94 -11.05 19.55 5.60
CA LEU A 94 -11.59 18.29 6.13
C LEU A 94 -13.04 18.10 5.70
N GLU A 95 -13.31 18.42 4.42
CA GLU A 95 -14.61 18.51 3.76
C GLU A 95 -15.35 17.18 3.53
N HIS A 96 -15.72 16.52 4.65
CA HIS A 96 -16.36 15.23 4.79
C HIS A 96 -17.89 15.28 4.74
#